data_2W10
# 
_entry.id   2W10 
# 
_audit_conform.dict_name       mmcif_pdbx.dic 
_audit_conform.dict_version    5.382 
_audit_conform.dict_location   http://mmcif.pdb.org/dictionaries/ascii/mmcif_pdbx.dic 
# 
loop_
_database_2.database_id 
_database_2.database_code 
_database_2.pdbx_database_accession 
_database_2.pdbx_DOI 
PDB   2W10         pdb_00002w10 10.2210/pdb2w10/pdb 
PDBE  EBI-37759    ?            ?                   
WWPDB D_1290037759 ?            ?                   
# 
loop_
_pdbx_database_related.db_name 
_pdbx_database_related.db_id 
_pdbx_database_related.content_type 
_pdbx_database_related.details 
PDB 2D0N unspecified 
;CRYSTAL STRUCTURE OF THE GADS-CSH3 DOMAIN IN COMPLEX WITHSLP-76 MOTIF PEPTIDE REVEALS A NOVEL DIMERIZATION MODEWITHIN THE SH3 PROTEIN DOMAINS
;
PDB 1R1Q unspecified 
;STRUCTURAL BASIS FOR DIFFERENTIAL RECOGNITION OF TYROSINEPHOSPHORYLATED SITES IN THE LINKER FOR ACTIVATION OF TCELLS (LAT) BY THE ADAPTOR PROTEIN GADS
;
PDB 1H3H unspecified 
'STRUCTURAL BASIS FOR SPECIFIC RECOGNITION OF AN RXXK-CONTAINING SLP-76 PEPTIDE BY THE GADS C-TERMINAL SH3 DOMAIN' 
PDB 1R1S unspecified 
;STRUCTURAL BASIS FOR DIFFERENTIAL RECOGNITION OF TYROSINEPHOSPHORYLATED SITES IN THE LINKER FOR ACTIVATION OF TCELLS (LAT) BY THE ADAPTOR PROTEIN GADS
;
PDB 1OEB unspecified 'MONA/GADS SH3C DOMAIN' 
PDB 1UTI unspecified 'MONA/GADS SH3C IN COMPLEX WITH HPK DERIVED PEPTIDE' 
PDB 1R1P unspecified 
;STRUCTURAL BASIS FOR DIFFERENTIAL RECOGNITION OF TYROSINEPHOSPHORYLATED SITES IN THE LINKER FOR ACTIVATION OF TCELLS (LAT) BY THE ADAPTOR PROTEIN GADS
;
# 
_pdbx_database_status.status_code                     REL 
_pdbx_database_status.entry_id                        2W10 
_pdbx_database_status.deposit_site                    PDBE 
_pdbx_database_status.process_site                    PDBE 
_pdbx_database_status.SG_entry                        . 
_pdbx_database_status.recvd_initial_deposition_date   2008-10-13 
_pdbx_database_status.pdb_format_compatible           Y 
_pdbx_database_status.status_code_sf                  REL 
_pdbx_database_status.status_code_mr                  ? 
_pdbx_database_status.status_code_cs                  ? 
_pdbx_database_status.methods_development_category    ? 
_pdbx_database_status.status_code_nmr_data            ? 
# 
loop_
_audit_author.name 
_audit_author.pdbx_ordinal 
'Harkiolaki, M.' 1 
'Feller, S.M.'   2 
# 
_citation.id                        primary 
_citation.title                     'Distinct Binding Modes of Two Epitopes in Gab2 that Interact with the Sh3C Domain of Grb2.' 
_citation.journal_abbrev            Structure 
_citation.journal_volume            17 
_citation.page_first                809 
_citation.page_last                 ? 
_citation.year                      2009 
_citation.journal_id_ASTM           STRUE6 
_citation.country                   UK 
_citation.journal_id_ISSN           0969-2126 
_citation.journal_id_CSD            2005 
_citation.book_publisher            ? 
_citation.pdbx_database_id_PubMed   19523899 
_citation.pdbx_database_id_DOI      10.1016/J.STR.2009.03.017 
# 
loop_
_citation_author.citation_id 
_citation_author.name 
_citation_author.ordinal 
_citation_author.identifier_ORCID 
primary 'Harkiolaki, M.' 1 ? 
primary 'Tsirka, T.'     2 ? 
primary 'Lewitzky, M.'   3 ? 
primary 'Simister, P.C.' 4 ? 
primary 'Joshi, D.'      5 ? 
primary 'Bird, L.E.'     6 ? 
primary 'Jones, E.Y.'    7 ? 
primary 
;O'Reilly, N.
;
8 ? 
primary 'Feller, S.M.'   9 ? 
# 
_cell.entry_id           2W10 
_cell.length_a           26.137 
_cell.length_b           34.367 
_cell.length_c           36.220 
_cell.angle_alpha        81.08 
_cell.angle_beta         87.05 
_cell.angle_gamma        72.55 
_cell.Z_PDB              2 
_cell.pdbx_unique_axis   ? 
# 
_symmetry.entry_id                         2W10 
_symmetry.space_group_name_H-M             'P 1' 
_symmetry.pdbx_full_space_group_name_H-M   ? 
_symmetry.cell_setting                     ? 
_symmetry.Int_Tables_number                1 
# 
loop_
_entity.id 
_entity.type 
_entity.src_method 
_entity.pdbx_description 
_entity.formula_weight 
_entity.pdbx_number_of_molecules 
_entity.pdbx_ec 
_entity.pdbx_mutation 
_entity.pdbx_fragment 
_entity.details 
1 polymer     man 'GRB2-RELATED ADAPTOR PROTEIN 2'                    7088.970 2   ?        ? 'SH3 2, RESIDUES 265-322' ? 
2 polymer     syn 'TYROSINE-PROTEIN PHOSPHATASE NON-RECEPTOR TYPE 23' 1285.575 2   3.1.3.48 ? 
'SH3 BINDING REGION, RESIDUES 719-730' ? 
3 non-polymer syn 'PHOSPHATE ION'                                     94.971   2   ?        ? ? ? 
4 water       nat water                                               18.015   135 ?        ? ? ? 
# 
loop_
_entity_name_com.entity_id 
_entity_name_com.name 
1 
;MONA SH3C, GADS PROTEIN, GROWTH FACTOR RECEPTOR BINDING PROTEIN, GRB-2-LIKE PROTEIN, GRB2L, HEMATOPOIETIC CELL-ASSOCIATED ADAPTOR PROTEIN GRPL, GRB-2-RELATED MONOCYTIC ADAPTER PROTEIN, MONOCYTIC ADAPTER, MONA, ADAPTER PROTEIN GRID
;
2 HD-PTP 
# 
loop_
_entity_poly.entity_id 
_entity_poly.type 
_entity_poly.nstd_linkage 
_entity_poly.nstd_monomer 
_entity_poly.pdbx_seq_one_letter_code 
_entity_poly.pdbx_seq_one_letter_code_can 
_entity_poly.pdbx_strand_id 
_entity_poly.pdbx_target_identifier 
1 'polypeptide(L)' no no PLGSVRWARALYDFEALEEDELGFRSGEVVEVLDSSNPSWWTGRLHNKLGLFPANYVAPMMR 
PLGSVRWARALYDFEALEEDELGFRSGEVVEVLDSSNPSWWTGRLHNKLGLFPANYVAPMMR A,B ? 
2 'polypeptide(L)' no no PPPRPTAPKPLL                                                   PPPRPTAPKPLL C,D ? 
# 
loop_
_entity_poly_seq.entity_id 
_entity_poly_seq.num 
_entity_poly_seq.mon_id 
_entity_poly_seq.hetero 
1 1  PRO n 
1 2  LEU n 
1 3  GLY n 
1 4  SER n 
1 5  VAL n 
1 6  ARG n 
1 7  TRP n 
1 8  ALA n 
1 9  ARG n 
1 10 ALA n 
1 11 LEU n 
1 12 TYR n 
1 13 ASP n 
1 14 PHE n 
1 15 GLU n 
1 16 ALA n 
1 17 LEU n 
1 18 GLU n 
1 19 GLU n 
1 20 ASP n 
1 21 GLU n 
1 22 LEU n 
1 23 GLY n 
1 24 PHE n 
1 25 ARG n 
1 26 SER n 
1 27 GLY n 
1 28 GLU n 
1 29 VAL n 
1 30 VAL n 
1 31 GLU n 
1 32 VAL n 
1 33 LEU n 
1 34 ASP n 
1 35 SER n 
1 36 SER n 
1 37 ASN n 
1 38 PRO n 
1 39 SER n 
1 40 TRP n 
1 41 TRP n 
1 42 THR n 
1 43 GLY n 
1 44 ARG n 
1 45 LEU n 
1 46 HIS n 
1 47 ASN n 
1 48 LYS n 
1 49 LEU n 
1 50 GLY n 
1 51 LEU n 
1 52 PHE n 
1 53 PRO n 
1 54 ALA n 
1 55 ASN n 
1 56 TYR n 
1 57 VAL n 
1 58 ALA n 
1 59 PRO n 
1 60 MET n 
1 61 MET n 
1 62 ARG n 
2 1  PRO n 
2 2  PRO n 
2 3  PRO n 
2 4  ARG n 
2 5  PRO n 
2 6  THR n 
2 7  ALA n 
2 8  PRO n 
2 9  LYS n 
2 10 PRO n 
2 11 LEU n 
2 12 LEU n 
# 
_entity_src_gen.entity_id                          1 
_entity_src_gen.pdbx_src_id                        1 
_entity_src_gen.pdbx_alt_source_flag               sample 
_entity_src_gen.pdbx_seq_type                      ? 
_entity_src_gen.pdbx_beg_seq_num                   ? 
_entity_src_gen.pdbx_end_seq_num                   ? 
_entity_src_gen.gene_src_common_name               MOUSE 
_entity_src_gen.gene_src_genus                     ? 
_entity_src_gen.pdbx_gene_src_gene                 ? 
_entity_src_gen.gene_src_species                   ? 
_entity_src_gen.gene_src_strain                    ? 
_entity_src_gen.gene_src_tissue                    ? 
_entity_src_gen.gene_src_tissue_fraction           ? 
_entity_src_gen.gene_src_details                   ? 
_entity_src_gen.pdbx_gene_src_fragment             ? 
_entity_src_gen.pdbx_gene_src_scientific_name      'MUS MUSCULUS' 
_entity_src_gen.pdbx_gene_src_ncbi_taxonomy_id     10090 
_entity_src_gen.pdbx_gene_src_variant              ? 
_entity_src_gen.pdbx_gene_src_cell_line            ? 
_entity_src_gen.pdbx_gene_src_atcc                 ? 
_entity_src_gen.pdbx_gene_src_organ                ? 
_entity_src_gen.pdbx_gene_src_organelle            ? 
_entity_src_gen.pdbx_gene_src_cell                 ? 
_entity_src_gen.pdbx_gene_src_cellular_location    ? 
_entity_src_gen.host_org_common_name               ? 
_entity_src_gen.pdbx_host_org_scientific_name      'ESCHERICHIA COLI' 
_entity_src_gen.pdbx_host_org_ncbi_taxonomy_id     562 
_entity_src_gen.host_org_genus                     ? 
_entity_src_gen.pdbx_host_org_gene                 ? 
_entity_src_gen.pdbx_host_org_organ                ? 
_entity_src_gen.host_org_species                   ? 
_entity_src_gen.pdbx_host_org_tissue               ? 
_entity_src_gen.pdbx_host_org_tissue_fraction      ? 
_entity_src_gen.pdbx_host_org_strain               ? 
_entity_src_gen.pdbx_host_org_variant              ? 
_entity_src_gen.pdbx_host_org_cell_line            ? 
_entity_src_gen.pdbx_host_org_atcc                 ? 
_entity_src_gen.pdbx_host_org_culture_collection   ? 
_entity_src_gen.pdbx_host_org_cell                 ? 
_entity_src_gen.pdbx_host_org_organelle            ? 
_entity_src_gen.pdbx_host_org_cellular_location    ? 
_entity_src_gen.pdbx_host_org_vector_type          ? 
_entity_src_gen.pdbx_host_org_vector               ? 
_entity_src_gen.host_org_details                   ? 
_entity_src_gen.expression_system_id               ? 
_entity_src_gen.plasmid_name                       ? 
_entity_src_gen.plasmid_details                    ? 
_entity_src_gen.pdbx_description                   ? 
# 
_pdbx_entity_src_syn.entity_id              2 
_pdbx_entity_src_syn.pdbx_src_id            1 
_pdbx_entity_src_syn.pdbx_alt_source_flag   sample 
_pdbx_entity_src_syn.pdbx_beg_seq_num       ? 
_pdbx_entity_src_syn.pdbx_end_seq_num       ? 
_pdbx_entity_src_syn.organism_scientific    'MUS MUSCULUS' 
_pdbx_entity_src_syn.organism_common_name   MOUSE 
_pdbx_entity_src_syn.ncbi_taxonomy_id       10090 
_pdbx_entity_src_syn.details                ? 
# 
loop_
_struct_ref.id 
_struct_ref.db_name 
_struct_ref.db_code 
_struct_ref.entity_id 
_struct_ref.pdbx_seq_one_letter_code 
_struct_ref.pdbx_align_begin 
_struct_ref.pdbx_db_accession 
_struct_ref.pdbx_db_isoform 
1 PDB 2W10        1 ? ? 2W10   ? 
2 UNP GRAP2_MOUSE 1 ? ? O89100 ? 
3 UNP PTN23_MOUSE 2 ? ? Q6PB44 ? 
# 
loop_
_struct_ref_seq.align_id 
_struct_ref_seq.ref_id 
_struct_ref_seq.pdbx_PDB_id_code 
_struct_ref_seq.pdbx_strand_id 
_struct_ref_seq.seq_align_beg 
_struct_ref_seq.pdbx_seq_align_beg_ins_code 
_struct_ref_seq.seq_align_end 
_struct_ref_seq.pdbx_seq_align_end_ins_code 
_struct_ref_seq.pdbx_db_accession 
_struct_ref_seq.db_align_beg 
_struct_ref_seq.pdbx_db_align_beg_ins_code 
_struct_ref_seq.db_align_end 
_struct_ref_seq.pdbx_db_align_end_ins_code 
_struct_ref_seq.pdbx_auth_seq_align_beg 
_struct_ref_seq.pdbx_auth_seq_align_end 
1 1 2W10 A 1 ? 4  ? 2W10   1   ? 4   ? 1 4  
2 2 2W10 A 5 ? 62 ? O89100 265 ? 322 ? 5 62 
3 1 2W10 B 1 ? 4  ? 2W10   1   ? 4   ? 1 4  
4 2 2W10 B 5 ? 62 ? O89100 265 ? 322 ? 5 62 
5 3 2W10 C 1 ? 12 ? Q6PB44 719 ? 730 ? 3 14 
6 3 2W10 D 1 ? 12 ? Q6PB44 719 ? 730 ? 3 14 
# 
loop_
_chem_comp.id 
_chem_comp.type 
_chem_comp.mon_nstd_flag 
_chem_comp.name 
_chem_comp.pdbx_synonyms 
_chem_comp.formula 
_chem_comp.formula_weight 
ALA 'L-peptide linking' y ALANINE         ? 'C3 H7 N O2'     89.093  
ARG 'L-peptide linking' y ARGININE        ? 'C6 H15 N4 O2 1' 175.209 
ASN 'L-peptide linking' y ASPARAGINE      ? 'C4 H8 N2 O3'    132.118 
ASP 'L-peptide linking' y 'ASPARTIC ACID' ? 'C4 H7 N O4'     133.103 
GLU 'L-peptide linking' y 'GLUTAMIC ACID' ? 'C5 H9 N O4'     147.129 
GLY 'peptide linking'   y GLYCINE         ? 'C2 H5 N O2'     75.067  
HIS 'L-peptide linking' y HISTIDINE       ? 'C6 H10 N3 O2 1' 156.162 
HOH non-polymer         . WATER           ? 'H2 O'           18.015  
LEU 'L-peptide linking' y LEUCINE         ? 'C6 H13 N O2'    131.173 
LYS 'L-peptide linking' y LYSINE          ? 'C6 H15 N2 O2 1' 147.195 
MET 'L-peptide linking' y METHIONINE      ? 'C5 H11 N O2 S'  149.211 
PHE 'L-peptide linking' y PHENYLALANINE   ? 'C9 H11 N O2'    165.189 
PO4 non-polymer         . 'PHOSPHATE ION' ? 'O4 P -3'        94.971  
PRO 'L-peptide linking' y PROLINE         ? 'C5 H9 N O2'     115.130 
SER 'L-peptide linking' y SERINE          ? 'C3 H7 N O3'     105.093 
THR 'L-peptide linking' y THREONINE       ? 'C4 H9 N O3'     119.119 
TRP 'L-peptide linking' y TRYPTOPHAN      ? 'C11 H12 N2 O2'  204.225 
TYR 'L-peptide linking' y TYROSINE        ? 'C9 H11 N O3'    181.189 
VAL 'L-peptide linking' y VALINE          ? 'C5 H11 N O2'    117.146 
# 
_exptl.entry_id          2W10 
_exptl.method            'X-RAY DIFFRACTION' 
_exptl.crystals_number   1 
# 
_exptl_crystal.id                    1 
_exptl_crystal.density_meas          ? 
_exptl_crystal.density_Matthews      1.67 
_exptl_crystal.density_percent_sol   25.96 
_exptl_crystal.description           NONE 
# 
_exptl_crystal_grow.crystal_id      1 
_exptl_crystal_grow.method          ? 
_exptl_crystal_grow.temp            ? 
_exptl_crystal_grow.temp_details    ? 
_exptl_crystal_grow.pH              7.5 
_exptl_crystal_grow.pdbx_pH_range   ? 
_exptl_crystal_grow.pdbx_details    '0.1 M PHOSPHATE CITRATE, 2 M AMMONIUM SULPHATE, pH 7.5' 
# 
_diffrn.id                     1 
_diffrn.ambient_temp           77 
_diffrn.ambient_temp_details   ? 
_diffrn.crystal_id             1 
# 
_diffrn_detector.diffrn_id              1 
_diffrn_detector.detector               CCD 
_diffrn_detector.type                   MARRESEARCH 
_diffrn_detector.pdbx_collection_date   2006-04-15 
_diffrn_detector.details                MIRRORS 
# 
_diffrn_radiation.diffrn_id                        1 
_diffrn_radiation.wavelength_id                    1 
_diffrn_radiation.pdbx_monochromatic_or_laue_m_l   M 
_diffrn_radiation.monochromator                    'SI(111)' 
_diffrn_radiation.pdbx_diffrn_protocol             'SINGLE WAVELENGTH' 
_diffrn_radiation.pdbx_scattering_type             x-ray 
# 
_diffrn_radiation_wavelength.id           1 
_diffrn_radiation_wavelength.wavelength   0.978 
_diffrn_radiation_wavelength.wt           1.0 
# 
_diffrn_source.diffrn_id                   1 
_diffrn_source.source                      SYNCHROTRON 
_diffrn_source.type                        'ESRF BEAMLINE BM14' 
_diffrn_source.pdbx_synchrotron_site       ESRF 
_diffrn_source.pdbx_synchrotron_beamline   BM14 
_diffrn_source.pdbx_wavelength             0.978 
_diffrn_source.pdbx_wavelength_list        ? 
# 
_reflns.pdbx_diffrn_id               1 
_reflns.pdbx_ordinal                 1 
_reflns.entry_id                     2W10 
_reflns.observed_criterion_sigma_I   1.0 
_reflns.observed_criterion_sigma_F   ? 
_reflns.d_resolution_low             30.00 
_reflns.d_resolution_high            1.86 
_reflns.number_obs                   8966 
_reflns.number_all                   ? 
_reflns.percent_possible_obs         81.9 
_reflns.pdbx_Rmerge_I_obs            0.04 
_reflns.pdbx_Rsym_value              ? 
_reflns.pdbx_netI_over_sigmaI        18.70 
_reflns.B_iso_Wilson_estimate        ? 
_reflns.pdbx_redundancy              2.0 
# 
_reflns_shell.pdbx_diffrn_id         1 
_reflns_shell.pdbx_ordinal           1 
_reflns_shell.d_res_high             1.86 
_reflns_shell.d_res_low              1.94 
_reflns_shell.percent_possible_all   44.2 
_reflns_shell.Rmerge_I_obs           0.06 
_reflns_shell.pdbx_Rsym_value        ? 
_reflns_shell.meanI_over_sigI_obs    11.50 
_reflns_shell.pdbx_redundancy        2.0 
# 
_refine.pdbx_refine_id                           'X-RAY DIFFRACTION' 
_refine.entry_id                                 2W10 
_refine.pdbx_diffrn_id                           1 
_refine.pdbx_TLS_residual_ADP_flag               ? 
_refine.ls_number_reflns_obs                     8539 
_refine.ls_number_reflns_all                     ? 
_refine.pdbx_ls_sigma_I                          ? 
_refine.pdbx_ls_sigma_F                          ? 
_refine.pdbx_data_cutoff_high_absF               ? 
_refine.pdbx_data_cutoff_low_absF                ? 
_refine.pdbx_data_cutoff_high_rms_absF           ? 
_refine.ls_d_res_low                             35.78 
_refine.ls_d_res_high                            1.90 
_refine.ls_percent_reflns_obs                    96.3 
_refine.ls_R_factor_obs                          0.164 
_refine.ls_R_factor_all                          ? 
_refine.ls_R_factor_R_work                       0.161 
_refine.ls_R_factor_R_free                       0.231 
_refine.ls_R_factor_R_free_error                 ? 
_refine.ls_R_factor_R_free_error_details         ? 
_refine.ls_percent_reflns_R_free                 4.700 
_refine.ls_number_reflns_R_free                  425 
_refine.ls_number_parameters                     ? 
_refine.ls_number_restraints                     ? 
_refine.occupancy_min                            ? 
_refine.occupancy_max                            ? 
_refine.correlation_coeff_Fo_to_Fc               0.956 
_refine.correlation_coeff_Fo_to_Fc_free          0.887 
_refine.B_iso_mean                               12.28 
_refine.aniso_B[1][1]                            -0.55000 
_refine.aniso_B[2][2]                            0.23000 
_refine.aniso_B[3][3]                            0.21000 
_refine.aniso_B[1][2]                            0.31000 
_refine.aniso_B[1][3]                            0.13000 
_refine.aniso_B[2][3]                            -0.29000 
_refine.solvent_model_details                    MASK 
_refine.solvent_model_param_ksol                 ? 
_refine.solvent_model_param_bsol                 ? 
_refine.pdbx_solvent_vdw_probe_radii             1.40 
_refine.pdbx_solvent_ion_probe_radii             0.80 
_refine.pdbx_solvent_shrinkage_radii             0.80 
_refine.pdbx_ls_cross_valid_method               THROUGHOUT 
_refine.details                                  
'HYDROGENS HAVE BEEN ADDED IN THE RIDING POSITIONS. U VALUES REFINED INDIVIDUALLY.' 
_refine.pdbx_starting_model                      'PDB ENTRY 1UTI' 
_refine.pdbx_method_to_determine_struct          'MOLECULAR REPLACEMENT' 
_refine.pdbx_isotropic_thermal_model             ? 
_refine.pdbx_stereochemistry_target_values       'MAXIMUM LIKELIHOOD' 
_refine.pdbx_stereochem_target_val_spec_case     ? 
_refine.pdbx_R_Free_selection_details            RANDOM 
_refine.pdbx_overall_ESU_R                       0.197 
_refine.pdbx_overall_ESU_R_Free                  0.177 
_refine.overall_SU_ML                            0.117 
_refine.pdbx_overall_phase_error                 ? 
_refine.overall_SU_B                             3.927 
_refine.overall_SU_R_Cruickshank_DPI             ? 
_refine.pdbx_overall_SU_R_free_Cruickshank_DPI   ? 
_refine.pdbx_overall_SU_R_Blow_DPI               ? 
_refine.pdbx_overall_SU_R_free_Blow_DPI          ? 
# 
_refine_hist.pdbx_refine_id                   'X-RAY DIFFRACTION' 
_refine_hist.cycle_id                         LAST 
_refine_hist.pdbx_number_atoms_protein        1146 
_refine_hist.pdbx_number_atoms_nucleic_acid   0 
_refine_hist.pdbx_number_atoms_ligand         10 
_refine_hist.number_atoms_solvent             135 
_refine_hist.number_atoms_total               1291 
_refine_hist.d_res_high                       1.90 
_refine_hist.d_res_low                        35.78 
# 
loop_
_refine_ls_restr.type 
_refine_ls_restr.dev_ideal 
_refine_ls_restr.dev_ideal_target 
_refine_ls_restr.weight 
_refine_ls_restr.number 
_refine_ls_restr.pdbx_refine_id 
_refine_ls_restr.pdbx_restraint_function 
r_bond_refined_d             0.015  0.022  ? 1205 'X-RAY DIFFRACTION' ? 
r_bond_other_d               0.005  0.020  ? 864  'X-RAY DIFFRACTION' ? 
r_angle_refined_deg          1.644  1.979  ? 1646 'X-RAY DIFFRACTION' ? 
r_angle_other_deg            0.935  3.000  ? 2079 'X-RAY DIFFRACTION' ? 
r_dihedral_angle_1_deg       5.578  5.000  ? 144  'X-RAY DIFFRACTION' ? 
r_dihedral_angle_2_deg       36.694 22.222 ? 54   'X-RAY DIFFRACTION' ? 
r_dihedral_angle_3_deg       15.259 15.000 ? 178  'X-RAY DIFFRACTION' ? 
r_dihedral_angle_4_deg       26.006 15.000 ? 12   'X-RAY DIFFRACTION' ? 
r_chiral_restr               0.089  0.200  ? 168  'X-RAY DIFFRACTION' ? 
r_gen_planes_refined         0.008  0.021  ? 1312 'X-RAY DIFFRACTION' ? 
r_gen_planes_other           0.001  0.020  ? 254  'X-RAY DIFFRACTION' ? 
r_nbd_refined                ?      ?      ? ?    'X-RAY DIFFRACTION' ? 
r_nbd_other                  ?      ?      ? ?    'X-RAY DIFFRACTION' ? 
r_nbtor_refined              ?      ?      ? ?    'X-RAY DIFFRACTION' ? 
r_nbtor_other                ?      ?      ? ?    'X-RAY DIFFRACTION' ? 
r_xyhbond_nbd_refined        ?      ?      ? ?    'X-RAY DIFFRACTION' ? 
r_xyhbond_nbd_other          ?      ?      ? ?    'X-RAY DIFFRACTION' ? 
r_metal_ion_refined          ?      ?      ? ?    'X-RAY DIFFRACTION' ? 
r_metal_ion_other            ?      ?      ? ?    'X-RAY DIFFRACTION' ? 
r_symmetry_vdw_refined       ?      ?      ? ?    'X-RAY DIFFRACTION' ? 
r_symmetry_vdw_other         ?      ?      ? ?    'X-RAY DIFFRACTION' ? 
r_symmetry_hbond_refined     ?      ?      ? ?    'X-RAY DIFFRACTION' ? 
r_symmetry_hbond_other       ?      ?      ? ?    'X-RAY DIFFRACTION' ? 
r_symmetry_metal_ion_refined ?      ?      ? ?    'X-RAY DIFFRACTION' ? 
r_symmetry_metal_ion_other   ?      ?      ? ?    'X-RAY DIFFRACTION' ? 
r_mcbond_it                  0.812  1.500  ? 731  'X-RAY DIFFRACTION' ? 
r_mcbond_other               ?      ?      ? ?    'X-RAY DIFFRACTION' ? 
r_mcangle_it                 1.451  2.000  ? 1177 'X-RAY DIFFRACTION' ? 
r_mcangle_other              ?      ?      ? ?    'X-RAY DIFFRACTION' ? 
r_scbond_it                  2.512  3.000  ? 474  'X-RAY DIFFRACTION' ? 
r_scbond_other               ?      ?      ? ?    'X-RAY DIFFRACTION' ? 
r_scangle_it                 3.625  4.500  ? 467  'X-RAY DIFFRACTION' ? 
r_scangle_other              ?      ?      ? ?    'X-RAY DIFFRACTION' ? 
r_long_range_B_refined       ?      ?      ? ?    'X-RAY DIFFRACTION' ? 
r_long_range_B_other         ?      ?      ? ?    'X-RAY DIFFRACTION' ? 
r_rigid_bond_restr           ?      ?      ? ?    'X-RAY DIFFRACTION' ? 
r_sphericity_free            ?      ?      ? ?    'X-RAY DIFFRACTION' ? 
r_sphericity_bonded          ?      ?      ? ?    'X-RAY DIFFRACTION' ? 
# 
_refine_ls_shell.pdbx_refine_id                   'X-RAY DIFFRACTION' 
_refine_ls_shell.pdbx_total_number_of_bins_used   20 
_refine_ls_shell.d_res_high                       1.90 
_refine_ls_shell.d_res_low                        1.95 
_refine_ls_shell.number_reflns_R_work             587 
_refine_ls_shell.R_factor_R_work                  0.1630 
_refine_ls_shell.percent_reflns_obs               ? 
_refine_ls_shell.R_factor_R_free                  0.2090 
_refine_ls_shell.R_factor_R_free_error            ? 
_refine_ls_shell.percent_reflns_R_free            ? 
_refine_ls_shell.number_reflns_R_free             22 
_refine_ls_shell.number_reflns_all                ? 
_refine_ls_shell.R_factor_all                     ? 
# 
_struct.entry_id                  2W10 
_struct.title                     'Mona SH3C in complex' 
_struct.pdbx_model_details        ? 
_struct.pdbx_CASP_flag            ? 
_struct.pdbx_model_type_details   ? 
# 
_struct_keywords.entry_id        2W10 
_struct_keywords.pdbx_keywords   HYDROLASE 
_struct_keywords.text            
;ALTERNATIVE SPLICING, TPR REPEAT, SH2 DOMAIN, SH3 DOMAIN, COILED COIL, PROTEIN PHOSPHATASE, CYTOPLASMIC VESICLE, PHOSPHOPROTEIN, SIGNAL TRANDUCTION, SH3 DOMAIN-COMPLEX, SH3, GADS, MONA, DIMER, HD-PTP, HYDROLASE, CYTOPLASM
;
# 
loop_
_struct_asym.id 
_struct_asym.pdbx_blank_PDB_chainid_flag 
_struct_asym.pdbx_modified 
_struct_asym.entity_id 
_struct_asym.details 
A N N 1 ? 
B N N 1 ? 
C N N 2 ? 
D N N 2 ? 
E N N 3 ? 
F N N 3 ? 
G N N 4 ? 
H N N 4 ? 
I N N 4 ? 
J N N 4 ? 
# 
_struct_biol.id   1 
# 
loop_
_struct_sheet.id 
_struct_sheet.type 
_struct_sheet.number_strands 
_struct_sheet.details 
AA ? 5 ? 
BA ? 5 ? 
# 
loop_
_struct_sheet_order.sheet_id 
_struct_sheet_order.range_id_1 
_struct_sheet_order.range_id_2 
_struct_sheet_order.offset 
_struct_sheet_order.sense 
AA 1 2 ? anti-parallel 
AA 2 3 ? anti-parallel 
AA 3 4 ? anti-parallel 
AA 4 5 ? anti-parallel 
BA 1 2 ? anti-parallel 
BA 2 3 ? anti-parallel 
BA 3 4 ? anti-parallel 
BA 4 5 ? anti-parallel 
# 
loop_
_struct_sheet_range.sheet_id 
_struct_sheet_range.id 
_struct_sheet_range.beg_label_comp_id 
_struct_sheet_range.beg_label_asym_id 
_struct_sheet_range.beg_label_seq_id 
_struct_sheet_range.pdbx_beg_PDB_ins_code 
_struct_sheet_range.end_label_comp_id 
_struct_sheet_range.end_label_asym_id 
_struct_sheet_range.end_label_seq_id 
_struct_sheet_range.pdbx_end_PDB_ins_code 
_struct_sheet_range.beg_auth_comp_id 
_struct_sheet_range.beg_auth_asym_id 
_struct_sheet_range.beg_auth_seq_id 
_struct_sheet_range.end_auth_comp_id 
_struct_sheet_range.end_auth_asym_id 
_struct_sheet_range.end_auth_seq_id 
AA 1 LYS A 48 ? PRO A 53 ? LYS A 48 PRO A 53 
AA 2 TRP A 40 ? LEU A 45 ? TRP A 40 LEU A 45 
AA 3 VAL A 29 ? ASP A 34 ? VAL A 29 ASP A 34 
AA 4 TRP A 7  ? ALA A 10 ? TRP A 7  ALA A 10 
AA 5 VAL A 57 ? PRO A 59 ? VAL A 57 PRO A 59 
BA 1 LYS B 48 ? PRO B 53 ? LYS B 48 PRO B 53 
BA 2 TRP B 40 ? LEU B 45 ? TRP B 40 LEU B 45 
BA 3 VAL B 29 ? ASP B 34 ? VAL B 29 ASP B 34 
BA 4 TRP B 7  ? ALA B 10 ? TRP B 7  ALA B 10 
BA 5 VAL B 57 ? PRO B 59 ? VAL B 57 PRO B 59 
# 
loop_
_pdbx_struct_sheet_hbond.sheet_id 
_pdbx_struct_sheet_hbond.range_id_1 
_pdbx_struct_sheet_hbond.range_id_2 
_pdbx_struct_sheet_hbond.range_1_label_atom_id 
_pdbx_struct_sheet_hbond.range_1_label_comp_id 
_pdbx_struct_sheet_hbond.range_1_label_asym_id 
_pdbx_struct_sheet_hbond.range_1_label_seq_id 
_pdbx_struct_sheet_hbond.range_1_PDB_ins_code 
_pdbx_struct_sheet_hbond.range_1_auth_atom_id 
_pdbx_struct_sheet_hbond.range_1_auth_comp_id 
_pdbx_struct_sheet_hbond.range_1_auth_asym_id 
_pdbx_struct_sheet_hbond.range_1_auth_seq_id 
_pdbx_struct_sheet_hbond.range_2_label_atom_id 
_pdbx_struct_sheet_hbond.range_2_label_comp_id 
_pdbx_struct_sheet_hbond.range_2_label_asym_id 
_pdbx_struct_sheet_hbond.range_2_label_seq_id 
_pdbx_struct_sheet_hbond.range_2_PDB_ins_code 
_pdbx_struct_sheet_hbond.range_2_auth_atom_id 
_pdbx_struct_sheet_hbond.range_2_auth_comp_id 
_pdbx_struct_sheet_hbond.range_2_auth_asym_id 
_pdbx_struct_sheet_hbond.range_2_auth_seq_id 
AA 1 2 N PHE A 52 ? N PHE A 52 O TRP A 41 ? O TRP A 41 
AA 2 3 N ARG A 44 ? N ARG A 44 O GLU A 31 ? O GLU A 31 
AA 3 4 N VAL A 30 ? N VAL A 30 O ALA A 8  ? O ALA A 8  
AA 4 5 N ARG A 9  ? N ARG A 9  O ALA A 58 ? O ALA A 58 
BA 1 2 N PHE B 52 ? N PHE B 52 O TRP B 41 ? O TRP B 41 
BA 2 3 N ARG B 44 ? N ARG B 44 O GLU B 31 ? O GLU B 31 
BA 3 4 N VAL B 30 ? N VAL B 30 O ALA B 8  ? O ALA B 8  
BA 4 5 N ARG B 9  ? N ARG B 9  O ALA B 58 ? O ALA B 58 
# 
loop_
_struct_site.id 
_struct_site.pdbx_evidence_code 
_struct_site.pdbx_auth_asym_id 
_struct_site.pdbx_auth_comp_id 
_struct_site.pdbx_auth_seq_id 
_struct_site.pdbx_auth_ins_code 
_struct_site.pdbx_num_residues 
_struct_site.details 
AC1 Software B PO4 1063 ? 7 'BINDING SITE FOR RESIDUE PO4 B 1063' 
AC2 Software A PO4 1062 ? 5 'BINDING SITE FOR RESIDUE PO4 A 1062' 
# 
loop_
_struct_site_gen.id 
_struct_site_gen.site_id 
_struct_site_gen.pdbx_num_res 
_struct_site_gen.label_comp_id 
_struct_site_gen.label_asym_id 
_struct_site_gen.label_seq_id 
_struct_site_gen.pdbx_auth_ins_code 
_struct_site_gen.auth_comp_id 
_struct_site_gen.auth_asym_id 
_struct_site_gen.auth_seq_id 
_struct_site_gen.label_atom_id 
_struct_site_gen.label_alt_id 
_struct_site_gen.symmetry 
_struct_site_gen.details 
1  AC1 7 ARG A 6 ? ARG A 6    . ? 1_555 ? 
2  AC1 7 TRP A 7 ? TRP A 7    . ? 1_555 ? 
3  AC1 7 PRO B 1 ? PRO B 1    . ? 1_555 ? 
4  AC1 7 LEU B 2 ? LEU B 2    . ? 1_555 ? 
5  AC1 7 ARG B 6 ? ARG B 6    . ? 1_555 ? 
6  AC1 7 HOH H . ? HOH B 2063 . ? 1_555 ? 
7  AC1 7 HOH H . ? HOH B 2064 . ? 1_555 ? 
8  AC2 5 LEU A 2 ? LEU A 2    . ? 1_655 ? 
9  AC2 5 GLY A 3 ? GLY A 3    . ? 1_655 ? 
10 AC2 5 SER A 4 ? SER A 4    . ? 1_655 ? 
11 AC2 5 ARG A 9 ? ARG A 9    . ? 1_555 ? 
12 AC2 5 ARG B 9 ? ARG B 9    . ? 1_555 ? 
# 
_atom_sites.entry_id                    2W10 
_atom_sites.fract_transf_matrix[1][1]   0.01055755 
_atom_sites.fract_transf_matrix[1][2]   0.03234528 
_atom_sites.fract_transf_matrix[1][3]   0.02123303 
_atom_sites.fract_transf_matrix[2][1]   0.01432384 
_atom_sites.fract_transf_matrix[2][2]   0.00189405 
_atom_sites.fract_transf_matrix[2][3]   -0.02723917 
_atom_sites.fract_transf_matrix[3][1]   -0.02403143 
_atom_sites.fract_transf_matrix[3][2]   0.01234986 
_atom_sites.fract_transf_matrix[3][3]   -0.00714187 
_atom_sites.fract_transf_vector[1]      -0.005851 
_atom_sites.fract_transf_vector[2]      0.244340 
_atom_sites.fract_transf_vector[3]      0.202569 
# 
loop_
_atom_type.symbol 
C 
N 
O 
P 
S 
# 
loop_
_atom_site.group_PDB 
_atom_site.id 
_atom_site.type_symbol 
_atom_site.label_atom_id 
_atom_site.label_alt_id 
_atom_site.label_comp_id 
_atom_site.label_asym_id 
_atom_site.label_entity_id 
_atom_site.label_seq_id 
_atom_site.pdbx_PDB_ins_code 
_atom_site.Cartn_x 
_atom_site.Cartn_y 
_atom_site.Cartn_z 
_atom_site.occupancy 
_atom_site.B_iso_or_equiv 
_atom_site.pdbx_formal_charge 
_atom_site.auth_seq_id 
_atom_site.auth_comp_id 
_atom_site.auth_asym_id 
_atom_site.auth_atom_id 
_atom_site.pdbx_PDB_model_num 
ATOM   1    N N   . LEU A 1 2  ? -14.050 -14.362 0.831   1.00 18.35 ? 2    LEU A N   1 
ATOM   2    C CA  . LEU A 1 2  ? -13.388 -14.561 2.156   1.00 18.48 ? 2    LEU A CA  1 
ATOM   3    C C   . LEU A 1 2  ? -13.056 -13.223 2.779   1.00 17.71 ? 2    LEU A C   1 
ATOM   4    O O   . LEU A 1 2  ? -12.881 -13.120 3.971   1.00 18.21 ? 2    LEU A O   1 
ATOM   5    C CB  . LEU A 1 2  ? -12.124 -15.432 2.011   1.00 18.36 ? 2    LEU A CB  1 
ATOM   6    C CG  . LEU A 1 2  ? -12.250 -16.834 1.382   1.00 21.40 ? 2    LEU A CG  1 
ATOM   7    C CD1 . LEU A 1 2  ? -11.000 -17.640 1.681   1.00 23.55 ? 2    LEU A CD1 1 
ATOM   8    C CD2 . LEU A 1 2  ? -13.489 -17.639 1.851   1.00 21.94 ? 2    LEU A CD2 1 
ATOM   9    N N   . GLY A 1 3  ? -12.959 -12.199 1.943   1.00 18.12 ? 3    GLY A N   1 
ATOM   10   C CA  . GLY A 1 3  ? -12.688 -10.847 2.375   1.00 17.60 ? 3    GLY A CA  1 
ATOM   11   C C   . GLY A 1 3  ? -11.242 -10.693 2.754   1.00 17.27 ? 3    GLY A C   1 
ATOM   12   O O   . GLY A 1 3  ? -10.919 -9.875  3.602   1.00 17.23 ? 3    GLY A O   1 
ATOM   13   N N   . SER A 1 4  ? -10.357 -11.470 2.130   1.00 16.53 ? 4    SER A N   1 
ATOM   14   C CA  . SER A 1 4  ? -8.973  -11.503 2.574   1.00 17.09 ? 4    SER A CA  1 
ATOM   15   C C   . SER A 1 4  ? -8.313  -10.133 2.390   1.00 15.43 ? 4    SER A C   1 
ATOM   16   O O   . SER A 1 4  ? -8.691  -9.370  1.515   1.00 13.81 ? 4    SER A O   1 
ATOM   17   C CB  . SER A 1 4  ? -8.178  -12.582 1.841   1.00 17.39 ? 4    SER A CB  1 
ATOM   18   O OG  . SER A 1 4  ? -8.145  -12.312 0.462   1.00 20.77 ? 4    SER A OG  1 
ATOM   19   N N   . VAL A 1 5  ? -7.330  -9.847  3.232   1.00 13.93 ? 5    VAL A N   1 
ATOM   20   C CA  . VAL A 1 5  ? -6.583  -8.603  3.130   1.00 13.60 ? 5    VAL A CA  1 
ATOM   21   C C   . VAL A 1 5  ? -5.280  -8.896  2.391   1.00 13.33 ? 5    VAL A C   1 
ATOM   22   O O   . VAL A 1 5  ? -4.552  -9.815  2.762   1.00 13.31 ? 5    VAL A O   1 
ATOM   23   C CB  . VAL A 1 5  ? -6.321  -8.005  4.524   1.00 14.18 ? 5    VAL A CB  1 
ATOM   24   C CG1 . VAL A 1 5  ? -5.552  -6.650  4.423   1.00 10.74 ? 5    VAL A CG1 1 
ATOM   25   C CG2 . VAL A 1 5  ? -7.673  -7.878  5.303   1.00 12.72 ? 5    VAL A CG2 1 
ATOM   26   N N   . ARG A 1 6  ? -4.973  -8.106  1.362   1.00 11.95 ? 6    ARG A N   1 
ATOM   27   C CA  . ARG A 1 6  ? -3.764  -8.319  0.619   1.00 11.80 ? 6    ARG A CA  1 
ATOM   28   C C   . ARG A 1 6  ? -2.722  -7.267  0.925   1.00 11.05 ? 6    ARG A C   1 
ATOM   29   O O   . ARG A 1 6  ? -1.532  -7.537  0.791   1.00 10.47 ? 6    ARG A O   1 
ATOM   30   C CB  . ARG A 1 6  ? -4.066  -8.434  -0.879  1.00 11.72 ? 6    ARG A CB  1 
ATOM   31   C CG  . ARG A 1 6  ? -4.888  -9.717  -1.142  1.00 14.09 ? 6    ARG A CG  1 
ATOM   32   C CD  . ARG A 1 6  ? -5.256  -9.882  -2.577  1.00 16.64 ? 6    ARG A CD  1 
ATOM   33   N NE  . ARG A 1 6  ? -4.058  -10.103 -3.364  1.00 17.32 ? 6    ARG A NE  1 
ATOM   34   C CZ  . ARG A 1 6  ? -3.432  -11.263 -3.500  1.00 16.68 ? 6    ARG A CZ  1 
ATOM   35   N NH1 . ARG A 1 6  ? -3.898  -12.352 -2.917  1.00 17.38 ? 6    ARG A NH1 1 
ATOM   36   N NH2 . ARG A 1 6  ? -2.333  -11.318 -4.230  1.00 17.23 ? 6    ARG A NH2 1 
ATOM   37   N N   . TRP A 1 7  ? -3.171  -6.083  1.368   1.00 10.15 ? 7    TRP A N   1 
ATOM   38   C CA  . TRP A 1 7  ? -2.282  -4.999  1.755   1.00 9.68  ? 7    TRP A CA  1 
ATOM   39   C C   . TRP A 1 7  ? -2.868  -4.297  2.961   1.00 9.65  ? 7    TRP A C   1 
ATOM   40   O O   . TRP A 1 7  ? -4.089  -4.143  3.075   1.00 9.39  ? 7    TRP A O   1 
ATOM   41   C CB  . TRP A 1 7  ? -2.131  -3.991  0.633   1.00 9.42  ? 7    TRP A CB  1 
ATOM   42   C CG  . TRP A 1 7  ? -1.496  -4.569  -0.587  1.00 10.77 ? 7    TRP A CG  1 
ATOM   43   C CD1 . TRP A 1 7  ? -2.118  -5.065  -1.689  1.00 10.77 ? 7    TRP A CD1 1 
ATOM   44   C CD2 . TRP A 1 7  ? -0.104  -4.752  -0.786  1.00 12.83 ? 7    TRP A CD2 1 
ATOM   45   N NE1 . TRP A 1 7  ? -1.187  -5.551  -2.570  1.00 13.30 ? 7    TRP A NE1 1 
ATOM   46   C CE2 . TRP A 1 7  ? 0.062   -5.335  -2.055  1.00 12.37 ? 7    TRP A CE2 1 
ATOM   47   C CE3 . TRP A 1 7  ? 1.031   -4.420  -0.036  1.00 13.89 ? 7    TRP A CE3 1 
ATOM   48   C CZ2 . TRP A 1 7  ? 1.314   -5.665  -2.562  1.00 15.15 ? 7    TRP A CZ2 1 
ATOM   49   C CZ3 . TRP A 1 7  ? 2.290   -4.733  -0.559  1.00 15.91 ? 7    TRP A CZ3 1 
ATOM   50   C CH2 . TRP A 1 7  ? 2.411   -5.350  -1.805  1.00 13.26 ? 7    TRP A CH2 1 
ATOM   51   N N   . ALA A 1 8  ? -1.992  -3.839  3.841   1.00 10.03 ? 8    ALA A N   1 
ATOM   52   C CA  . ALA A 1 8  ? -2.429  -3.133  5.060   1.00 11.28 ? 8    ALA A CA  1 
ATOM   53   C C   . ALA A 1 8  ? -1.461  -2.033  5.426   1.00 11.43 ? 8    ALA A C   1 
ATOM   54   O O   . ALA A 1 8  ? -0.257  -2.227  5.323   1.00 11.97 ? 8    ALA A O   1 
ATOM   55   C CB  . ALA A 1 8  ? -2.534  -4.104  6.234   1.00 9.39  ? 8    ALA A CB  1 
ATOM   56   N N   . ARG A 1 9  ? -1.987  -0.914  5.912   1.00 11.54 ? 9    ARG A N   1 
ATOM   57   C CA  . ARG A 1 9  ? -1.149  0.221   6.312   1.00 12.53 ? 9    ARG A CA  1 
ATOM   58   C C   . ARG A 1 9  ? -0.869  0.167   7.816   1.00 11.99 ? 9    ARG A C   1 
ATOM   59   O O   . ARG A 1 9  ? -1.815  0.037   8.599   1.00 11.32 ? 9    ARG A O   1 
ATOM   60   C CB  . ARG A 1 9  ? -1.885  1.525   6.000   1.00 12.84 ? 9    ARG A CB  1 
ATOM   61   C CG  . ARG A 1 9  ? -1.058  2.767   6.146   1.00 16.16 ? 9    ARG A CG  1 
ATOM   62   C CD  . ARG A 1 9  ? -0.754  3.388   4.790   1.00 18.89 ? 9    ARG A CD  1 
ATOM   63   N NE  . ARG A 1 9  ? 0.227   4.451   4.904   1.00 19.05 ? 9    ARG A NE  1 
ATOM   64   C CZ  . ARG A 1 9  ? -0.020  5.758   4.890   1.00 18.20 ? 9    ARG A CZ  1 
ATOM   65   N NH1 . ARG A 1 9  ? -1.251  6.231   4.776   1.00 17.93 ? 9    ARG A NH1 1 
ATOM   66   N NH2 . ARG A 1 9  ? 0.997   6.599   5.012   1.00 18.95 ? 9    ARG A NH2 1 
ATOM   67   N N   . ALA A 1 10 ? 0.401   0.272   8.230   1.00 11.16 ? 10   ALA A N   1 
ATOM   68   C CA  . ALA A 1 10 ? 0.734   0.277   9.657   1.00 10.41 ? 10   ALA A CA  1 
ATOM   69   C C   . ALA A 1 10 ? 0.144   1.489   10.360  1.00 10.62 ? 10   ALA A C   1 
ATOM   70   O O   . ALA A 1 10 ? 0.369   2.607   9.939   1.00 10.09 ? 10   ALA A O   1 
ATOM   71   C CB  . ALA A 1 10 ? 2.255   0.236   9.871   1.00 10.52 ? 10   ALA A CB  1 
ATOM   72   N N   . LEU A 1 11 ? -0.640  1.282   11.415  1.00 10.28 ? 11   LEU A N   1 
ATOM   73   C CA  . LEU A 1 11 ? -1.185  2.427   12.189  1.00 11.34 ? 11   LEU A CA  1 
ATOM   74   C C   . LEU A 1 11 ? -0.196  2.873   13.278  1.00 11.88 ? 11   LEU A C   1 
ATOM   75   O O   . LEU A 1 11 ? -0.181  4.044   13.703  1.00 12.97 ? 11   LEU A O   1 
ATOM   76   C CB  . LEU A 1 11 ? -2.527  2.067   12.838  1.00 11.09 ? 11   LEU A CB  1 
ATOM   77   C CG  . LEU A 1 11 ? -3.683  1.690   11.915  1.00 11.75 ? 11   LEU A CG  1 
ATOM   78   C CD1 . LEU A 1 11 ? -4.863  1.104   12.718  1.00 11.31 ? 11   LEU A CD1 1 
ATOM   79   C CD2 . LEU A 1 11 ? -4.134  2.865   11.119  1.00 14.25 ? 11   LEU A CD2 1 
ATOM   80   N N   . TYR A 1 12 ? 0.606   1.921   13.743  1.00 11.60 ? 12   TYR A N   1 
ATOM   81   C CA  . TYR A 1 12 ? 1.580   2.109   14.832  1.00 11.44 ? 12   TYR A CA  1 
ATOM   82   C C   . TYR A 1 12 ? 2.844   1.395   14.481  1.00 10.90 ? 12   TYR A C   1 
ATOM   83   O O   . TYR A 1 12 ? 2.825   0.543   13.592  1.00 10.59 ? 12   TYR A O   1 
ATOM   84   C CB  . TYR A 1 12 ? 1.078   1.469   16.133  1.00 11.60 ? 12   TYR A CB  1 
ATOM   85   C CG  . TYR A 1 12 ? -0.320  1.842   16.418  1.00 13.34 ? 12   TYR A CG  1 
ATOM   86   C CD1 . TYR A 1 12 ? -0.610  3.090   16.931  1.00 16.08 ? 12   TYR A CD1 1 
ATOM   87   C CD2 . TYR A 1 12 ? -1.355  0.985   16.153  1.00 15.07 ? 12   TYR A CD2 1 
ATOM   88   C CE1 . TYR A 1 12 ? -1.894  3.468   17.163  1.00 18.71 ? 12   TYR A CE1 1 
ATOM   89   C CE2 . TYR A 1 12 ? -2.668  1.363   16.418  1.00 19.30 ? 12   TYR A CE2 1 
ATOM   90   C CZ  . TYR A 1 12 ? -2.905  2.610   16.926  1.00 17.22 ? 12   TYR A CZ  1 
ATOM   91   O OH  . TYR A 1 12 ? -4.158  3.038   17.202  1.00 24.62 ? 12   TYR A OH  1 
ATOM   92   N N   . ASP A 1 13 ? 3.920   1.729   15.215  1.00 11.41 ? 13   ASP A N   1 
ATOM   93   C CA  . ASP A 1 13 ? 5.174   1.027   15.166  1.00 11.29 ? 13   ASP A CA  1 
ATOM   94   C C   . ASP A 1 13 ? 4.962   -0.316  15.850  1.00 11.12 ? 13   ASP A C   1 
ATOM   95   O O   . ASP A 1 13 ? 4.275   -0.397  16.879  1.00 10.79 ? 13   ASP A O   1 
ATOM   96   C CB  . ASP A 1 13 ? 6.271   1.760   15.954  1.00 12.34 ? 13   ASP A CB  1 
ATOM   97   C CG  . ASP A 1 13 ? 6.596   3.128   15.397  1.00 13.54 ? 13   ASP A CG  1 
ATOM   98   O OD1 . ASP A 1 13 ? 6.391   3.385   14.206  1.00 13.23 ? 13   ASP A OD1 1 
ATOM   99   O OD2 . ASP A 1 13 ? 7.035   3.973   16.186  1.00 19.57 ? 13   ASP A OD2 1 
ATOM   100  N N   . PHE A 1 14 ? 5.544   -1.365  15.273  1.00 10.06 ? 14   PHE A N   1 
ATOM   101  C CA  . PHE A 1 14 ? 5.541   -2.684  15.889  1.00 9.80  ? 14   PHE A CA  1 
ATOM   102  C C   . PHE A 1 14 ? 6.978   -3.157  15.983  1.00 10.94 ? 14   PHE A C   1 
ATOM   103  O O   . PHE A 1 14 ? 7.653   -3.271  14.957  1.00 11.50 ? 14   PHE A O   1 
ATOM   104  C CB  . PHE A 1 14 ? 4.672   -3.688  15.105  1.00 8.28  ? 14   PHE A CB  1 
ATOM   105  C CG  . PHE A 1 14 ? 4.722   -5.074  15.664  1.00 7.21  ? 14   PHE A CG  1 
ATOM   106  C CD1 . PHE A 1 14 ? 4.355   -5.324  16.959  1.00 9.11  ? 14   PHE A CD1 1 
ATOM   107  C CD2 . PHE A 1 14 ? 5.186   -6.137  14.897  1.00 6.39  ? 14   PHE A CD2 1 
ATOM   108  C CE1 . PHE A 1 14 ? 4.439   -6.608  17.497  1.00 7.38  ? 14   PHE A CE1 1 
ATOM   109  C CE2 . PHE A 1 14 ? 5.281   -7.438  15.425  1.00 5.38  ? 14   PHE A CE2 1 
ATOM   110  C CZ  . PHE A 1 14 ? 4.924   -7.675  16.711  1.00 7.24  ? 14   PHE A CZ  1 
ATOM   111  N N   . GLU A 1 15 ? 7.458   -3.379  17.202  1.00 12.04 ? 15   GLU A N   1 
ATOM   112  C CA  . GLU A 1 15 ? 8.802   -3.877  17.420  1.00 14.19 ? 15   GLU A CA  1 
ATOM   113  C C   . GLU A 1 15 ? 8.731   -5.401  17.542  1.00 13.81 ? 15   GLU A C   1 
ATOM   114  O O   . GLU A 1 15 ? 7.997   -5.967  18.370  1.00 13.48 ? 15   GLU A O   1 
ATOM   115  C CB  . GLU A 1 15 ? 9.426   -3.241  18.684  1.00 15.00 ? 15   GLU A CB  1 
ATOM   116  C CG  . GLU A 1 15 ? 10.833  -3.776  19.119  1.00 21.60 ? 15   GLU A CG  1 
ATOM   117  C CD  . GLU A 1 15 ? 11.995  -3.401  18.180  1.00 28.96 ? 15   GLU A CD  1 
ATOM   118  O OE1 . GLU A 1 15 ? 12.097  -2.216  17.737  1.00 33.20 ? 15   GLU A OE1 1 
ATOM   119  O OE2 . GLU A 1 15 ? 12.832  -4.308  17.889  1.00 34.83 ? 15   GLU A OE2 1 
ATOM   120  N N   . ALA A 1 16 ? 9.485   -6.059  16.683  1.00 14.37 ? 16   ALA A N   1 
ATOM   121  C CA  . ALA A 1 16 ? 9.602   -7.512  16.732  1.00 13.88 ? 16   ALA A CA  1 
ATOM   122  C C   . ALA A 1 16 ? 10.358  -7.898  17.988  1.00 14.15 ? 16   ALA A C   1 
ATOM   123  O O   . ALA A 1 16 ? 11.498  -7.459  18.184  1.00 14.53 ? 16   ALA A O   1 
ATOM   124  C CB  . ALA A 1 16 ? 10.318  -7.999  15.517  1.00 13.37 ? 16   ALA A CB  1 
ATOM   125  N N   . LEU A 1 17 ? 9.715   -8.694  18.847  1.00 13.42 ? 17   LEU A N   1 
ATOM   126  C CA  . LEU A 1 17 ? 10.310  -9.146  20.110  1.00 13.26 ? 17   LEU A CA  1 
ATOM   127  C C   . LEU A 1 17 ? 10.667  -10.615 20.098  1.00 13.44 ? 17   LEU A C   1 
ATOM   128  O O   . LEU A 1 17 ? 11.413  -11.091 20.967  1.00 13.46 ? 17   LEU A O   1 
ATOM   129  C CB  . LEU A 1 17 ? 9.350   -8.888  21.296  1.00 12.89 ? 17   LEU A CB  1 
ATOM   130  C CG  . LEU A 1 17 ? 9.024   -7.441  21.683  1.00 13.16 ? 17   LEU A CG  1 
ATOM   131  C CD1 . LEU A 1 17 ? 8.317   -7.463  23.015  1.00 13.28 ? 17   LEU A CD1 1 
ATOM   132  C CD2 . LEU A 1 17 ? 10.280  -6.574  21.758  1.00 11.98 ? 17   LEU A CD2 1 
ATOM   133  N N   . GLU A 1 18 ? 10.113  -11.335 19.131  1.00 13.45 ? 18   GLU A N   1 
ATOM   134  C CA  . GLU A 1 18 ? 10.392  -12.751 18.925  1.00 13.89 ? 18   GLU A CA  1 
ATOM   135  C C   . GLU A 1 18 ? 10.702  -12.981 17.450  1.00 14.27 ? 18   GLU A C   1 
ATOM   136  O O   . GLU A 1 18 ? 10.334  -12.161 16.580  1.00 12.96 ? 18   GLU A O   1 
ATOM   137  C CB  . GLU A 1 18 ? 9.215   -13.623 19.407  1.00 14.18 ? 18   GLU A CB  1 
ATOM   138  C CG  . GLU A 1 18 ? 9.050   -13.538 20.900  1.00 14.45 ? 18   GLU A CG  1 
ATOM   139  C CD  . GLU A 1 18 ? 8.166   -14.592 21.499  1.00 14.23 ? 18   GLU A CD  1 
ATOM   140  O OE1 . GLU A 1 18 ? 7.142   -14.979 20.889  1.00 16.96 ? 18   GLU A OE1 1 
ATOM   141  O OE2 . GLU A 1 18 ? 8.484   -15.015 22.620  1.00 16.07 ? 18   GLU A OE2 1 
ATOM   142  N N   . GLU A 1 19 ? 11.403  -14.091 17.185  1.00 14.60 ? 19   GLU A N   1 
ATOM   143  C CA  . GLU A 1 19 ? 12.083  -14.283 15.901  1.00 16.07 ? 19   GLU A CA  1 
ATOM   144  C C   . GLU A 1 19 ? 11.104  -14.397 14.741  1.00 15.15 ? 19   GLU A C   1 
ATOM   145  O O   . GLU A 1 19 ? 11.406  -14.027 13.621  1.00 15.26 ? 19   GLU A O   1 
ATOM   146  C CB  . GLU A 1 19 ? 13.008  -15.503 15.985  1.00 17.40 ? 19   GLU A CB  1 
ATOM   147  C CG  . GLU A 1 19 ? 13.385  -16.114 14.649  1.00 22.27 ? 19   GLU A CG  1 
ATOM   148  C CD  . GLU A 1 19 ? 12.298  -17.037 14.064  1.00 27.01 ? 19   GLU A CD  1 
ATOM   149  O OE1 . GLU A 1 19 ? 11.509  -17.680 14.822  1.00 28.23 ? 19   GLU A OE1 1 
ATOM   150  O OE2 . GLU A 1 19 ? 12.256  -17.107 12.816  1.00 33.93 ? 19   GLU A OE2 1 
ATOM   151  N N   . ASP A 1 20 ? 9.911   -14.896 15.027  1.00 14.82 ? 20   ASP A N   1 
ATOM   152  C CA  . ASP A 1 20 ? 8.878   -15.033 14.005  1.00 14.15 ? 20   ASP A CA  1 
ATOM   153  C C   . ASP A 1 20 ? 8.119   -13.721 13.666  1.00 13.25 ? 20   ASP A C   1 
ATOM   154  O O   . ASP A 1 20 ? 7.252   -13.740 12.792  1.00 13.97 ? 20   ASP A O   1 
ATOM   155  C CB  . ASP A 1 20 ? 7.888   -16.145 14.369  1.00 13.57 ? 20   ASP A CB  1 
ATOM   156  C CG  . ASP A 1 20 ? 7.161   -15.906 15.671  1.00 13.24 ? 20   ASP A CG  1 
ATOM   157  O OD1 . ASP A 1 20 ? 7.507   -14.963 16.404  1.00 15.68 ? 20   ASP A OD1 1 
ATOM   158  O OD2 . ASP A 1 20 ? 6.250   -16.709 15.977  1.00 15.81 ? 20   ASP A OD2 1 
ATOM   159  N N   . GLU A 1 21 ? 8.456   -12.604 14.313  1.00 11.99 ? 21   GLU A N   1 
ATOM   160  C CA  . GLU A 1 21 ? 7.694   -11.351 14.144  1.00 10.55 ? 21   GLU A CA  1 
ATOM   161  C C   . GLU A 1 21 ? 8.259   -10.415 13.062  1.00 10.41 ? 21   GLU A C   1 
ATOM   162  O O   . GLU A 1 21 ? 9.481   -10.276 12.894  1.00 9.32  ? 21   GLU A O   1 
ATOM   163  C CB  . GLU A 1 21 ? 7.559   -10.612 15.478  1.00 10.40 ? 21   GLU A CB  1 
ATOM   164  C CG  . GLU A 1 21 ? 6.864   -11.461 16.526  1.00 9.50  ? 21   GLU A CG  1 
ATOM   165  C CD  . GLU A 1 21 ? 6.762   -10.857 17.913  1.00 9.95  ? 21   GLU A CD  1 
ATOM   166  O OE1 . GLU A 1 21 ? 7.243   -9.730  18.134  1.00 11.26 ? 21   GLU A OE1 1 
ATOM   167  O OE2 . GLU A 1 21 ? 6.190   -11.541 18.814  1.00 10.27 ? 21   GLU A OE2 1 
ATOM   168  N N   . LEU A 1 22 ? 7.351   -9.772  12.340  1.00 9.66  ? 22   LEU A N   1 
ATOM   169  C CA  . LEU A 1 22 ? 7.715   -8.803  11.306  1.00 10.22 ? 22   LEU A CA  1 
ATOM   170  C C   . LEU A 1 22 ? 7.511   -7.414  11.909  1.00 10.97 ? 22   LEU A C   1 
ATOM   171  O O   . LEU A 1 22 ? 6.349   -6.973  12.103  1.00 10.35 ? 22   LEU A O   1 
ATOM   172  C CB  . LEU A 1 22 ? 6.787   -8.967  10.105  1.00 10.24 ? 22   LEU A CB  1 
ATOM   173  C CG  . LEU A 1 22 ? 6.976   -7.947  8.974   1.00 11.84 ? 22   LEU A CG  1 
ATOM   174  C CD1 . LEU A 1 22 ? 8.257   -8.232  8.278   1.00 13.59 ? 22   LEU A CD1 1 
ATOM   175  C CD2 . LEU A 1 22 ? 5.865   -7.972  7.951   1.00 10.84 ? 22   LEU A CD2 1 
ATOM   176  N N   . GLY A 1 23 ? 8.603   -6.718  12.228  1.00 10.64 ? 23   GLY A N   1 
ATOM   177  C CA  . GLY A 1 23 ? 8.468   -5.382  12.735  1.00 11.36 ? 23   GLY A CA  1 
ATOM   178  C C   . GLY A 1 23 ? 8.248   -4.367  11.620  1.00 11.63 ? 23   GLY A C   1 
ATOM   179  O O   . GLY A 1 23 ? 8.621   -4.594  10.469  1.00 11.46 ? 23   GLY A O   1 
ATOM   180  N N   . PHE A 1 24 ? 7.630   -3.244  11.978  1.00 11.11 ? 24   PHE A N   1 
ATOM   181  C CA  . PHE A 1 24 ? 7.421   -2.127  11.052  1.00 11.46 ? 24   PHE A CA  1 
ATOM   182  C C   . PHE A 1 24 ? 7.228   -0.803  11.778  1.00 12.03 ? 24   PHE A C   1 
ATOM   183  O O   . PHE A 1 24 ? 7.058   -0.764  12.992  1.00 11.62 ? 24   PHE A O   1 
ATOM   184  C CB  . PHE A 1 24 ? 6.227   -2.356  10.103  1.00 10.96 ? 24   PHE A CB  1 
ATOM   185  C CG  . PHE A 1 24 ? 4.947   -2.809  10.781  1.00 9.70  ? 24   PHE A CG  1 
ATOM   186  C CD1 . PHE A 1 24 ? 4.145   -1.919  11.543  1.00 12.39 ? 24   PHE A CD1 1 
ATOM   187  C CD2 . PHE A 1 24 ? 4.521   -4.104  10.629  1.00 11.61 ? 24   PHE A CD2 1 
ATOM   188  C CE1 . PHE A 1 24 ? 2.939   -2.361  12.130  1.00 10.34 ? 24   PHE A CE1 1 
ATOM   189  C CE2 . PHE A 1 24 ? 3.310   -4.554  11.202  1.00 10.57 ? 24   PHE A CE2 1 
ATOM   190  C CZ  . PHE A 1 24 ? 2.527   -3.686  11.956  1.00 10.94 ? 24   PHE A CZ  1 
ATOM   191  N N   . ARG A 1 25 ? 7.290   0.281   11.006  1.00 13.26 ? 25   ARG A N   1 
ATOM   192  C CA  . ARG A 1 25 ? 7.008   1.603   11.519  1.00 14.49 ? 25   ARG A CA  1 
ATOM   193  C C   . ARG A 1 25 ? 5.673   2.056   10.959  1.00 14.33 ? 25   ARG A C   1 
ATOM   194  O O   . ARG A 1 25 ? 5.261   1.652   9.870   1.00 14.17 ? 25   ARG A O   1 
ATOM   195  C CB  . ARG A 1 25 ? 8.042   2.620   11.064  1.00 15.67 ? 25   ARG A CB  1 
ATOM   196  C CG  . ARG A 1 25 ? 9.508   2.222   11.186  1.00 21.18 ? 25   ARG A CG  1 
ATOM   197  C CD  . ARG A 1 25 ? 10.356  3.182   10.273  1.00 27.63 ? 25   ARG A CD  1 
ATOM   198  N NE  . ARG A 1 25 ? 10.243  4.596   10.699  1.00 31.36 ? 25   ARG A NE  1 
ATOM   199  C CZ  . ARG A 1 25 ? 11.268  5.410   10.999  1.00 34.80 ? 25   ARG A CZ  1 
ATOM   200  N NH1 . ARG A 1 25 ? 12.543  5.026   10.881  1.00 35.94 ? 25   ARG A NH1 1 
ATOM   201  N NH2 . ARG A 1 25 ? 11.015  6.640   11.417  1.00 36.96 ? 25   ARG A NH2 1 
ATOM   202  N N   . SER A 1 26 ? 5.026   2.943   11.698  1.00 13.62 ? 26   SER A N   1 
ATOM   203  C CA  . SER A 1 26 ? 3.748   3.498   11.314  1.00 13.69 ? 26   SER A CA  1 
ATOM   204  C C   . SER A 1 26 ? 3.798   4.077   9.906   1.00 12.68 ? 26   SER A C   1 
ATOM   205  O O   . SER A 1 26 ? 4.830   4.592   9.460   1.00 13.36 ? 26   SER A O   1 
ATOM   206  C CB  . SER A 1 26 ? 3.358   4.583   12.328  1.00 14.20 ? 26   SER A CB  1 
ATOM   207  O OG  . SER A 1 26 ? 2.180   5.242   11.909  1.00 16.41 ? 26   SER A OG  1 
ATOM   208  N N   . GLY A 1 27 ? 2.716   3.905   9.167   1.00 12.40 ? 27   GLY A N   1 
ATOM   209  C CA  . GLY A 1 27 ? 2.621   4.380   7.775   1.00 11.96 ? 27   GLY A CA  1 
ATOM   210  C C   . GLY A 1 27 ? 3.154   3.438   6.677   1.00 11.54 ? 27   GLY A C   1 
ATOM   211  O O   . GLY A 1 27 ? 2.849   3.626   5.500   1.00 10.99 ? 27   GLY A O   1 
ATOM   212  N N   . GLU A 1 28 ? 3.952   2.445   7.049   1.00 11.58 ? 28   GLU A N   1 
ATOM   213  C CA  . GLU A 1 28 ? 4.489   1.499   6.074   1.00 11.02 ? 28   GLU A CA  1 
ATOM   214  C C   . GLU A 1 28 ? 3.356   0.650   5.502   1.00 11.45 ? 28   GLU A C   1 
ATOM   215  O O   . GLU A 1 28 ? 2.387   0.364   6.193   1.00 11.70 ? 28   GLU A O   1 
ATOM   216  C CB  . GLU A 1 28 ? 5.602   0.637   6.666   1.00 10.67 ? 28   GLU A CB  1 
ATOM   217  C CG  . GLU A 1 28 ? 6.814   1.486   7.013   1.00 11.77 ? 28   GLU A CG  1 
ATOM   218  C CD  . GLU A 1 28 ? 8.025   0.727   7.283   1.00 8.33  ? 28   GLU A CD  1 
ATOM   219  O OE1 . GLU A 1 28 ? 8.980   0.815   6.487   1.00 14.55 ? 28   GLU A OE1 1 
ATOM   220  O OE2 . GLU A 1 28 ? 8.070   -0.021  8.264   1.00 9.40  ? 28   GLU A OE2 1 
ATOM   221  N N   . VAL A 1 29 ? 3.445   0.325   4.213   1.00 11.36 ? 29   VAL A N   1 
ATOM   222  C CA  . VAL A 1 29 ? 2.452   -0.536  3.580   1.00 11.96 ? 29   VAL A CA  1 
ATOM   223  C C   . VAL A 1 29 ? 2.991   -1.988  3.563   1.00 12.35 ? 29   VAL A C   1 
ATOM   224  O O   . VAL A 1 29 ? 4.009   -2.291  2.924   1.00 13.11 ? 29   VAL A O   1 
ATOM   225  C CB  . VAL A 1 29 ? 2.034   -0.042  2.184   1.00 11.96 ? 29   VAL A CB  1 
ATOM   226  C CG1 . VAL A 1 29 ? 0.984   -1.002  1.609   1.00 13.64 ? 29   VAL A CG1 1 
ATOM   227  C CG2 . VAL A 1 29 ? 1.383   1.363   2.263   1.00 11.49 ? 29   VAL A CG2 1 
ATOM   228  N N   . VAL A 1 30 ? 2.321   -2.854  4.312   1.00 11.55 ? 30   VAL A N   1 
ATOM   229  C CA  . VAL A 1 30 ? 2.710   -4.245  4.464   1.00 11.55 ? 30   VAL A CA  1 
ATOM   230  C C   . VAL A 1 30 ? 1.920   -5.137  3.505   1.00 11.11 ? 30   VAL A C   1 
ATOM   231  O O   . VAL A 1 30 ? 0.716   -4.970  3.341   1.00 10.48 ? 30   VAL A O   1 
ATOM   232  C CB  . VAL A 1 30 ? 2.432   -4.696  5.919   1.00 11.92 ? 30   VAL A CB  1 
ATOM   233  C CG1 . VAL A 1 30 ? 2.728   -6.183  6.094   1.00 11.97 ? 30   VAL A CG1 1 
ATOM   234  C CG2 . VAL A 1 30 ? 3.255   -3.826  6.904   1.00 12.39 ? 30   VAL A CG2 1 
ATOM   235  N N   . GLU A 1 31 ? 2.606   -6.051  2.833   1.00 10.89 ? 31   GLU A N   1 
ATOM   236  C CA  . GLU A 1 31 ? 1.936   -7.109  2.082   1.00 11.24 ? 31   GLU A CA  1 
ATOM   237  C C   . GLU A 1 31 ? 1.384   -8.156  3.028   1.00 10.98 ? 31   GLU A C   1 
ATOM   238  O O   . GLU A 1 31 ? 2.140   -8.770  3.759   1.00 10.48 ? 31   GLU A O   1 
ATOM   239  C CB  . GLU A 1 31 ? 2.886   -7.776  1.089   1.00 12.08 ? 31   GLU A CB  1 
ATOM   240  C CG  . GLU A 1 31 ? 2.122   -8.602  0.098   1.00 14.72 ? 31   GLU A CG  1 
ATOM   241  C CD  . GLU A 1 31 ? 2.971   -9.525  -0.731  1.00 19.19 ? 31   GLU A CD  1 
ATOM   242  O OE1 . GLU A 1 31 ? 4.203   -9.590  -0.542  1.00 19.21 ? 31   GLU A OE1 1 
ATOM   243  O OE2 . GLU A 1 31 ? 2.365   -10.203 -1.577  1.00 24.41 ? 31   GLU A OE2 1 
ATOM   244  N N   . VAL A 1 32 ? 0.064   -8.324  3.041   1.00 10.52 ? 32   VAL A N   1 
ATOM   245  C CA  . VAL A 1 32 ? -0.565  -9.329  3.907   1.00 10.41 ? 32   VAL A CA  1 
ATOM   246  C C   . VAL A 1 32 ? -0.727  -10.630 3.144   1.00 11.01 ? 32   VAL A C   1 
ATOM   247  O O   . VAL A 1 32 ? -1.408  -10.690 2.104   1.00 11.70 ? 32   VAL A O   1 
ATOM   248  C CB  . VAL A 1 32 ? -1.893  -8.832  4.508   1.00 10.17 ? 32   VAL A CB  1 
ATOM   249  C CG1 . VAL A 1 32 ? -2.490  -9.863  5.514   1.00 10.34 ? 32   VAL A CG1 1 
ATOM   250  C CG2 . VAL A 1 32 ? -1.684  -7.449  5.168   1.00 10.21 ? 32   VAL A CG2 1 
ATOM   251  N N   . LEU A 1 33 ? -0.097  -11.672 3.681   1.00 11.93 ? 33   LEU A N   1 
ATOM   252  C CA  . LEU A 1 33 ? -0.124  -13.011 3.129   1.00 12.78 ? 33   LEU A CA  1 
ATOM   253  C C   . LEU A 1 33 ? -1.198  -13.913 3.715   1.00 12.84 ? 33   LEU A C   1 
ATOM   254  O O   . LEU A 1 33 ? -1.665  -14.833 3.041   1.00 12.59 ? 33   LEU A O   1 
ATOM   255  C CB  . LEU A 1 33 ? 1.233   -13.651 3.336   1.00 13.88 ? 33   LEU A CB  1 
ATOM   256  C CG  . LEU A 1 33 ? 2.429   -12.914 2.721   1.00 14.99 ? 33   LEU A CG  1 
ATOM   257  C CD1 . LEU A 1 33 ? 3.627   -13.840 2.786   1.00 16.59 ? 33   LEU A CD1 1 
ATOM   258  C CD2 . LEU A 1 33 ? 2.158   -12.456 1.312   1.00 20.67 ? 33   LEU A CD2 1 
ATOM   259  N N   . ASP A 1 34 ? -1.584  -13.651 4.969   1.00 12.02 ? 34   ASP A N   1 
ATOM   260  C CA  . ASP A 1 34 ? -2.593  -14.413 5.686   1.00 12.11 ? 34   ASP A CA  1 
ATOM   261  C C   . ASP A 1 34 ? -3.267  -13.511 6.705   1.00 11.71 ? 34   ASP A C   1 
ATOM   262  O O   . ASP A 1 34 ? -2.596  -13.010 7.622   1.00 11.83 ? 34   ASP A O   1 
ATOM   263  C CB  . ASP A 1 34 ? -1.913  -15.547 6.441   1.00 12.68 ? 34   ASP A CB  1 
ATOM   264  C CG  . ASP A 1 34 ? -2.853  -16.639 6.828   1.00 15.18 ? 34   ASP A CG  1 
ATOM   265  O OD1 . ASP A 1 34 ? -4.096  -16.416 7.015   1.00 15.43 ? 34   ASP A OD1 1 
ATOM   266  O OD2 . ASP A 1 34 ? -2.336  -17.765 6.904   1.00 17.33 ? 34   ASP A OD2 1 
ATOM   267  N N   . SER A 1 35 ? -4.574  -13.316 6.548   1.00 11.15 ? 35   SER A N   1 
ATOM   268  C CA  . SER A 1 35 ? -5.374  -12.464 7.417   1.00 11.05 ? 35   SER A CA  1 
ATOM   269  C C   . SER A 1 35 ? -6.478  -13.211 8.157   1.00 10.64 ? 35   SER A C   1 
ATOM   270  O O   . SER A 1 35 ? -7.421  -12.593 8.622   1.00 10.99 ? 35   SER A O   1 
ATOM   271  C CB  . SER A 1 35 ? -5.982  -11.297 6.611   1.00 11.55 ? 35   SER A CB  1 
ATOM   272  O OG  . SER A 1 35 ? -6.750  -11.731 5.492   1.00 10.90 ? 35   SER A OG  1 
ATOM   273  N N   . SER A 1 36 ? -6.342  -14.528 8.309   1.00 11.01 ? 36   SER A N   1 
ATOM   274  C CA  . SER A 1 36 ? -7.422  -15.349 8.860   1.00 12.19 ? 36   SER A CA  1 
ATOM   275  C C   . SER A 1 36 ? -7.356  -15.530 10.359  1.00 12.33 ? 36   SER A C   1 
ATOM   276  O O   . SER A 1 36 ? -8.381  -15.885 10.979  1.00 12.80 ? 36   SER A O   1 
ATOM   277  C CB  . SER A 1 36 ? -7.443  -16.738 8.209   1.00 11.69 ? 36   SER A CB  1 
ATOM   278  O OG  . SER A 1 36 ? -6.291  -17.491 8.551   1.00 14.29 ? 36   SER A OG  1 
ATOM   279  N N   . ASN A 1 37 ? -6.174  -15.348 10.958  1.00 11.79 ? 37   ASN A N   1 
ATOM   280  C CA  . ASN A 1 37 ? -6.049  -15.467 12.413  1.00 11.64 ? 37   ASN A CA  1 
ATOM   281  C C   . ASN A 1 37 ? -6.471  -14.131 13.017  1.00 11.40 ? 37   ASN A C   1 
ATOM   282  O O   . ASN A 1 37 ? -6.019  -13.079 12.544  1.00 10.04 ? 37   ASN A O   1 
ATOM   283  C CB  . ASN A 1 37 ? -4.596  -15.779 12.797  1.00 11.79 ? 37   ASN A CB  1 
ATOM   284  C CG  . ASN A 1 37 ? -4.429  -16.064 14.249  1.00 12.33 ? 37   ASN A CG  1 
ATOM   285  O OD1 . ASN A 1 37 ? -4.484  -15.161 15.077  1.00 13.33 ? 37   ASN A OD1 1 
ATOM   286  N ND2 . ASN A 1 37 ? -4.186  -17.330 14.585  1.00 14.44 ? 37   ASN A ND2 1 
ATOM   287  N N   . PRO A 1 38 ? -7.326  -14.155 14.049  1.00 10.52 ? 38   PRO A N   1 
ATOM   288  C CA  . PRO A 1 38 ? -7.830  -12.861 14.495  1.00 10.88 ? 38   PRO A CA  1 
ATOM   289  C C   . PRO A 1 38 ? -6.811  -11.997 15.253  1.00 10.31 ? 38   PRO A C   1 
ATOM   290  O O   . PRO A 1 38 ? -7.069  -10.817 15.422  1.00 10.08 ? 38   PRO A O   1 
ATOM   291  C CB  . PRO A 1 38 ? -9.000  -13.217 15.414  1.00 11.37 ? 38   PRO A CB  1 
ATOM   292  C CG  . PRO A 1 38 ? -9.157  -14.694 15.334  1.00 12.50 ? 38   PRO A CG  1 
ATOM   293  C CD  . PRO A 1 38 ? -7.980  -15.278 14.724  1.00 11.54 ? 38   PRO A CD  1 
ATOM   294  N N   . SER A 1 39 ? -5.716  -12.605 15.732  1.00 9.23  ? 39   SER A N   1 
ATOM   295  C CA  . SER A 1 39 ? -4.709  -11.927 16.533  1.00 9.23  ? 39   SER A CA  1 
ATOM   296  C C   . SER A 1 39 ? -3.448  -11.600 15.741  1.00 8.92  ? 39   SER A C   1 
ATOM   297  O O   . SER A 1 39 ? -2.924  -10.495 15.852  1.00 7.31  ? 39   SER A O   1 
ATOM   298  C CB  . SER A 1 39 ? -4.353  -12.767 17.756  1.00 9.78  ? 39   SER A CB  1 
ATOM   299  O OG  . SER A 1 39 ? -5.361  -12.635 18.754  1.00 10.94 ? 39   SER A OG  1 
ATOM   300  N N   . TRP A 1 40 ? -2.961  -12.574 14.963  1.00 8.88  ? 40   TRP A N   1 
ATOM   301  C CA  . TRP A 1 40 ? -1.688  -12.485 14.274  1.00 8.37  ? 40   TRP A CA  1 
ATOM   302  C C   . TRP A 1 40 ? -1.794  -12.689 12.758  1.00 9.00  ? 40   TRP A C   1 
ATOM   303  O O   . TRP A 1 40 ? -2.170  -13.772 12.307  1.00 9.67  ? 40   TRP A O   1 
ATOM   304  C CB  . TRP A 1 40 ? -0.721  -13.535 14.830  1.00 8.40  ? 40   TRP A CB  1 
ATOM   305  C CG  . TRP A 1 40 ? -0.320  -13.368 16.275  1.00 9.40  ? 40   TRP A CG  1 
ATOM   306  C CD1 . TRP A 1 40 ? -0.808  -14.055 17.344  1.00 8.62  ? 40   TRP A CD1 1 
ATOM   307  C CD2 . TRP A 1 40 ? 0.675   -12.476 16.800  1.00 9.30  ? 40   TRP A CD2 1 
ATOM   308  N NE1 . TRP A 1 40 ? -0.197  -13.642 18.492  1.00 11.02 ? 40   TRP A NE1 1 
ATOM   309  C CE2 . TRP A 1 40 ? 0.733   -12.686 18.189  1.00 9.97  ? 40   TRP A CE2 1 
ATOM   310  C CE3 . TRP A 1 40 ? 1.530   -11.539 16.228  1.00 9.15  ? 40   TRP A CE3 1 
ATOM   311  C CZ2 . TRP A 1 40 ? 1.597   -11.974 19.019  1.00 10.70 ? 40   TRP A CZ2 1 
ATOM   312  C CZ3 . TRP A 1 40 ? 2.395   -10.826 17.054  1.00 10.47 ? 40   TRP A CZ3 1 
ATOM   313  C CH2 . TRP A 1 40 ? 2.420   -11.050 18.432  1.00 11.39 ? 40   TRP A CH2 1 
ATOM   314  N N   . TRP A 1 41 ? -1.432  -11.677 11.969  1.00 7.87  ? 41   TRP A N   1 
ATOM   315  C CA  . TRP A 1 41 ? -1.434  -11.810 10.544  1.00 8.38  ? 41   TRP A CA  1 
ATOM   316  C C   . TRP A 1 41 ? -0.006  -12.018 10.092  1.00 9.26  ? 41   TRP A C   1 
ATOM   317  O O   . TRP A 1 41 ? 0.952   -11.707 10.823  1.00 9.02  ? 41   TRP A O   1 
ATOM   318  C CB  . TRP A 1 41 ? -2.020  -10.588 9.864   1.00 8.65  ? 41   TRP A CB  1 
ATOM   319  C CG  . TRP A 1 41 ? -3.494  -10.439 10.087  1.00 8.16  ? 41   TRP A CG  1 
ATOM   320  C CD1 . TRP A 1 41 ? -4.322  -11.305 10.758  1.00 6.21  ? 41   TRP A CD1 1 
ATOM   321  C CD2 . TRP A 1 41 ? -4.316  -9.385  9.604   1.00 7.15  ? 41   TRP A CD2 1 
ATOM   322  N NE1 . TRP A 1 41 ? -5.614  -10.833 10.719  1.00 8.09  ? 41   TRP A NE1 1 
ATOM   323  C CE2 . TRP A 1 41 ? -5.636  -9.662  10.006  1.00 6.14  ? 41   TRP A CE2 1 
ATOM   324  C CE3 . TRP A 1 41 ? -4.069  -8.239  8.838   1.00 7.34  ? 41   TRP A CE3 1 
ATOM   325  C CZ2 . TRP A 1 41 ? -6.698  -8.796  9.732   1.00 5.19  ? 41   TRP A CZ2 1 
ATOM   326  C CZ3 . TRP A 1 41 ? -5.120  -7.395  8.549   1.00 8.24  ? 41   TRP A CZ3 1 
ATOM   327  C CH2 . TRP A 1 41 ? -6.425  -7.685  8.987   1.00 7.83  ? 41   TRP A CH2 1 
ATOM   328  N N   . THR A 1 42 ? 0.125   -12.574 8.890   1.00 9.65  ? 42   THR A N   1 
ATOM   329  C CA  . THR A 1 42 ? 1.419   -12.826 8.284   1.00 9.76  ? 42   THR A CA  1 
ATOM   330  C C   . THR A 1 42 ? 1.633   -11.792 7.175   1.00 9.66  ? 42   THR A C   1 
ATOM   331  O O   . THR A 1 42 ? 0.737   -11.546 6.369   1.00 9.58  ? 42   THR A O   1 
ATOM   332  C CB  . THR A 1 42 ? 1.449   -14.231 7.664   1.00 10.67 ? 42   THR A CB  1 
ATOM   333  O OG1 . THR A 1 42 ? 1.113   -15.190 8.701   1.00 11.05 ? 42   THR A OG1 1 
ATOM   334  C CG2 . THR A 1 42 ? 2.798   -14.500 7.063   1.00 12.65 ? 42   THR A CG2 1 
ATOM   335  N N   . GLY A 1 43 ? 2.817   -11.199 7.142   1.00 9.58  ? 43   GLY A N   1 
ATOM   336  C CA  . GLY A 1 43 ? 3.094   -10.190 6.159   1.00 9.77  ? 43   GLY A CA  1 
ATOM   337  C C   . GLY A 1 43 ? 4.489   -10.291 5.641   1.00 11.38 ? 43   GLY A C   1 
ATOM   338  O O   . GLY A 1 43 ? 5.328   -11.016 6.196   1.00 10.05 ? 43   GLY A O   1 
ATOM   339  N N   . ARG A 1 44 ? 4.705   -9.551  4.542   1.00 11.60 ? 44   ARG A N   1 
ATOM   340  C CA  A ARG A 1 44 ? 6.033   -9.366  3.961   0.50 12.27 ? 44   ARG A CA  1 
ATOM   341  C CA  B ARG A 1 44 ? 6.023   -9.380  3.935   0.50 12.43 ? 44   ARG A CA  1 
ATOM   342  C C   . ARG A 1 44 ? 6.305   -7.877  3.844   1.00 12.42 ? 44   ARG A C   1 
ATOM   343  O O   . ARG A 1 44 ? 5.424   -7.090  3.439   1.00 11.83 ? 44   ARG A O   1 
ATOM   344  C CB  A ARG A 1 44 ? 6.159   -10.031 2.580   0.50 12.23 ? 44   ARG A CB  1 
ATOM   345  C CB  B ARG A 1 44 ? 6.083   -10.043 2.537   0.50 12.58 ? 44   ARG A CB  1 
ATOM   346  C CG  A ARG A 1 44 ? 7.525   -9.831  1.931   0.50 12.75 ? 44   ARG A CG  1 
ATOM   347  C CG  B ARG A 1 44 ? 7.471   -10.075 1.907   0.50 13.21 ? 44   ARG A CG  1 
ATOM   348  C CD  A ARG A 1 44 ? 7.801   -10.827 0.826   0.50 15.28 ? 44   ARG A CD  1 
ATOM   349  C CD  B ARG A 1 44 ? 7.528   -10.710 0.501   0.50 16.12 ? 44   ARG A CD  1 
ATOM   350  N NE  A ARG A 1 44 ? 6.674   -10.969 -0.087  0.50 18.34 ? 44   ARG A NE  1 
ATOM   351  N NE  B ARG A 1 44 ? 6.649   -11.864 0.251   0.50 19.89 ? 44   ARG A NE  1 
ATOM   352  C CZ  A ARG A 1 44 ? 5.976   -12.090 -0.228  0.50 18.54 ? 44   ARG A CZ  1 
ATOM   353  C CZ  B ARG A 1 44 ? 6.928   -13.128 0.579   0.50 21.35 ? 44   ARG A CZ  1 
ATOM   354  N NH1 A ARG A 1 44 ? 6.304   -13.165 0.469   0.50 20.09 ? 44   ARG A NH1 1 
ATOM   355  N NH1 B ARG A 1 44 ? 8.044   -13.454 1.232   0.50 21.87 ? 44   ARG A NH1 1 
ATOM   356  N NH2 A ARG A 1 44 ? 4.970   -12.145 -1.085  0.50 19.66 ? 44   ARG A NH2 1 
ATOM   357  N NH2 B ARG A 1 44 ? 6.067   -14.081 0.268   0.50 23.33 ? 44   ARG A NH2 1 
ATOM   358  N N   . LEU A 1 45 ? 7.516   -7.488  4.228   1.00 11.96 ? 45   LEU A N   1 
ATOM   359  C CA  . LEU A 1 45 ? 7.958   -6.093  4.178   1.00 12.74 ? 45   LEU A CA  1 
ATOM   360  C C   . LEU A 1 45 ? 9.485   -6.112  4.115   1.00 13.87 ? 45   LEU A C   1 
ATOM   361  O O   . LEU A 1 45 ? 10.135  -6.817  4.885   1.00 13.53 ? 45   LEU A O   1 
ATOM   362  C CB  . LEU A 1 45 ? 7.509   -5.333  5.433   1.00 12.74 ? 45   LEU A CB  1 
ATOM   363  C CG  . LEU A 1 45 ? 7.786   -3.826  5.562   1.00 14.17 ? 45   LEU A CG  1 
ATOM   364  C CD1 . LEU A 1 45 ? 7.049   -3.082  4.453   1.00 16.85 ? 45   LEU A CD1 1 
ATOM   365  C CD2 . LEU A 1 45 ? 7.336   -3.275  6.898   1.00 9.87  ? 45   LEU A CD2 1 
ATOM   366  N N   . HIS A 1 46 ? 10.025  -5.364  3.167   1.00 15.71 ? 46   HIS A N   1 
ATOM   367  C CA  . HIS A 1 46 ? 11.437  -5.286  2.886   1.00 16.86 ? 46   HIS A CA  1 
ATOM   368  C C   . HIS A 1 46 ? 12.088  -6.655  2.877   1.00 17.22 ? 46   HIS A C   1 
ATOM   369  O O   . HIS A 1 46 ? 13.151  -6.847  3.501   1.00 16.82 ? 46   HIS A O   1 
ATOM   370  C CB  . HIS A 1 46 ? 12.158  -4.385  3.886   1.00 17.76 ? 46   HIS A CB  1 
ATOM   371  C CG  . HIS A 1 46 ? 11.428  -3.122  4.203   1.00 19.17 ? 46   HIS A CG  1 
ATOM   372  N ND1 . HIS A 1 46 ? 11.298  -2.654  5.490   1.00 23.32 ? 46   HIS A ND1 1 
ATOM   373  C CD2 . HIS A 1 46 ? 10.773  -2.242  3.411   1.00 20.18 ? 46   HIS A CD2 1 
ATOM   374  C CE1 . HIS A 1 46 ? 10.605  -1.527  5.479   1.00 22.09 ? 46   HIS A CE1 1 
ATOM   375  N NE2 . HIS A 1 46 ? 10.270  -1.256  4.230   1.00 21.01 ? 46   HIS A NE2 1 
ATOM   376  N N   . ASN A 1 47 ? 11.442  -7.588  2.190   1.00 18.47 ? 47   ASN A N   1 
ATOM   377  C CA  . ASN A 1 47 ? 11.991  -8.924  1.982   1.00 19.90 ? 47   ASN A CA  1 
ATOM   378  C C   . ASN A 1 47 ? 12.112  -9.681  3.299   1.00 19.88 ? 47   ASN A C   1 
ATOM   379  O O   . ASN A 1 47 ? 12.961  -10.582 3.438   1.00 21.12 ? 47   ASN A O   1 
ATOM   380  C CB  . ASN A 1 47 ? 13.373  -8.782  1.334   1.00 20.37 ? 47   ASN A CB  1 
ATOM   381  C CG  . ASN A 1 47 ? 13.669  -9.856  0.356   1.00 24.61 ? 47   ASN A CG  1 
ATOM   382  O OD1 . ASN A 1 47 ? 12.889  -10.104 -0.567  1.00 28.94 ? 47   ASN A OD1 1 
ATOM   383  N ND2 . ASN A 1 47 ? 14.809  -10.520 0.540   1.00 30.57 ? 47   ASN A ND2 1 
ATOM   384  N N   . LYS A 1 48 ? 11.303  -9.301  4.292   1.00 18.64 ? 48   LYS A N   1 
ATOM   385  C CA  . LYS A 1 48 ? 11.233  -10.089 5.512   1.00 18.28 ? 48   LYS A CA  1 
ATOM   386  C C   . LYS A 1 48 ? 9.805   -10.562 5.672   1.00 17.02 ? 48   LYS A C   1 
ATOM   387  O O   . LYS A 1 48 ? 8.878   -9.823  5.355   1.00 15.16 ? 48   LYS A O   1 
ATOM   388  C CB  . LYS A 1 48 ? 11.814  -9.338  6.737   1.00 18.92 ? 48   LYS A CB  1 
ATOM   389  C CG  . LYS A 1 48 ? 11.008  -8.191  7.342   1.00 22.13 ? 48   LYS A CG  1 
ATOM   390  C CD  . LYS A 1 48 ? 11.869  -6.958  7.679   1.00 23.48 ? 48   LYS A CD  1 
ATOM   391  C CE  . LYS A 1 48 ? 11.052  -5.661  7.669   1.00 24.12 ? 48   LYS A CE  1 
ATOM   392  N NZ  . LYS A 1 48 ? 10.460  -5.354  9.055   1.00 25.11 ? 48   LYS A NZ  1 
ATOM   393  N N   . LEU A 1 49 ? 9.669   -11.825 6.104   1.00 15.88 ? 49   LEU A N   1 
ATOM   394  C CA  . LEU A 1 49 ? 8.387   -12.481 6.315   1.00 16.28 ? 49   LEU A CA  1 
ATOM   395  C C   . LEU A 1 49 ? 8.177   -12.605 7.822   1.00 14.82 ? 49   LEU A C   1 
ATOM   396  O O   . LEU A 1 49 ? 9.124   -12.910 8.564   1.00 14.10 ? 49   LEU A O   1 
ATOM   397  C CB  . LEU A 1 49 ? 8.448   -13.876 5.707   1.00 17.60 ? 49   LEU A CB  1 
ATOM   398  C CG  . LEU A 1 49 ? 7.200   -14.750 5.481   1.00 20.66 ? 49   LEU A CG  1 
ATOM   399  C CD1 . LEU A 1 49 ? 7.526   -16.222 5.779   1.00 23.01 ? 49   LEU A CD1 1 
ATOM   400  C CD2 . LEU A 1 49 ? 6.012   -14.329 6.286   1.00 24.80 ? 49   LEU A CD2 1 
ATOM   401  N N   . GLY A 1 50 ? 6.950   -12.389 8.299   1.00 13.25 ? 50   GLY A N   1 
ATOM   402  C CA  . GLY A 1 50 ? 6.678   -12.669 9.697   1.00 11.50 ? 50   GLY A CA  1 
ATOM   403  C C   . GLY A 1 50 ? 5.304   -12.307 10.162  1.00 10.41 ? 50   GLY A C   1 
ATOM   404  O O   . GLY A 1 50 ? 4.490   -11.801 9.378   1.00 9.93  ? 50   GLY A O   1 
ATOM   405  N N   . LEU A 1 51 ? 5.080   -12.537 11.454  1.00 8.94  ? 51   LEU A N   1 
ATOM   406  C CA  . LEU A 1 51 ? 3.785   -12.270 12.085  1.00 9.27  ? 51   LEU A CA  1 
ATOM   407  C C   . LEU A 1 51 ? 3.762   -10.904 12.757  1.00 9.28  ? 51   LEU A C   1 
ATOM   408  O O   . LEU A 1 51 ? 4.792   -10.410 13.229  1.00 7.95  ? 51   LEU A O   1 
ATOM   409  C CB  . LEU A 1 51 ? 3.499   -13.328 13.114  1.00 10.38 ? 51   LEU A CB  1 
ATOM   410  C CG  . LEU A 1 51 ? 3.446   -14.742 12.524  1.00 11.92 ? 51   LEU A CG  1 
ATOM   411  C CD1 . LEU A 1 51 ? 3.748   -15.768 13.554  1.00 13.91 ? 51   LEU A CD1 1 
ATOM   412  C CD2 . LEU A 1 51 ? 2.096   -15.022 11.860  1.00 12.60 ? 51   LEU A CD2 1 
ATOM   413  N N   . PHE A 1 52 ? 2.579   -10.305 12.812  1.00 8.53  ? 52   PHE A N   1 
ATOM   414  C CA  . PHE A 1 52 ? 2.427   -9.000  13.389  1.00 7.69  ? 52   PHE A CA  1 
ATOM   415  C C   . PHE A 1 52 ? 1.000   -8.886  13.888  1.00 7.46  ? 52   PHE A C   1 
ATOM   416  O O   . PHE A 1 52 ? 0.097   -9.634  13.429  1.00 6.52  ? 52   PHE A O   1 
ATOM   417  C CB  . PHE A 1 52 ? 2.747   -7.893  12.369  1.00 8.17  ? 52   PHE A CB  1 
ATOM   418  C CG  . PHE A 1 52 ? 1.802   -7.846  11.195  1.00 8.10  ? 52   PHE A CG  1 
ATOM   419  C CD1 . PHE A 1 52 ? 0.603   -7.151  11.277  1.00 9.78  ? 52   PHE A CD1 1 
ATOM   420  C CD2 . PHE A 1 52 ? 2.105   -8.514  10.024  1.00 8.49  ? 52   PHE A CD2 1 
ATOM   421  C CE1 . PHE A 1 52 ? -0.280  -7.124  10.203  1.00 9.36  ? 52   PHE A CE1 1 
ATOM   422  C CE2 . PHE A 1 52 ? 1.238   -8.484  8.927   1.00 10.16 ? 52   PHE A CE2 1 
ATOM   423  C CZ  . PHE A 1 52 ? 0.050   -7.804  9.018   1.00 11.37 ? 52   PHE A CZ  1 
ATOM   424  N N   . PRO A 1 53 ? 0.751   -7.945  14.791  1.00 7.70  ? 53   PRO A N   1 
ATOM   425  C CA  . PRO A 1 53 ? -0.618  -7.876  15.319  1.00 8.74  ? 53   PRO A CA  1 
ATOM   426  C C   . PRO A 1 53 ? -1.657  -7.351  14.307  1.00 8.75  ? 53   PRO A C   1 
ATOM   427  O O   . PRO A 1 53 ? -1.456  -6.304  13.661  1.00 9.87  ? 53   PRO A O   1 
ATOM   428  C CB  . PRO A 1 53 ? -0.477  -6.914  16.500  1.00 9.47  ? 53   PRO A CB  1 
ATOM   429  C CG  . PRO A 1 53 ? 0.992   -6.905  16.819  1.00 7.31  ? 53   PRO A CG  1 
ATOM   430  C CD  . PRO A 1 53 ? 1.633   -7.010  15.501  1.00 9.06  ? 53   PRO A CD  1 
ATOM   431  N N   . ALA A 1 54 ? -2.772  -8.059  14.192  1.00 8.07  ? 54   ALA A N   1 
ATOM   432  C CA  . ALA A 1 54 ? -3.809  -7.696  13.235  1.00 8.16  ? 54   ALA A CA  1 
ATOM   433  C C   . ALA A 1 54 ? -4.370  -6.294  13.464  1.00 8.30  ? 54   ALA A C   1 
ATOM   434  O O   . ALA A 1 54 ? -4.640  -5.579  12.494  1.00 8.58  ? 54   ALA A O   1 
ATOM   435  C CB  . ALA A 1 54 ? -4.934  -8.706  13.290  1.00 8.36  ? 54   ALA A CB  1 
ATOM   436  N N   . ASN A 1 55 ? -4.524  -5.901  14.730  1.00 8.14  ? 55   ASN A N   1 
ATOM   437  C CA  . ASN A 1 55 ? -5.121  -4.587  15.057  1.00 7.70  ? 55   ASN A CA  1 
ATOM   438  C C   . ASN A 1 55 ? -4.105  -3.421  15.044  1.00 7.82  ? 55   ASN A C   1 
ATOM   439  O O   . ASN A 1 55 ? -4.446  -2.293  15.408  1.00 8.10  ? 55   ASN A O   1 
ATOM   440  C CB  . ASN A 1 55 ? -5.908  -4.664  16.359  1.00 8.04  ? 55   ASN A CB  1 
ATOM   441  C CG  . ASN A 1 55 ? -5.041  -4.889  17.566  1.00 8.13  ? 55   ASN A CG  1 
ATOM   442  O OD1 . ASN A 1 55 ? -3.803  -4.875  17.496  1.00 8.14  ? 55   ASN A OD1 1 
ATOM   443  N ND2 . ASN A 1 55 ? -5.691  -5.158  18.696  1.00 8.79  ? 55   ASN A ND2 1 
ATOM   444  N N   . TYR A 1 56 ? -2.871  -3.699  14.594  1.00 7.44  ? 56   TYR A N   1 
ATOM   445  C CA  . TYR A 1 56 ? -1.857  -2.640  14.394  1.00 7.86  ? 56   TYR A CA  1 
ATOM   446  C C   . TYR A 1 56 ? -1.902  -2.011  12.993  1.00 8.49  ? 56   TYR A C   1 
ATOM   447  O O   . TYR A 1 56 ? -1.181  -1.054  12.742  1.00 8.43  ? 56   TYR A O   1 
ATOM   448  C CB  . TYR A 1 56 ? -0.434  -3.158  14.663  1.00 7.54  ? 56   TYR A CB  1 
ATOM   449  C CG  . TYR A 1 56 ? 0.040   -3.085  16.098  1.00 6.55  ? 56   TYR A CG  1 
ATOM   450  C CD1 . TYR A 1 56 ? -0.775  -3.512  17.143  1.00 6.86  ? 56   TYR A CD1 1 
ATOM   451  C CD2 . TYR A 1 56 ? 1.296   -2.588  16.409  1.00 8.21  ? 56   TYR A CD2 1 
ATOM   452  C CE1 . TYR A 1 56 ? -0.329  -3.500  18.457  1.00 6.48  ? 56   TYR A CE1 1 
ATOM   453  C CE2 . TYR A 1 56 ? 1.754   -2.531  17.730  1.00 9.68  ? 56   TYR A CE2 1 
ATOM   454  C CZ  . TYR A 1 56 ? 0.936   -2.987  18.746  1.00 8.76  ? 56   TYR A CZ  1 
ATOM   455  O OH  . TYR A 1 56 ? 1.386   -2.960  20.030  1.00 9.55  ? 56   TYR A OH  1 
ATOM   456  N N   . VAL A 1 57 ? -2.777  -2.519  12.117  1.00 8.20  ? 57   VAL A N   1 
ATOM   457  C CA  . VAL A 1 57 ? -2.802  -2.105  10.707  1.00 8.10  ? 57   VAL A CA  1 
ATOM   458  C C   . VAL A 1 57 ? -4.226  -1.802  10.271  1.00 9.46  ? 57   VAL A C   1 
ATOM   459  O O   . VAL A 1 57 ? -5.196  -2.184  10.963  1.00 9.67  ? 57   VAL A O   1 
ATOM   460  C CB  . VAL A 1 57 ? -2.200  -3.178  9.767   1.00 7.77  ? 57   VAL A CB  1 
ATOM   461  C CG1 . VAL A 1 57 ? -0.760  -3.488  10.183  1.00 5.59  ? 57   VAL A CG1 1 
ATOM   462  C CG2 . VAL A 1 57 ? -3.069  -4.423  9.741   1.00 7.15  ? 57   VAL A CG2 1 
ATOM   463  N N   . ALA A 1 58 ? -4.314  -1.061  9.174   1.00 10.09 ? 58   ALA A N   1 
ATOM   464  C CA  . ALA A 1 58 ? -5.552  -0.822  8.459   1.00 11.32 ? 58   ALA A CA  1 
ATOM   465  C C   . ALA A 1 58 ? -5.540  -1.528  7.104   1.00 11.97 ? 58   ALA A C   1 
ATOM   466  O O   . ALA A 1 58 ? -4.752  -1.191  6.206   1.00 12.09 ? 58   ALA A O   1 
ATOM   467  C CB  . ALA A 1 58 ? -5.788  0.679   8.289   1.00 11.77 ? 58   ALA A CB  1 
ATOM   468  N N   . PRO A 1 59 ? -6.417  -2.523  6.938   1.00 13.23 ? 59   PRO A N   1 
ATOM   469  C CA  . PRO A 1 59 ? -6.557  -3.154  5.641   1.00 14.40 ? 59   PRO A CA  1 
ATOM   470  C C   . PRO A 1 59 ? -6.853  -2.085  4.578   1.00 15.00 ? 59   PRO A C   1 
ATOM   471  O O   . PRO A 1 59 ? -7.642  -1.166  4.821   1.00 14.40 ? 59   PRO A O   1 
ATOM   472  C CB  . PRO A 1 59 ? -7.767  -4.078  5.838   1.00 14.21 ? 59   PRO A CB  1 
ATOM   473  C CG  . PRO A 1 59 ? -7.899  -4.280  7.260   1.00 12.71 ? 59   PRO A CG  1 
ATOM   474  C CD  . PRO A 1 59 ? -7.346  -3.098  7.933   1.00 13.68 ? 59   PRO A CD  1 
ATOM   475  N N   . MET A 1 60 ? -6.187  -2.191  3.437   1.00 16.23 ? 60   MET A N   1 
ATOM   476  C CA  . MET A 1 60 ? -6.331  -1.215  2.366   1.00 17.63 ? 60   MET A CA  1 
ATOM   477  C C   . MET A 1 60 ? -7.326  -1.741  1.327   1.00 19.38 ? 60   MET A C   1 
ATOM   478  O O   . MET A 1 60 ? -7.508  -2.946  1.243   1.00 19.37 ? 60   MET A O   1 
ATOM   479  C CB  . MET A 1 60 ? -4.942  -0.921  1.802   1.00 18.49 ? 60   MET A CB  1 
ATOM   480  C CG  . MET A 1 60 ? -4.055  -0.211  2.857   1.00 19.32 ? 60   MET A CG  1 
ATOM   481  S SD  . MET A 1 60 ? -2.285  -0.059  2.490   1.00 27.73 ? 60   MET A SD  1 
ATOM   482  C CE  . MET A 1 60 ? -2.342  1.406   1.458   1.00 19.83 ? 60   MET A CE  1 
ATOM   483  N N   . MET A 1 61 ? -8.023  -0.827  0.627   1.00 22.32 ? 61   MET A N   1 
ATOM   484  C CA  . MET A 1 61 ? -8.846  -1.050  -0.630  1.00 23.94 ? 61   MET A CA  1 
ATOM   485  C C   . MET A 1 61 ? -10.396 -0.947  -0.570  1.00 25.25 ? 61   MET A C   1 
ATOM   486  O O   . MET A 1 61 ? -11.076 -0.325  -1.460  1.00 26.55 ? 61   MET A O   1 
ATOM   487  C CB  . MET A 1 61 ? -8.408  -2.322  -1.378  1.00 24.86 ? 61   MET A CB  1 
ATOM   488  C CG  . MET A 1 61 ? -7.052  -2.112  -1.960  1.00 25.94 ? 61   MET A CG  1 
ATOM   489  S SD  . MET A 1 61 ? -6.254  -3.538  -2.733  1.00 38.99 ? 61   MET A SD  1 
ATOM   490  C CE  . MET A 1 61 ? -5.129  -4.050  -1.429  1.00 26.97 ? 61   MET A CE  1 
ATOM   491  N N   . PRO B 1 1  ? 2.664   -10.791 -4.496  1.00 18.67 ? 1    PRO B N   1 
ATOM   492  C CA  . PRO B 1 1  ? 1.917   -9.755  -5.198  1.00 18.55 ? 1    PRO B CA  1 
ATOM   493  C C   . PRO B 1 1  ? 1.696   -10.086 -6.698  1.00 17.71 ? 1    PRO B C   1 
ATOM   494  O O   . PRO B 1 1  ? 2.527   -10.737 -7.341  1.00 16.39 ? 1    PRO B O   1 
ATOM   495  C CB  . PRO B 1 1  ? 2.797   -8.494  -5.005  1.00 18.63 ? 1    PRO B CB  1 
ATOM   496  C CG  . PRO B 1 1  ? 4.144   -8.982  -4.439  1.00 19.36 ? 1    PRO B CG  1 
ATOM   497  C CD  . PRO B 1 1  ? 4.105   -10.501 -4.502  1.00 19.42 ? 1    PRO B CD  1 
ATOM   498  N N   . LEU B 1 2  ? 0.563   -9.644  -7.221  1.00 16.33 ? 2    LEU B N   1 
ATOM   499  C CA  . LEU B 1 2  ? 0.163   -9.950  -8.571  1.00 16.89 ? 2    LEU B CA  1 
ATOM   500  C C   . LEU B 1 2  ? 0.822   -9.044  -9.602  1.00 16.65 ? 2    LEU B C   1 
ATOM   501  O O   . LEU B 1 2  ? 0.666   -9.254  -10.799 1.00 16.51 ? 2    LEU B O   1 
ATOM   502  C CB  . LEU B 1 2  ? -1.367  -9.812  -8.708  1.00 16.58 ? 2    LEU B CB  1 
ATOM   503  C CG  . LEU B 1 2  ? -2.204  -10.874 -7.989  1.00 17.51 ? 2    LEU B CG  1 
ATOM   504  C CD1 . LEU B 1 2  ? -3.712  -10.528 -8.112  1.00 16.25 ? 2    LEU B CD1 1 
ATOM   505  C CD2 . LEU B 1 2  ? -1.891  -12.284 -8.534  1.00 17.33 ? 2    LEU B CD2 1 
ATOM   506  N N   . GLY B 1 3  ? 1.492   -7.999  -9.149  1.00 16.95 ? 3    GLY B N   1 
ATOM   507  C CA  . GLY B 1 3  ? 2.166   -7.093  -10.078 1.00 16.39 ? 3    GLY B CA  1 
ATOM   508  C C   . GLY B 1 3  ? 3.285   -6.357  -9.377  1.00 16.02 ? 3    GLY B C   1 
ATOM   509  O O   . GLY B 1 3  ? 3.514   -6.526  -8.179  1.00 16.69 ? 3    GLY B O   1 
ATOM   510  N N   . SER B 1 4  ? 4.002   -5.553  -10.130 1.00 15.06 ? 4    SER B N   1 
ATOM   511  C CA  . SER B 1 4  ? 5.162   -4.866  -9.588  1.00 15.55 ? 4    SER B CA  1 
ATOM   512  C C   . SER B 1 4  ? 4.830   -3.662  -8.682  1.00 14.39 ? 4    SER B C   1 
ATOM   513  O O   . SER B 1 4  ? 5.653   -3.290  -7.826  1.00 15.31 ? 4    SER B O   1 
ATOM   514  C CB  . SER B 1 4  ? 6.088   -4.423  -10.725 1.00 15.62 ? 4    SER B CB  1 
ATOM   515  O OG  . SER B 1 4  ? 6.783   -5.568  -11.244 1.00 18.30 ? 4    SER B OG  1 
ATOM   516  N N   . VAL B 1 5  ? 3.684   -3.025  -8.877  1.00 13.99 ? 5    VAL B N   1 
ATOM   517  C CA  . VAL B 1 5  ? 3.336   -1.851  -8.063  1.00 13.66 ? 5    VAL B CA  1 
ATOM   518  C C   . VAL B 1 5  ? 1.858   -1.850  -7.733  1.00 13.50 ? 5    VAL B C   1 
ATOM   519  O O   . VAL B 1 5  ? 1.015   -2.028  -8.630  1.00 13.15 ? 5    VAL B O   1 
ATOM   520  C CB  . VAL B 1 5  ? 3.672   -0.508  -8.789  1.00 14.05 ? 5    VAL B CB  1 
ATOM   521  C CG1 . VAL B 1 5  ? 3.359   0.692   -7.898  1.00 12.34 ? 5    VAL B CG1 1 
ATOM   522  C CG2 . VAL B 1 5  ? 5.150   -0.469  -9.206  1.00 17.45 ? 5    VAL B CG2 1 
ATOM   523  N N   . ARG B 1 6  ? 1.539   -1.654  -6.450  1.00 12.65 ? 6    ARG B N   1 
ATOM   524  C CA  . ARG B 1 6  ? 0.148   -1.510  -6.023  1.00 12.73 ? 6    ARG B CA  1 
ATOM   525  C C   . ARG B 1 6  ? -0.115  -0.195  -5.290  1.00 12.45 ? 6    ARG B C   1 
ATOM   526  O O   . ARG B 1 6  ? -1.257  0.238   -5.235  1.00 12.80 ? 6    ARG B O   1 
ATOM   527  C CB  . ARG B 1 6  ? -0.311  -2.721  -5.184  1.00 13.28 ? 6    ARG B CB  1 
ATOM   528  C CG  . ARG B 1 6  ? -1.825  -2.736  -4.795  1.00 13.52 ? 6    ARG B CG  1 
ATOM   529  C CD  . ARG B 1 6  ? -2.787  -2.913  -5.993  1.00 14.65 ? 6    ARG B CD  1 
ATOM   530  N NE  . ARG B 1 6  ? -2.561  -4.188  -6.687  1.00 16.78 ? 6    ARG B NE  1 
ATOM   531  C CZ  . ARG B 1 6  ? -2.677  -4.398  -7.995  1.00 19.41 ? 6    ARG B CZ  1 
ATOM   532  N NH1 . ARG B 1 6  ? -2.996  -3.422  -8.823  1.00 21.35 ? 6    ARG B NH1 1 
ATOM   533  N NH2 . ARG B 1 6  ? -2.460  -5.600  -8.492  1.00 21.35 ? 6    ARG B NH2 1 
ATOM   534  N N   . TRP B 1 7  ? 0.930   0.427   -4.744  1.00 12.24 ? 7    TRP B N   1 
ATOM   535  C CA  . TRP B 1 7  ? 0.798   1.649   -3.917  1.00 12.00 ? 7    TRP B CA  1 
ATOM   536  C C   . TRP B 1 7  ? 1.882   2.596   -4.288  1.00 12.06 ? 7    TRP B C   1 
ATOM   537  O O   . TRP B 1 7  ? 3.014   2.186   -4.413  1.00 12.56 ? 7    TRP B O   1 
ATOM   538  C CB  . TRP B 1 7  ? 0.915   1.317   -2.428  1.00 12.99 ? 7    TRP B CB  1 
ATOM   539  C CG  . TRP B 1 7  ? -0.159  0.396   -2.062  1.00 12.34 ? 7    TRP B CG  1 
ATOM   540  C CD1 . TRP B 1 7  ? -0.065  -0.933  -1.913  1.00 12.81 ? 7    TRP B CD1 1 
ATOM   541  C CD2 . TRP B 1 7  ? -1.541  0.733   -1.869  1.00 13.75 ? 7    TRP B CD2 1 
ATOM   542  N NE1 . TRP B 1 7  ? -1.304  -1.467  -1.666  1.00 12.96 ? 7    TRP B NE1 1 
ATOM   543  C CE2 . TRP B 1 7  ? -2.225  -0.465  -1.607  1.00 12.34 ? 7    TRP B CE2 1 
ATOM   544  C CE3 . TRP B 1 7  ? -2.258  1.925   -1.893  1.00 12.81 ? 7    TRP B CE3 1 
ATOM   545  C CZ2 . TRP B 1 7  ? -3.590  -0.509  -1.375  1.00 13.14 ? 7    TRP B CZ2 1 
ATOM   546  C CZ3 . TRP B 1 7  ? -3.612  1.891   -1.650  1.00 13.60 ? 7    TRP B CZ3 1 
ATOM   547  C CH2 . TRP B 1 7  ? -4.273  0.671   -1.407  1.00 12.30 ? 7    TRP B CH2 1 
ATOM   548  N N   . ALA B 1 8  ? 1.546   3.861   -4.494  1.00 10.85 ? 8    ALA B N   1 
ATOM   549  C CA  . ALA B 1 8  ? 2.549   4.859   -4.844  1.00 11.10 ? 8    ALA B CA  1 
ATOM   550  C C   . ALA B 1 8  ? 2.311   6.121   -4.037  1.00 11.00 ? 8    ALA B C   1 
ATOM   551  O O   . ALA B 1 8  ? 1.173   6.432   -3.687  1.00 11.16 ? 8    ALA B O   1 
ATOM   552  C CB  . ALA B 1 8  ? 2.491   5.155   -6.354  1.00 10.57 ? 8    ALA B CB  1 
ATOM   553  N N   . ARG B 1 9  ? 3.360   6.870   -3.771  1.00 10.80 ? 9    ARG B N   1 
ATOM   554  C CA  A ARG B 1 9  ? 3.213   8.174   -3.153  0.50 10.93 ? 9    ARG B CA  1 
ATOM   555  C CA  B ARG B 1 9  ? 3.208   8.179   -3.149  0.50 10.84 ? 9    ARG B CA  1 
ATOM   556  C C   . ARG B 1 9  ? 3.356   9.304   -4.188  1.00 10.94 ? 9    ARG B C   1 
ATOM   557  O O   . ARG B 1 9  ? 4.272   9.292   -5.022  1.00 9.98  ? 9    ARG B O   1 
ATOM   558  C CB  A ARG B 1 9  ? 4.227   8.320   -2.014  0.50 11.24 ? 9    ARG B CB  1 
ATOM   559  C CB  B ARG B 1 9  ? 4.208   8.338   -1.994  0.50 11.08 ? 9    ARG B CB  1 
ATOM   560  C CG  A ARG B 1 9  ? 3.592   8.708   -0.723  0.50 12.18 ? 9    ARG B CG  1 
ATOM   561  C CG  B ARG B 1 9  ? 4.062   9.611   -1.187  0.50 11.53 ? 9    ARG B CG  1 
ATOM   562  C CD  A ARG B 1 9  ? 4.328   8.159   0.506   0.50 12.70 ? 9    ARG B CD  1 
ATOM   563  C CD  B ARG B 1 9  ? 4.925   9.573   0.093   0.50 12.50 ? 9    ARG B CD  1 
ATOM   564  N NE  A ARG B 1 9  ? 3.539   8.393   1.715   0.50 14.45 ? 9    ARG B NE  1 
ATOM   565  N NE  B ARG B 1 9  ? 4.332   8.743   1.142   0.50 14.46 ? 9    ARG B NE  1 
ATOM   566  C CZ  A ARG B 1 9  ? 3.257   9.591   2.197   0.50 12.11 ? 9    ARG B CZ  1 
ATOM   567  C CZ  B ARG B 1 9  ? 5.020   8.121   2.098   0.50 15.49 ? 9    ARG B CZ  1 
ATOM   568  N NH1 A ARG B 1 9  ? 3.704   10.669  1.586   0.50 17.23 ? 9    ARG B NH1 1 
ATOM   569  N NH1 B ARG B 1 9  ? 6.344   8.228   2.157   0.50 18.65 ? 9    ARG B NH1 1 
ATOM   570  N NH2 A ARG B 1 9  ? 2.522   9.723   3.273   0.50 14.65 ? 9    ARG B NH2 1 
ATOM   571  N NH2 B ARG B 1 9  ? 4.389   7.404   2.998   0.50 12.51 ? 9    ARG B NH2 1 
ATOM   572  N N   . ALA B 1 10 ? 2.444   10.274  -4.136  1.00 10.27 ? 10   ALA B N   1 
ATOM   573  C CA  . ALA B 1 10 ? 2.471   11.427  -5.024  1.00 9.81  ? 10   ALA B CA  1 
ATOM   574  C C   . ALA B 1 10 ? 3.708   12.293  -4.794  1.00 9.97  ? 10   ALA B C   1 
ATOM   575  O O   . ALA B 1 10 ? 4.016   12.696  -3.655  1.00 8.29  ? 10   ALA B O   1 
ATOM   576  C CB  . ALA B 1 10 ? 1.200   12.273  -4.852  1.00 10.59 ? 10   ALA B CB  1 
ATOM   577  N N   . LEU B 1 11 ? 4.435   12.583  -5.881  1.00 9.90  ? 11   LEU B N   1 
ATOM   578  C CA  . LEU B 1 11 ? 5.648   13.429  -5.787  1.00 10.30 ? 11   LEU B CA  1 
ATOM   579  C C   . LEU B 1 11 ? 5.333   14.913  -5.986  1.00 10.92 ? 11   LEU B C   1 
ATOM   580  O O   . LEU B 1 11 ? 6.126   15.788  -5.615  1.00 10.53 ? 11   LEU B O   1 
ATOM   581  C CB  . LEU B 1 11 ? 6.667   13.001  -6.840  1.00 10.46 ? 11   LEU B CB  1 
ATOM   582  C CG  . LEU B 1 11 ? 7.343   11.659  -6.651  1.00 10.30 ? 11   LEU B CG  1 
ATOM   583  C CD1 . LEU B 1 11 ? 8.117   11.289  -7.896  1.00 11.12 ? 11   LEU B CD1 1 
ATOM   584  C CD2 . LEU B 1 11 ? 8.262   11.686  -5.459  1.00 13.71 ? 11   LEU B CD2 1 
ATOM   585  N N   . TYR B 1 12 ? 4.213   15.186  -6.641  1.00 10.45 ? 12   TYR B N   1 
ATOM   586  C CA  . TYR B 1 12 ? 3.795   16.550  -6.958  1.00 11.59 ? 12   TYR B CA  1 
ATOM   587  C C   . TYR B 1 12 ? 2.301   16.573  -6.815  1.00 11.40 ? 12   TYR B C   1 
ATOM   588  O O   . TYR B 1 12 ? 1.669   15.520  -6.792  1.00 11.04 ? 12   TYR B O   1 
ATOM   589  C CB  . TYR B 1 12 ? 4.170   16.956  -8.387  1.00 11.45 ? 12   TYR B CB  1 
ATOM   590  C CG  . TYR B 1 12 ? 5.541   16.497  -8.813  1.00 15.49 ? 12   TYR B CG  1 
ATOM   591  C CD1 . TYR B 1 12 ? 6.696   17.277  -8.602  1.00 18.73 ? 12   TYR B CD1 1 
ATOM   592  C CD2 . TYR B 1 12 ? 5.685   15.269  -9.436  1.00 18.62 ? 12   TYR B CD2 1 
ATOM   593  C CE1 . TYR B 1 12 ? 7.971   16.806  -9.016  1.00 19.10 ? 12   TYR B CE1 1 
ATOM   594  C CE2 . TYR B 1 12 ? 6.915   14.805  -9.856  1.00 21.29 ? 12   TYR B CE2 1 
ATOM   595  C CZ  . TYR B 1 12 ? 8.060   15.551  -9.639  1.00 21.13 ? 12   TYR B CZ  1 
ATOM   596  O OH  . TYR B 1 12 ? 9.261   14.980  -10.101 1.00 21.41 ? 12   TYR B OH  1 
ATOM   597  N N   . ASP B 1 13 ? 1.734   17.764  -6.737  1.00 12.15 ? 13   ASP B N   1 
ATOM   598  C CA  . ASP B 1 13 ? 0.302   17.927  -6.932  1.00 13.35 ? 13   ASP B CA  1 
ATOM   599  C C   . ASP B 1 13 ? 0.009   17.567  -8.397  1.00 13.36 ? 13   ASP B C   1 
ATOM   600  O O   . ASP B 1 13 ? 0.794   17.889  -9.276  1.00 13.06 ? 13   ASP B O   1 
ATOM   601  C CB  . ASP B 1 13 ? -0.117  19.391  -6.687  1.00 14.59 ? 13   ASP B CB  1 
ATOM   602  C CG  . ASP B 1 13 ? -0.064  19.814  -5.207  1.00 17.64 ? 13   ASP B CG  1 
ATOM   603  O OD1 . ASP B 1 13 ? 0.043   18.962  -4.298  1.00 19.41 ? 13   ASP B OD1 1 
ATOM   604  O OD2 . ASP B 1 13 ? -0.173  21.049  -4.965  1.00 20.65 ? 13   ASP B OD2 1 
ATOM   605  N N   . PHE B 1 14 ? -1.112  16.867  -8.654  1.00 13.36 ? 14   PHE B N   1 
ATOM   606  C CA  . PHE B 1 14 ? -1.595  16.634  -10.004 1.00 12.51 ? 14   PHE B CA  1 
ATOM   607  C C   . PHE B 1 14 ? -3.023  17.142  -10.084 1.00 13.18 ? 14   PHE B C   1 
ATOM   608  O O   . PHE B 1 14 ? -3.920  16.622  -9.383  1.00 11.89 ? 14   PHE B O   1 
ATOM   609  C CB  . PHE B 1 14 ? -1.570  15.143  -10.385 1.00 12.14 ? 14   PHE B CB  1 
ATOM   610  C CG  . PHE B 1 14 ? -2.211  14.851  -11.731 1.00 9.95  ? 14   PHE B CG  1 
ATOM   611  C CD1 . PHE B 1 14 ? -1.731  15.444  -12.882 1.00 8.90  ? 14   PHE B CD1 1 
ATOM   612  C CD2 . PHE B 1 14 ? -3.282  13.979  -11.841 1.00 9.17  ? 14   PHE B CD2 1 
ATOM   613  C CE1 . PHE B 1 14 ? -2.319  15.196  -14.089 1.00 9.75  ? 14   PHE B CE1 1 
ATOM   614  C CE2 . PHE B 1 14 ? -3.857  13.730  -13.061 1.00 8.72  ? 14   PHE B CE2 1 
ATOM   615  C CZ  . PHE B 1 14 ? -3.381  14.355  -14.181 1.00 9.95  ? 14   PHE B CZ  1 
ATOM   616  N N   . GLU B 1 15 ? -3.228  18.145  -10.925 1.00 13.29 ? 15   GLU B N   1 
ATOM   617  C CA  . GLU B 1 15 ? -4.533  18.732  -11.108 1.00 14.96 ? 15   GLU B CA  1 
ATOM   618  C C   . GLU B 1 15 ? -5.271  17.945  -12.179 1.00 14.98 ? 15   GLU B C   1 
ATOM   619  O O   . GLU B 1 15 ? -4.785  17.825  -13.303 1.00 15.81 ? 15   GLU B O   1 
ATOM   620  C CB  . GLU B 1 15 ? -4.433  20.193  -11.550 1.00 15.58 ? 15   GLU B CB  1 
ATOM   621  C CG  . GLU B 1 15 ? -5.830  20.851  -11.703 1.00 19.55 ? 15   GLU B CG  1 
ATOM   622  C CD  . GLU B 1 15 ? -5.797  22.356  -11.944 1.00 24.97 ? 15   GLU B CD  1 
ATOM   623  O OE1 . GLU B 1 15 ? -4.726  22.988  -11.756 1.00 29.55 ? 15   GLU B OE1 1 
ATOM   624  O OE2 . GLU B 1 15 ? -6.870  22.908  -12.290 1.00 28.06 ? 15   GLU B OE2 1 
ATOM   625  N N   . ALA B 1 16 ? -6.419  17.391  -11.820 1.00 14.56 ? 16   ALA B N   1 
ATOM   626  C CA  . ALA B 1 16 ? -7.271  16.726  -12.786 1.00 14.79 ? 16   ALA B CA  1 
ATOM   627  C C   . ALA B 1 16 ? -8.022  17.789  -13.586 1.00 14.98 ? 16   ALA B C   1 
ATOM   628  O O   . ALA B 1 16 ? -8.745  18.622  -13.025 1.00 16.69 ? 16   ALA B O   1 
ATOM   629  C CB  . ALA B 1 16 ? -8.246  15.771  -12.111 1.00 14.26 ? 16   ALA B CB  1 
ATOM   630  N N   . LEU B 1 17 ? -7.807  17.764  -14.890 1.00 14.02 ? 17   LEU B N   1 
ATOM   631  C CA  . LEU B 1 17 ? -8.397  18.725  -15.796 1.00 12.80 ? 17   LEU B CA  1 
ATOM   632  C C   . LEU B 1 17 ? -9.708  18.193  -16.376 1.00 11.58 ? 17   LEU B C   1 
ATOM   633  O O   . LEU B 1 17 ? -10.564 18.974  -16.714 1.00 11.33 ? 17   LEU B O   1 
ATOM   634  C CB  . LEU B 1 17 ? -7.414  19.094  -16.888 1.00 12.46 ? 17   LEU B CB  1 
ATOM   635  C CG  . LEU B 1 17 ? -6.278  20.018  -16.443 1.00 13.03 ? 17   LEU B CG  1 
ATOM   636  C CD1 . LEU B 1 17 ? -5.345  20.273  -17.604 1.00 11.94 ? 17   LEU B CD1 1 
ATOM   637  C CD2 . LEU B 1 17 ? -6.810  21.336  -15.872 1.00 13.53 ? 17   LEU B CD2 1 
ATOM   638  N N   . GLU B 1 18 ? -9.877  16.876  -16.419 1.00 11.05 ? 18   GLU B N   1 
ATOM   639  C CA  . GLU B 1 18 ? -11.118 16.256  -16.870 1.00 11.32 ? 18   GLU B CA  1 
ATOM   640  C C   . GLU B 1 18 ? -11.490 15.154  -15.898 1.00 12.13 ? 18   GLU B C   1 
ATOM   641  O O   . GLU B 1 18 ? -10.648 14.625  -15.153 1.00 11.45 ? 18   GLU B O   1 
ATOM   642  C CB  . GLU B 1 18 ? -10.986 15.649  -18.267 1.00 11.06 ? 18   GLU B CB  1 
ATOM   643  C CG  . GLU B 1 18 ? -10.693 16.625  -19.374 1.00 11.59 ? 18   GLU B CG  1 
ATOM   644  C CD  . GLU B 1 18 ? -9.227  16.936  -19.513 1.00 14.92 ? 18   GLU B CD  1 
ATOM   645  O OE1 . GLU B 1 18 ? -8.407  16.013  -19.374 1.00 17.35 ? 18   GLU B OE1 1 
ATOM   646  O OE2 . GLU B 1 18 ? -8.891  18.097  -19.803 1.00 16.96 ? 18   GLU B OE2 1 
ATOM   647  N N   . GLU B 1 19 ? -12.744 14.748  -15.991 1.00 12.95 ? 19   GLU B N   1 
ATOM   648  C CA  . GLU B 1 19 ? -13.374 13.832  -15.038 1.00 14.10 ? 19   GLU B CA  1 
ATOM   649  C C   . GLU B 1 19 ? -12.751 12.436  -15.075 1.00 14.76 ? 19   GLU B C   1 
ATOM   650  O O   . GLU B 1 19 ? -13.003 11.646  -14.191 1.00 15.35 ? 19   GLU B O   1 
ATOM   651  C CB  . GLU B 1 19 ? -14.880 13.721  -15.376 1.00 15.05 ? 19   GLU B CB  1 
ATOM   652  C CG  . GLU B 1 19 ? -15.764 14.987  -15.157 1.00 17.20 ? 19   GLU B CG  1 
ATOM   653  C CD  . GLU B 1 19 ? -16.940 15.160  -16.239 1.00 22.52 ? 19   GLU B CD  1 
ATOM   654  O OE1 . GLU B 1 19 ? -17.464 16.318  -16.414 1.00 19.48 ? 19   GLU B OE1 1 
ATOM   655  O OE2 . GLU B 1 19 ? -17.330 14.144  -16.925 1.00 21.73 ? 19   GLU B OE2 1 
ATOM   656  N N   . ASP B 1 20 ? -11.998 12.097  -16.124 1.00 15.20 ? 20   ASP B N   1 
ATOM   657  C CA  . ASP B 1 20 ? -11.337 10.778  -16.194 1.00 15.73 ? 20   ASP B CA  1 
ATOM   658  C C   . ASP B 1 20 ? -9.944  10.742  -15.540 1.00 14.66 ? 20   ASP B C   1 
ATOM   659  O O   . ASP B 1 20 ? -9.291  9.715   -15.536 1.00 15.18 ? 20   ASP B O   1 
ATOM   660  C CB  . ASP B 1 20 ? -11.270 10.273  -17.640 1.00 15.94 ? 20   ASP B CB  1 
ATOM   661  C CG  . ASP B 1 20 ? -10.428 11.142  -18.559 1.00 18.34 ? 20   ASP B CG  1 
ATOM   662  O OD1 . ASP B 1 20 ? -10.229 12.362  -18.334 1.00 21.62 ? 20   ASP B OD1 1 
ATOM   663  O OD2 . ASP B 1 20 ? -9.964  10.576  -19.560 1.00 26.54 ? 20   ASP B OD2 1 
ATOM   664  N N   . GLU B 1 21 ? -9.514  11.860  -14.978 1.00 14.00 ? 21   GLU B N   1 
ATOM   665  C CA  . GLU B 1 21 ? -8.200  12.001  -14.357 1.00 13.40 ? 21   GLU B CA  1 
ATOM   666  C C   . GLU B 1 21 ? -8.403  11.989  -12.869 1.00 12.96 ? 21   GLU B C   1 
ATOM   667  O O   . GLU B 1 21 ? -9.447  12.423  -12.390 1.00 13.98 ? 21   GLU B O   1 
ATOM   668  C CB  . GLU B 1 21 ? -7.527  13.304  -14.793 1.00 12.97 ? 21   GLU B CB  1 
ATOM   669  C CG  . GLU B 1 21 ? -7.262  13.338  -16.274 1.00 10.50 ? 21   GLU B CG  1 
ATOM   670  C CD  . GLU B 1 21 ? -6.498  14.528  -16.763 1.00 8.82  ? 21   GLU B CD  1 
ATOM   671  O OE1 . GLU B 1 21 ? -6.464  15.580  -16.085 1.00 12.46 ? 21   GLU B OE1 1 
ATOM   672  O OE2 . GLU B 1 21 ? -5.949  14.411  -17.888 1.00 12.18 ? 21   GLU B OE2 1 
ATOM   673  N N   . LEU B 1 22 ? -7.432  11.442  -12.156 1.00 12.35 ? 22   LEU B N   1 
ATOM   674  C CA  . LEU B 1 22 ? -7.461  11.349  -10.704 1.00 11.78 ? 22   LEU B CA  1 
ATOM   675  C C   . LEU B 1 22 ? -6.523  12.360  -10.114 1.00 12.48 ? 22   LEU B C   1 
ATOM   676  O O   . LEU B 1 22 ? -5.301  12.192  -10.190 1.00 13.36 ? 22   LEU B O   1 
ATOM   677  C CB  . LEU B 1 22 ? -7.030  9.956   -10.254 1.00 12.20 ? 22   LEU B CB  1 
ATOM   678  C CG  . LEU B 1 22 ? -6.984  9.620   -8.757  1.00 10.54 ? 22   LEU B CG  1 
ATOM   679  C CD1 . LEU B 1 22 ? -8.398  9.638   -8.143  1.00 11.07 ? 22   LEU B CD1 1 
ATOM   680  C CD2 . LEU B 1 22 ? -6.309  8.288   -8.554  1.00 10.29 ? 22   LEU B CD2 1 
ATOM   681  N N   . GLY B 1 23 ? -7.083  13.381  -9.480  1.00 12.09 ? 23   GLY B N   1 
ATOM   682  C CA  . GLY B 1 23 ? -6.292  14.437  -8.903  1.00 12.24 ? 23   GLY B CA  1 
ATOM   683  C C   . GLY B 1 23 ? -5.751  14.000  -7.567  1.00 12.49 ? 23   GLY B C   1 
ATOM   684  O O   . GLY B 1 23 ? -6.316  13.125  -6.882  1.00 11.87 ? 23   GLY B O   1 
ATOM   685  N N   . PHE B 1 24 ? -4.618  14.582  -7.212  1.00 12.93 ? 24   PHE B N   1 
ATOM   686  C CA  . PHE B 1 24 ? -4.036  14.348  -5.917  1.00 12.43 ? 24   PHE B CA  1 
ATOM   687  C C   . PHE B 1 24 ? -3.065  15.449  -5.550  1.00 14.07 ? 24   PHE B C   1 
ATOM   688  O O   . PHE B 1 24 ? -2.643  16.254  -6.406  1.00 12.80 ? 24   PHE B O   1 
ATOM   689  C CB  . PHE B 1 24 ? -3.371  12.965  -5.793  1.00 12.62 ? 24   PHE B CB  1 
ATOM   690  C CG  . PHE B 1 24 ? -2.396  12.617  -6.902  1.00 10.35 ? 24   PHE B CG  1 
ATOM   691  C CD1 . PHE B 1 24 ? -1.172  13.239  -7.000  1.00 11.11 ? 24   PHE B CD1 1 
ATOM   692  C CD2 . PHE B 1 24 ? -2.713  11.629  -7.816  1.00 10.69 ? 24   PHE B CD2 1 
ATOM   693  C CE1 . PHE B 1 24 ? -0.287  12.917  -8.009  1.00 9.98  ? 24   PHE B CE1 1 
ATOM   694  C CE2 . PHE B 1 24 ? -1.841  11.279  -8.817  1.00 10.56 ? 24   PHE B CE2 1 
ATOM   695  C CZ  . PHE B 1 24 ? -0.608  11.912  -8.910  1.00 11.05 ? 24   PHE B CZ  1 
ATOM   696  N N   . ARG B 1 25 ? -2.716  15.440  -4.271  1.00 14.63 ? 25   ARG B N   1 
ATOM   697  C CA  . ARG B 1 25 ? -1.735  16.357  -3.719  1.00 15.35 ? 25   ARG B CA  1 
ATOM   698  C C   . ARG B 1 25 ? -0.456  15.628  -3.377  1.00 14.81 ? 25   ARG B C   1 
ATOM   699  O O   . ARG B 1 25 ? -0.472  14.457  -3.046  1.00 13.20 ? 25   ARG B O   1 
ATOM   700  C CB  . ARG B 1 25 ? -2.273  17.007  -2.468  1.00 15.88 ? 25   ARG B CB  1 
ATOM   701  C CG  . ARG B 1 25 ? -3.507  17.840  -2.717  1.00 19.94 ? 25   ARG B CG  1 
ATOM   702  C CD  . ARG B 1 25 ? -3.706  18.844  -1.587  1.00 27.18 ? 25   ARG B CD  1 
ATOM   703  N NE  . ARG B 1 25 ? -3.918  18.186  -0.295  1.00 32.39 ? 25   ARG B NE  1 
ATOM   704  C CZ  . ARG B 1 25 ? -5.111  17.921  0.243   1.00 36.96 ? 25   ARG B CZ  1 
ATOM   705  N NH1 . ARG B 1 25 ? -6.245  18.250  -0.389  1.00 38.90 ? 25   ARG B NH1 1 
ATOM   706  N NH2 . ARG B 1 25 ? -5.178  17.312  1.427   1.00 39.39 ? 25   ARG B NH2 1 
ATOM   707  N N   . SER B 1 26 ? 0.651   16.351  -3.474  1.00 14.38 ? 26   SER B N   1 
ATOM   708  C CA  . SER B 1 26 ? 1.962   15.838  -3.090  1.00 15.18 ? 26   SER B CA  1 
ATOM   709  C C   . SER B 1 26 ? 1.893   15.097  -1.737  1.00 14.46 ? 26   SER B C   1 
ATOM   710  O O   . SER B 1 26 ? 1.280   15.568  -0.774  1.00 13.67 ? 26   SER B O   1 
ATOM   711  C CB  . SER B 1 26 ? 2.934   16.998  -2.990  1.00 15.33 ? 26   SER B CB  1 
ATOM   712  O OG  . SER B 1 26 ? 4.245   16.541  -2.833  1.00 19.35 ? 26   SER B OG  1 
ATOM   713  N N   . GLY B 1 27 ? 2.489   13.914  -1.691  1.00 14.23 ? 27   GLY B N   1 
ATOM   714  C CA  . GLY B 1 27 ? 2.523   13.138  -0.468  1.00 13.49 ? 27   GLY B CA  1 
ATOM   715  C C   . GLY B 1 27 ? 1.377   12.187  -0.263  1.00 13.89 ? 27   GLY B C   1 
ATOM   716  O O   . GLY B 1 27 ? 1.442   11.362  0.652   1.00 13.38 ? 27   GLY B O   1 
ATOM   717  N N   . GLU B 1 28 ? 0.347   12.225  -1.108  1.00 13.79 ? 28   GLU B N   1 
ATOM   718  C CA  . GLU B 1 28 ? -0.764  11.292  -0.904  1.00 13.93 ? 28   GLU B CA  1 
ATOM   719  C C   . GLU B 1 28 ? -0.429  9.893   -1.371  1.00 13.97 ? 28   GLU B C   1 
ATOM   720  O O   . GLU B 1 28 ? 0.249   9.703   -2.380  1.00 12.88 ? 28   GLU B O   1 
ATOM   721  C CB  . GLU B 1 28 ? -2.032  11.734  -1.607  1.00 14.73 ? 28   GLU B CB  1 
ATOM   722  C CG  . GLU B 1 28 ? -2.713  12.938  -1.011  1.00 15.77 ? 28   GLU B CG  1 
ATOM   723  C CD  . GLU B 1 28 ? -4.123  13.102  -1.544  1.00 15.21 ? 28   GLU B CD  1 
ATOM   724  O OE1 . GLU B 1 28 ? -5.066  12.449  -1.038  1.00 14.49 ? 28   GLU B OE1 1 
ATOM   725  O OE2 . GLU B 1 28 ? -4.311  13.884  -2.497  1.00 8.69  ? 28   GLU B OE2 1 
ATOM   726  N N   . VAL B 1 29 ? -0.930  8.904   -0.639  1.00 13.49 ? 29   VAL B N   1 
ATOM   727  C CA  . VAL B 1 29 ? -0.756  7.516   -1.033  1.00 13.67 ? 29   VAL B CA  1 
ATOM   728  C C   . VAL B 1 29 ? -1.880  7.125   -1.995  1.00 14.33 ? 29   VAL B C   1 
ATOM   729  O O   . VAL B 1 29 ? -3.066  7.303   -1.686  1.00 14.05 ? 29   VAL B O   1 
ATOM   730  C CB  . VAL B 1 29 ? -0.808  6.617   0.183   1.00 14.12 ? 29   VAL B CB  1 
ATOM   731  C CG1 . VAL B 1 29 ? -0.695  5.188   -0.215  1.00 13.22 ? 29   VAL B CG1 1 
ATOM   732  C CG2 . VAL B 1 29 ? 0.295   7.000   1.158   1.00 13.19 ? 29   VAL B CG2 1 
ATOM   733  N N   . VAL B 1 30 ? -1.500  6.622   -3.160  1.00 13.42 ? 30   VAL B N   1 
ATOM   734  C CA  . VAL B 1 30 ? -2.437  6.307   -4.217  1.00 14.07 ? 30   VAL B CA  1 
ATOM   735  C C   . VAL B 1 30 ? -2.337  4.812   -4.516  1.00 13.92 ? 30   VAL B C   1 
ATOM   736  O O   . VAL B 1 30 ? -1.243  4.283   -4.590  1.00 13.05 ? 30   VAL B O   1 
ATOM   737  C CB  . VAL B 1 30 ? -2.113  7.157   -5.460  1.00 14.08 ? 30   VAL B CB  1 
ATOM   738  C CG1 . VAL B 1 30 ? -2.904  6.676   -6.669  1.00 15.22 ? 30   VAL B CG1 1 
ATOM   739  C CG2 . VAL B 1 30 ? -2.418  8.613   -5.177  1.00 13.13 ? 30   VAL B CG2 1 
ATOM   740  N N   . GLU B 1 31 ? -3.485  4.149   -4.665  1.00 14.39 ? 31   GLU B N   1 
ATOM   741  C CA  . GLU B 1 31 ? -3.544  2.731   -5.058  1.00 15.14 ? 31   GLU B CA  1 
ATOM   742  C C   . GLU B 1 31 ? -3.384  2.675   -6.573  1.00 15.18 ? 31   GLU B C   1 
ATOM   743  O O   . GLU B 1 31 ? -4.175  3.292   -7.282  1.00 15.19 ? 31   GLU B O   1 
ATOM   744  C CB  . GLU B 1 31 ? -4.897  2.105   -4.690  1.00 15.33 ? 31   GLU B CB  1 
ATOM   745  C CG  . GLU B 1 31 ? -4.913  0.585   -4.939  1.00 18.32 ? 31   GLU B CG  1 
ATOM   746  C CD  . GLU B 1 31 ? -6.254  -0.129  -4.642  1.00 21.86 ? 31   GLU B CD  1 
ATOM   747  O OE1 . GLU B 1 31 ? -7.278  0.491   -4.252  1.00 22.01 ? 31   GLU B OE1 1 
ATOM   748  O OE2 . GLU B 1 31 ? -6.269  -1.358  -4.827  1.00 24.90 ? 31   GLU B OE2 1 
ATOM   749  N N   . VAL B 1 32 ? -2.362  1.969   -7.058  1.00 15.20 ? 32   VAL B N   1 
ATOM   750  C CA  . VAL B 1 32 ? -2.162  1.809   -8.494  1.00 14.98 ? 32   VAL B CA  1 
ATOM   751  C C   . VAL B 1 32 ? -2.872  0.555   -8.968  1.00 16.23 ? 32   VAL B C   1 
ATOM   752  O O   . VAL B 1 32 ? -2.427  -0.579  -8.733  1.00 16.51 ? 32   VAL B O   1 
ATOM   753  C CB  . VAL B 1 32 ? -0.696  1.770   -8.877  1.00 14.61 ? 32   VAL B CB  1 
ATOM   754  C CG1 . VAL B 1 32 ? -0.567  1.732   -10.388 1.00 13.19 ? 32   VAL B CG1 1 
ATOM   755  C CG2 . VAL B 1 32 ? 0.041   3.004   -8.293  1.00 12.62 ? 32   VAL B CG2 1 
ATOM   756  N N   . LEU B 1 33 ? -3.995  0.763   -9.640  1.00 17.01 ? 33   LEU B N   1 
ATOM   757  C CA  . LEU B 1 33 ? -4.794  -0.345  -10.134 1.00 18.13 ? 33   LEU B CA  1 
ATOM   758  C C   . LEU B 1 33 ? -4.169  -0.953  -11.363 1.00 18.13 ? 33   LEU B C   1 
ATOM   759  O O   . LEU B 1 33 ? -4.251  -2.164  -11.572 1.00 19.48 ? 33   LEU B O   1 
ATOM   760  C CB  . LEU B 1 33 ? -6.228  0.112   -10.405 1.00 19.20 ? 33   LEU B CB  1 
ATOM   761  C CG  . LEU B 1 33 ? -6.987  0.242   -9.070  1.00 20.85 ? 33   LEU B CG  1 
ATOM   762  C CD1 . LEU B 1 33 ? -8.371  0.821   -9.245  1.00 24.93 ? 33   LEU B CD1 1 
ATOM   763  C CD2 . LEU B 1 33 ? -7.044  -1.134  -8.422  1.00 25.45 ? 33   LEU B CD2 1 
ATOM   764  N N   . ASP B 1 34 ? -3.526  -0.108  -12.164 1.00 17.60 ? 34   ASP B N   1 
ATOM   765  C CA  . ASP B 1 34 ? -3.013  -0.506  -13.448 1.00 17.29 ? 34   ASP B CA  1 
ATOM   766  C C   . ASP B 1 34 ? -1.777  0.305   -13.845 1.00 16.56 ? 34   ASP B C   1 
ATOM   767  O O   . ASP B 1 34 ? -1.814  1.529   -13.877 1.00 15.19 ? 34   ASP B O   1 
ATOM   768  C CB  . ASP B 1 34 ? -4.103  -0.299  -14.487 1.00 17.64 ? 34   ASP B CB  1 
ATOM   769  C CG  . ASP B 1 34 ? -3.974  -1.248  -15.627 1.00 20.14 ? 34   ASP B CG  1 
ATOM   770  O OD1 . ASP B 1 34 ? -4.559  -2.353  -15.527 1.00 23.08 ? 34   ASP B OD1 1 
ATOM   771  O OD2 . ASP B 1 34 ? -3.253  -0.915  -16.587 1.00 19.93 ? 34   ASP B OD2 1 
ATOM   772  N N   . SER B 1 35 ? -0.682  -0.391  -14.104 1.00 15.48 ? 35   SER B N   1 
ATOM   773  C CA  . SER B 1 35 ? 0.561   0.259   -14.486 1.00 15.48 ? 35   SER B CA  1 
ATOM   774  C C   . SER B 1 35 ? 1.037   -0.315  -15.818 1.00 14.84 ? 35   SER B C   1 
ATOM   775  O O   . SER B 1 35 ? 2.228   -0.286  -16.134 1.00 13.80 ? 35   SER B O   1 
ATOM   776  C CB  . SER B 1 35 ? 1.611   0.074   -13.386 1.00 15.72 ? 35   SER B CB  1 
ATOM   777  O OG  . SER B 1 35 ? 1.870   -1.295  -13.149 1.00 16.31 ? 35   SER B OG  1 
ATOM   778  N N   . SER B 1 36 ? 0.097   -0.835  -16.595 1.00 14.27 ? 36   SER B N   1 
ATOM   779  C CA  . SER B 1 36 ? 0.425   -1.419  -17.890 1.00 14.86 ? 36   SER B CA  1 
ATOM   780  C C   . SER B 1 36 ? 0.956   -0.397  -18.877 1.00 14.32 ? 36   SER B C   1 
ATOM   781  O O   . SER B 1 36 ? 1.841   -0.713  -19.674 1.00 14.47 ? 36   SER B O   1 
ATOM   782  C CB  . SER B 1 36 ? -0.794  -2.098  -18.498 1.00 14.71 ? 36   SER B CB  1 
ATOM   783  O OG  . SER B 1 36 ? -1.111  -3.235  -17.738 1.00 17.47 ? 36   SER B OG  1 
ATOM   784  N N   . ASN B 1 37 ? 0.386   0.802   -18.831 1.00 13.43 ? 37   ASN B N   1 
ATOM   785  C CA  . ASN B 1 37 ? 0.803   1.896   -19.680 1.00 12.71 ? 37   ASN B CA  1 
ATOM   786  C C   . ASN B 1 37 ? 1.975   2.627   -19.027 1.00 12.34 ? 37   ASN B C   1 
ATOM   787  O O   . ASN B 1 37 ? 1.927   2.926   -17.850 1.00 12.47 ? 37   ASN B O   1 
ATOM   788  C CB  . ASN B 1 37 ? -0.360  2.860   -19.893 1.00 11.65 ? 37   ASN B CB  1 
ATOM   789  C CG  . ASN B 1 37 ? -0.051  3.927   -20.922 1.00 13.48 ? 37   ASN B CG  1 
ATOM   790  O OD1 . ASN B 1 37 ? 0.694   4.852   -20.647 1.00 14.04 ? 37   ASN B OD1 1 
ATOM   791  N ND2 . ASN B 1 37 ? -0.622  3.790   -22.135 1.00 14.21 ? 37   ASN B ND2 1 
ATOM   792  N N   . PRO B 1 38 ? 3.031   2.907   -19.788 1.00 11.84 ? 38   PRO B N   1 
ATOM   793  C CA  . PRO B 1 38 ? 4.146   3.510   -19.085 1.00 11.84 ? 38   PRO B CA  1 
ATOM   794  C C   . PRO B 1 38 ? 4.015   5.010   -18.845 1.00 11.46 ? 38   PRO B C   1 
ATOM   795  O O   . PRO B 1 38 ? 4.861   5.574   -18.148 1.00 11.41 ? 38   PRO B O   1 
ATOM   796  C CB  . PRO B 1 38 ? 5.345   3.218   -20.000 1.00 11.76 ? 38   PRO B CB  1 
ATOM   797  C CG  . PRO B 1 38 ? 4.831   2.888   -21.244 1.00 12.21 ? 38   PRO B CG  1 
ATOM   798  C CD  . PRO B 1 38 ? 3.429   2.399   -21.115 1.00 12.52 ? 38   PRO B CD  1 
ATOM   799  N N   . SER B 1 39 ? 3.007   5.641   -19.452 1.00 10.93 ? 39   SER B N   1 
ATOM   800  C CA  . SER B 1 39 ? 2.793   7.071   -19.331 1.00 10.00 ? 39   SER B CA  1 
ATOM   801  C C   . SER B 1 39 ? 1.664   7.415   -18.392 1.00 9.66  ? 39   SER B C   1 
ATOM   802  O O   . SER B 1 39 ? 1.787   8.345   -17.609 1.00 8.03  ? 39   SER B O   1 
ATOM   803  C CB  . SER B 1 39 ? 2.533   7.689   -20.707 1.00 10.50 ? 39   SER B CB  1 
ATOM   804  O OG  . SER B 1 39 ? 3.719   7.713   -21.476 1.00 9.85  ? 39   SER B OG  1 
ATOM   805  N N   . TRP B 1 40 ? 0.561   6.690   -18.500 1.00 8.77  ? 40   TRP B N   1 
ATOM   806  C CA  . TRP B 1 40 ? -0.604  6.954   -17.729 1.00 9.41  ? 40   TRP B CA  1 
ATOM   807  C C   . TRP B 1 40 ? -0.990  5.725   -16.923 1.00 9.75  ? 40   TRP B C   1 
ATOM   808  O O   . TRP B 1 40 ? -1.262  4.657   -17.497 1.00 11.12 ? 40   TRP B O   1 
ATOM   809  C CB  . TRP B 1 40 ? -1.765  7.275   -18.650 1.00 10.02 ? 40   TRP B CB  1 
ATOM   810  C CG  . TRP B 1 40 ? -1.721  8.553   -19.387 1.00 9.60  ? 40   TRP B CG  1 
ATOM   811  C CD1 . TRP B 1 40 ? -1.345  8.744   -20.686 1.00 11.82 ? 40   TRP B CD1 1 
ATOM   812  C CD2 . TRP B 1 40 ? -2.143  9.835   -18.894 1.00 10.51 ? 40   TRP B CD2 1 
ATOM   813  N NE1 . TRP B 1 40 ? -1.489  10.071  -21.028 1.00 11.44 ? 40   TRP B NE1 1 
ATOM   814  C CE2 . TRP B 1 40 ? -1.988  10.760  -19.955 1.00 8.96  ? 40   TRP B CE2 1 
ATOM   815  C CE3 . TRP B 1 40 ? -2.612  10.291  -17.658 1.00 8.68  ? 40   TRP B CE3 1 
ATOM   816  C CZ2 . TRP B 1 40 ? -2.281  12.121  -19.816 1.00 11.72 ? 40   TRP B CZ2 1 
ATOM   817  C CZ3 . TRP B 1 40 ? -2.936  11.634  -17.522 1.00 10.96 ? 40   TRP B CZ3 1 
ATOM   818  C CH2 . TRP B 1 40 ? -2.765  12.542  -18.607 1.00 12.55 ? 40   TRP B CH2 1 
ATOM   819  N N   . TRP B 1 41 ? -1.060  5.878   -15.614 1.00 8.16  ? 41   TRP B N   1 
ATOM   820  C CA  . TRP B 1 41 ? -1.481  4.809   -14.747 1.00 8.49  ? 41   TRP B CA  1 
ATOM   821  C C   . TRP B 1 41 ? -2.922  5.015   -14.313 1.00 8.58  ? 41   TRP B C   1 
ATOM   822  O O   . TRP B 1 41 ? -3.451  6.120   -14.410 1.00 8.60  ? 41   TRP B O   1 
ATOM   823  C CB  . TRP B 1 41 ? -0.578  4.741   -13.535 1.00 8.18  ? 41   TRP B CB  1 
ATOM   824  C CG  . TRP B 1 41 ? 0.770   4.206   -13.817 1.00 7.78  ? 41   TRP B CG  1 
ATOM   825  C CD1 . TRP B 1 41 ? 1.228   3.732   -14.997 1.00 8.85  ? 41   TRP B CD1 1 
ATOM   826  C CD2 . TRP B 1 41 ? 1.821   4.009   -12.869 1.00 8.07  ? 41   TRP B CD2 1 
ATOM   827  N NE1 . TRP B 1 41 ? 2.535   3.287   -14.861 1.00 5.23  ? 41   TRP B NE1 1 
ATOM   828  C CE2 . TRP B 1 41 ? 2.917   3.454   -13.565 1.00 7.15  ? 41   TRP B CE2 1 
ATOM   829  C CE3 . TRP B 1 41 ? 1.956   4.279   -11.503 1.00 6.14  ? 41   TRP B CE3 1 
ATOM   830  C CZ2 . TRP B 1 41 ? 4.127   3.142   -12.939 1.00 6.38  ? 41   TRP B CZ2 1 
ATOM   831  C CZ3 . TRP B 1 41 ? 3.164   3.981   -10.884 1.00 9.25  ? 41   TRP B CZ3 1 
ATOM   832  C CH2 . TRP B 1 41 ? 4.229   3.397   -11.607 1.00 8.79  ? 41   TRP B CH2 1 
ATOM   833  N N   . THR B 1 42 ? -3.540  3.955   -13.811 1.00 8.87  ? 42   THR B N   1 
ATOM   834  C CA  . THR B 1 42 ? -4.911  4.033   -13.287 1.00 9.72  ? 42   THR B CA  1 
ATOM   835  C C   . THR B 1 42 ? -4.792  3.860   -11.798 1.00 10.23 ? 42   THR B C   1 
ATOM   836  O O   . THR B 1 42 ? -4.152  2.929   -11.337 1.00 10.24 ? 42   THR B O   1 
ATOM   837  C CB  . THR B 1 42 ? -5.882  2.972   -13.923 1.00 10.15 ? 42   THR B CB  1 
ATOM   838  O OG1 . THR B 1 42 ? -5.946  3.188   -15.325 1.00 11.75 ? 42   THR B OG1 1 
ATOM   839  C CG2 . THR B 1 42 ? -7.277  3.111   -13.386 1.00 9.19  ? 42   THR B CG2 1 
ATOM   840  N N   . GLY B 1 43 ? -5.393  4.771   -11.044 1.00 10.84 ? 43   GLY B N   1 
ATOM   841  C CA  . GLY B 1 43 ? -5.320  4.719   -9.588  1.00 12.46 ? 43   GLY B CA  1 
ATOM   842  C C   . GLY B 1 43 ? -6.664  4.870   -8.925  1.00 13.20 ? 43   GLY B C   1 
ATOM   843  O O   . GLY B 1 43 ? -7.658  5.210   -9.567  1.00 12.97 ? 43   GLY B O   1 
ATOM   844  N N   . ARG B 1 44 ? -6.658  4.620   -7.630  1.00 14.60 ? 44   ARG B N   1 
ATOM   845  C CA  . ARG B 1 44 ? -7.824  4.806   -6.783  1.00 16.22 ? 44   ARG B CA  1 
ATOM   846  C C   . ARG B 1 44 ? -7.412  5.599   -5.541  1.00 16.60 ? 44   ARG B C   1 
ATOM   847  O O   . ARG B 1 44 ? -6.430  5.287   -4.850  1.00 16.79 ? 44   ARG B O   1 
ATOM   848  C CB  . ARG B 1 44 ? -8.473  3.463   -6.417  1.00 16.59 ? 44   ARG B CB  1 
ATOM   849  C CG  . ARG B 1 44 ? -9.844  3.624   -5.746  1.00 18.24 ? 44   ARG B CG  1 
ATOM   850  C CD  . ARG B 1 44 ? -10.199 2.484   -4.823  1.00 20.10 ? 44   ARG B CD  1 
ATOM   851  N NE  . ARG B 1 44 ? -9.931  1.168   -5.384  1.00 24.58 ? 44   ARG B NE  1 
ATOM   852  C CZ  . ARG B 1 44 ? -10.641 0.613   -6.366  1.00 26.29 ? 44   ARG B CZ  1 
ATOM   853  N NH1 . ARG B 1 44 ? -11.665 1.279   -6.891  1.00 25.70 ? 44   ARG B NH1 1 
ATOM   854  N NH2 . ARG B 1 44 ? -10.327 -0.615  -6.835  1.00 28.41 ? 44   ARG B NH2 1 
ATOM   855  N N   . LEU B 1 45 ? -8.137  6.672   -5.297  1.00 16.98 ? 45   LEU B N   1 
ATOM   856  C CA  . LEU B 1 45 ? -7.915  7.501   -4.147  1.00 18.66 ? 45   LEU B CA  1 
ATOM   857  C C   . LEU B 1 45 ? -9.289  7.953   -3.710  1.00 20.75 ? 45   LEU B C   1 
ATOM   858  O O   . LEU B 1 45 ? -10.093 8.389   -4.535  1.00 21.02 ? 45   LEU B O   1 
ATOM   859  C CB  . LEU B 1 45 ? -7.049  8.709   -4.491  1.00 18.15 ? 45   LEU B CB  1 
ATOM   860  C CG  . LEU B 1 45 ? -6.584  9.616   -3.338  1.00 19.51 ? 45   LEU B CG  1 
ATOM   861  C CD1 . LEU B 1 45 ? -5.732  8.882   -2.263  1.00 19.09 ? 45   LEU B CD1 1 
ATOM   862  C CD2 . LEU B 1 45 ? -5.826  10.819  -3.900  1.00 18.51 ? 45   LEU B CD2 1 
ATOM   863  N N   . HIS B 1 46 ? -9.555  7.841   -2.422  1.00 22.91 ? 46   HIS B N   1 
ATOM   864  C CA  . HIS B 1 46 ? -10.862 8.200   -1.880  1.00 24.84 ? 46   HIS B CA  1 
ATOM   865  C C   . HIS B 1 46 ? -11.962 7.488   -2.670  1.00 25.50 ? 46   HIS B C   1 
ATOM   866  O O   . HIS B 1 46 ? -12.966 8.088   -3.032  1.00 26.01 ? 46   HIS B O   1 
ATOM   867  C CB  . HIS B 1 46 ? -11.078 9.715   -1.940  1.00 25.36 ? 46   HIS B CB  1 
ATOM   868  C CG  . HIS B 1 46 ? -9.988  10.517  -1.291  1.00 27.08 ? 46   HIS B CG  1 
ATOM   869  N ND1 . HIS B 1 46 ? -9.341  11.553  -1.935  1.00 28.53 ? 46   HIS B ND1 1 
ATOM   870  C CD2 . HIS B 1 46 ? -9.437  10.442  -0.052  1.00 29.50 ? 46   HIS B CD2 1 
ATOM   871  C CE1 . HIS B 1 46 ? -8.447  12.085  -1.119  1.00 28.63 ? 46   HIS B CE1 1 
ATOM   872  N NE2 . HIS B 1 46 ? -8.483  11.430  0.028   1.00 29.03 ? 46   HIS B NE2 1 
ATOM   873  N N   . ASN B 1 47 ? -11.738 6.215   -2.959  1.00 26.77 ? 47   ASN B N   1 
ATOM   874  C CA  . ASN B 1 47 ? -12.720 5.394   -3.668  1.00 27.99 ? 47   ASN B CA  1 
ATOM   875  C C   . ASN B 1 47 ? -13.142 5.924   -5.052  1.00 27.63 ? 47   ASN B C   1 
ATOM   876  O O   . ASN B 1 47 ? -14.230 5.612   -5.543  1.00 28.13 ? 47   ASN B O   1 
ATOM   877  C CB  . ASN B 1 47 ? -13.933 5.183   -2.749  1.00 29.05 ? 47   ASN B CB  1 
ATOM   878  C CG  . ASN B 1 47 ? -13.603 4.318   -1.548  1.00 31.68 ? 47   ASN B CG  1 
ATOM   879  O OD1 . ASN B 1 47 ? -13.540 3.096   -1.668  1.00 37.94 ? 47   ASN B OD1 1 
ATOM   880  N ND2 . ASN B 1 47 ? -13.407 4.940   -0.377  1.00 34.44 ? 47   ASN B ND2 1 
ATOM   881  N N   . LYS B 1 48 ? -12.262 6.724   -5.653  1.00 26.82 ? 48   LYS B N   1 
ATOM   882  C CA  . LYS B 1 48 ? -12.434 7.298   -6.981  1.00 26.72 ? 48   LYS B CA  1 
ATOM   883  C C   . LYS B 1 48 ? -11.357 6.708   -7.901  1.00 25.01 ? 48   LYS B C   1 
ATOM   884  O O   . LYS B 1 48 ? -10.197 6.660   -7.515  1.00 23.76 ? 48   LYS B O   1 
ATOM   885  C CB  . LYS B 1 48 ? -12.283 8.822   -6.916  1.00 26.86 ? 48   LYS B CB  1 
ATOM   886  C CG  . LYS B 1 48 ? -12.191 9.516   -8.279  1.00 29.40 ? 48   LYS B CG  1 
ATOM   887  C CD  . LYS B 1 48 ? -12.219 11.007  -8.139  1.00 30.37 ? 48   LYS B CD  1 
ATOM   888  C CE  . LYS B 1 48 ? -11.919 11.694  -9.436  1.00 32.38 ? 48   LYS B CE  1 
ATOM   889  N NZ  . LYS B 1 48 ? -12.318 13.120  -9.332  1.00 34.45 ? 48   LYS B NZ  1 
ATOM   890  N N   . LEU B 1 49 ? -11.768 6.228   -9.079  1.00 23.52 ? 49   LEU B N   1 
ATOM   891  C CA  . LEU B 1 49 ? -10.838 5.779   -10.121 1.00 22.20 ? 49   LEU B CA  1 
ATOM   892  C C   . LEU B 1 49 ? -10.504 6.900   -11.090 1.00 19.58 ? 49   LEU B C   1 
ATOM   893  O O   . LEU B 1 49 ? -11.367 7.704   -11.464 1.00 19.82 ? 49   LEU B O   1 
ATOM   894  C CB  . LEU B 1 49 ? -11.438 4.647   -10.963 1.00 23.14 ? 49   LEU B CB  1 
ATOM   895  C CG  . LEU B 1 49 ? -11.212 3.247   -10.442 1.00 25.24 ? 49   LEU B CG  1 
ATOM   896  C CD1 . LEU B 1 49 ? -12.422 2.385   -10.802 1.00 28.89 ? 49   LEU B CD1 1 
ATOM   897  C CD2 . LEU B 1 49 ? -9.900  2.684   -11.006 1.00 26.00 ? 49   LEU B CD2 1 
ATOM   898  N N   . GLY B 1 50 ? -9.261  6.918   -11.547 1.00 16.21 ? 50   GLY B N   1 
ATOM   899  C CA  . GLY B 1 50 ? -8.914  7.760   -12.675 1.00 14.12 ? 50   GLY B CA  1 
ATOM   900  C C   . GLY B 1 50 ? -7.477  7.612   -13.107 1.00 12.38 ? 50   GLY B C   1 
ATOM   901  O O   . GLY B 1 50 ? -6.675  6.912   -12.459 1.00 11.13 ? 50   GLY B O   1 
ATOM   902  N N   . LEU B 1 51 ? -7.178  8.325   -14.183 1.00 10.19 ? 51   LEU B N   1 
ATOM   903  C CA  . LEU B 1 51 ? -5.884  8.339   -14.804 1.00 9.73  ? 51   LEU B CA  1 
ATOM   904  C C   . LEU B 1 51 ? -4.986  9.413   -14.215 1.00 8.57  ? 51   LEU B C   1 
ATOM   905  O O   . LEU B 1 51 ? -5.418  10.522  -13.871 1.00 8.78  ? 51   LEU B O   1 
ATOM   906  C CB  . LEU B 1 51 ? -6.024  8.564   -16.315 1.00 9.24  ? 51   LEU B CB  1 
ATOM   907  C CG  . LEU B 1 51 ? -6.699  7.441   -17.131 1.00 11.05 ? 51   LEU B CG  1 
ATOM   908  C CD1 . LEU B 1 51 ? -7.131  7.970   -18.496 1.00 11.75 ? 51   LEU B CD1 1 
ATOM   909  C CD2 . LEU B 1 51 ? -5.798  6.176   -17.260 1.00 11.73 ? 51   LEU B CD2 1 
ATOM   910  N N   . PHE B 1 52 ? -3.717  9.088   -14.135 1.00 7.60  ? 52   PHE B N   1 
ATOM   911  C CA  . PHE B 1 52 ? -2.742  10.084  -13.727 1.00 7.45  ? 52   PHE B CA  1 
ATOM   912  C C   . PHE B 1 52 ? -1.393  9.754   -14.344 1.00 7.68  ? 52   PHE B C   1 
ATOM   913  O O   . PHE B 1 52 ? -1.200  8.635   -14.845 1.00 6.59  ? 52   PHE B O   1 
ATOM   914  C CB  . PHE B 1 52 ? -2.637  10.132  -12.211 1.00 7.34  ? 52   PHE B CB  1 
ATOM   915  C CG  . PHE B 1 52 ? -2.117  8.853   -11.598 1.00 7.66  ? 52   PHE B CG  1 
ATOM   916  C CD1 . PHE B 1 52 ? -0.765  8.689   -11.377 1.00 8.34  ? 52   PHE B CD1 1 
ATOM   917  C CD2 . PHE B 1 52 ? -2.981  7.853   -11.198 1.00 8.83  ? 52   PHE B CD2 1 
ATOM   918  C CE1 . PHE B 1 52 ? -0.277  7.562   -10.782 1.00 9.38  ? 52   PHE B CE1 1 
ATOM   919  C CE2 . PHE B 1 52 ? -2.498  6.727   -10.604 1.00 10.55 ? 52   PHE B CE2 1 
ATOM   920  C CZ  . PHE B 1 52 ? -1.139  6.578   -10.408 1.00 10.82 ? 52   PHE B CZ  1 
ATOM   921  N N   . PRO B 1 53 ? -0.480  10.744  -14.349 1.00 8.15  ? 53   PRO B N   1 
ATOM   922  C CA  . PRO B 1 53 ? 0.822   10.515  -14.924 1.00 8.40  ? 53   PRO B CA  1 
ATOM   923  C C   . PRO B 1 53 ? 1.719   9.654   -14.038 1.00 7.98  ? 53   PRO B C   1 
ATOM   924  O O   . PRO B 1 53 ? 1.896   9.925   -12.856 1.00 8.27  ? 53   PRO B O   1 
ATOM   925  C CB  . PRO B 1 53 ? 1.397   11.924  -15.087 1.00 7.35  ? 53   PRO B CB  1 
ATOM   926  C CG  . PRO B 1 53 ? 0.232   12.850  -15.010 1.00 7.86  ? 53   PRO B CG  1 
ATOM   927  C CD  . PRO B 1 53 ? -0.653  12.166  -13.998 1.00 8.69  ? 53   PRO B CD  1 
ATOM   928  N N   . ALA B 1 54 ? 2.307   8.650   -14.646 1.00 8.11  ? 54   ALA B N   1 
ATOM   929  C CA  . ALA B 1 54 ? 3.163   7.729   -13.920 1.00 7.95  ? 54   ALA B CA  1 
ATOM   930  C C   . ALA B 1 54 ? 4.315   8.457   -13.242 1.00 6.91  ? 54   ALA B C   1 
ATOM   931  O O   . ALA B 1 54 ? 4.685   8.147   -12.100 1.00 8.32  ? 54   ALA B O   1 
ATOM   932  C CB  . ALA B 1 54 ? 3.684   6.613   -14.879 1.00 8.43  ? 54   ALA B CB  1 
ATOM   933  N N   . ASN B 1 55 ? 4.899   9.431   -13.937 1.00 7.34  ? 55   ASN B N   1 
ATOM   934  C CA  . ASN B 1 55 ? 6.065   10.122  -13.387 1.00 6.69  ? 55   ASN B CA  1 
ATOM   935  C C   . ASN B 1 55 ? 5.728   11.211  -12.370 1.00 6.87  ? 55   ASN B C   1 
ATOM   936  O O   . ASN B 1 55 ? 6.642   11.893  -11.870 1.00 7.92  ? 55   ASN B O   1 
ATOM   937  C CB  . ASN B 1 55 ? 7.006   10.641  -14.496 1.00 6.18  ? 55   ASN B CB  1 
ATOM   938  C CG  . ASN B 1 55 ? 6.395   11.772  -15.311 1.00 4.99  ? 55   ASN B CG  1 
ATOM   939  O OD1 . ASN B 1 55 ? 5.268   12.205  -15.049 1.00 9.30  ? 55   ASN B OD1 1 
ATOM   940  N ND2 . ASN B 1 55 ? 7.132   12.258  -16.308 1.00 4.22  ? 55   ASN B ND2 1 
ATOM   941  N N   . TYR B 1 56 ? 4.444   11.364  -12.028 1.00 6.28  ? 56   TYR B N   1 
ATOM   942  C CA  . TYR B 1 56 ? 4.078   12.157  -10.862 1.00 7.31  ? 56   TYR B CA  1 
ATOM   943  C C   . TYR B 1 56 ? 4.091   11.382  -9.542  1.00 7.76  ? 56   TYR B C   1 
ATOM   944  O O   . TYR B 1 56 ? 3.813   11.988  -8.488  1.00 8.79  ? 56   TYR B O   1 
ATOM   945  C CB  . TYR B 1 56 ? 2.683   12.783  -11.048 1.00 6.61  ? 56   TYR B CB  1 
ATOM   946  C CG  . TYR B 1 56 ? 2.665   13.995  -11.915 1.00 8.39  ? 56   TYR B CG  1 
ATOM   947  C CD1 . TYR B 1 56 ? 3.275   14.013  -13.189 1.00 6.17  ? 56   TYR B CD1 1 
ATOM   948  C CD2 . TYR B 1 56 ? 2.014   15.152  -11.490 1.00 8.87  ? 56   TYR B CD2 1 
ATOM   949  C CE1 . TYR B 1 56 ? 3.218   15.144  -13.985 1.00 8.60  ? 56   TYR B CE1 1 
ATOM   950  C CE2 . TYR B 1 56 ? 1.959   16.283  -12.295 1.00 7.75  ? 56   TYR B CE2 1 
ATOM   951  C CZ  . TYR B 1 56 ? 2.570   16.279  -13.524 1.00 9.86  ? 56   TYR B CZ  1 
ATOM   952  O OH  . TYR B 1 56 ? 2.484   17.437  -14.287 1.00 9.11  ? 56   TYR B OH  1 
ATOM   953  N N   . VAL B 1 57 ? 4.390   10.071  -9.581  1.00 8.09  ? 57   VAL B N   1 
ATOM   954  C CA  . VAL B 1 57 ? 4.374   9.255   -8.357  1.00 7.64  ? 57   VAL B CA  1 
ATOM   955  C C   . VAL B 1 57 ? 5.621   8.387   -8.214  1.00 8.40  ? 57   VAL B C   1 
ATOM   956  O O   . VAL B 1 57 ? 6.407   8.211   -9.155  1.00 7.01  ? 57   VAL B O   1 
ATOM   957  C CB  . VAL B 1 57 ? 3.087   8.412   -8.241  1.00 7.82  ? 57   VAL B CB  1 
ATOM   958  C CG1 . VAL B 1 57 ? 1.798   9.318   -8.427  1.00 8.72  ? 57   VAL B CG1 1 
ATOM   959  C CG2 . VAL B 1 57 ? 3.088   7.266   -9.206  1.00 5.35  ? 57   VAL B CG2 1 
ATOM   960  N N   . ALA B 1 58 ? 5.802   7.880   -7.005  1.00 10.29 ? 58   ALA B N   1 
ATOM   961  C CA  . ALA B 1 58 ? 6.901   6.989   -6.662  1.00 11.90 ? 58   ALA B CA  1 
ATOM   962  C C   . ALA B 1 58 ? 6.339   5.744   -6.029  1.00 12.41 ? 58   ALA B C   1 
ATOM   963  O O   . ALA B 1 58 ? 5.747   5.845   -4.951  1.00 12.79 ? 58   ALA B O   1 
ATOM   964  C CB  . ALA B 1 58 ? 7.831   7.685   -5.657  1.00 11.52 ? 58   ALA B CB  1 
ATOM   965  N N   . PRO B 1 59 ? 6.526   4.569   -6.676  1.00 12.71 ? 59   PRO B N   1 
ATOM   966  C CA  . PRO B 1 59 ? 6.058   3.346   -6.073  1.00 12.71 ? 59   PRO B CA  1 
ATOM   967  C C   . PRO B 1 59 ? 6.565   3.231   -4.630  1.00 12.64 ? 59   PRO B C   1 
ATOM   968  O O   . PRO B 1 59 ? 7.714   3.502   -4.370  1.00 11.14 ? 59   PRO B O   1 
ATOM   969  C CB  . PRO B 1 59 ? 6.676   2.286   -6.969  1.00 12.62 ? 59   PRO B CB  1 
ATOM   970  C CG  . PRO B 1 59 ? 6.694   2.945   -8.327  1.00 13.90 ? 59   PRO B CG  1 
ATOM   971  C CD  . PRO B 1 59 ? 7.178   4.305   -7.982  1.00 12.90 ? 59   PRO B CD  1 
ATOM   972  N N   . MET B 1 60 ? 5.703   2.863   -3.701  1.00 13.26 ? 60   MET B N   1 
ATOM   973  C CA  . MET B 1 60 ? 6.108   2.748   -2.311  1.00 14.10 ? 60   MET B CA  1 
ATOM   974  C C   . MET B 1 60 ? 7.056   1.566   -2.116  1.00 14.72 ? 60   MET B C   1 
ATOM   975  O O   . MET B 1 60 ? 7.088   0.620   -2.928  1.00 14.87 ? 60   MET B O   1 
ATOM   976  C CB  . MET B 1 60 ? 4.870   2.651   -1.413  1.00 14.37 ? 60   MET B CB  1 
ATOM   977  C CG  . MET B 1 60 ? 4.154   3.994   -1.353  1.00 17.92 ? 60   MET B CG  1 
ATOM   978  S SD  . MET B 1 60 ? 2.781   4.105   -0.242  1.00 27.82 ? 60   MET B SD  1 
ATOM   979  C CE  . MET B 1 60 ? 3.620   3.902   1.319   1.00 27.03 ? 60   MET B CE  1 
ATOM   980  N N   . MET B 1 61 ? 7.865   1.615   -1.068  1.00 15.42 ? 61   MET B N   1 
ATOM   981  C CA  . MET B 1 61 ? 8.825   0.560   -0.923  1.00 17.53 ? 61   MET B CA  1 
ATOM   982  C C   . MET B 1 61 ? 8.095   -0.657  -0.397  1.00 17.96 ? 61   MET B C   1 
ATOM   983  O O   . MET B 1 61 ? 7.063   -0.559  0.310   1.00 18.23 ? 61   MET B O   1 
ATOM   984  C CB  . MET B 1 61 ? 10.101  0.985   -0.157  1.00 18.80 ? 61   MET B CB  1 
ATOM   985  C CG  . MET B 1 61 ? 10.120  0.943   1.306   1.00 20.83 ? 61   MET B CG  1 
ATOM   986  S SD  . MET B 1 61 ? 11.892  0.980   1.842   1.00 26.83 ? 61   MET B SD  1 
ATOM   987  C CE  . MET B 1 61 ? 12.452  2.561   1.206   1.00 26.31 ? 61   MET B CE  1 
ATOM   988  N N   . ARG B 1 62 ? 8.571   -1.811  -0.821  1.00 18.65 ? 62   ARG B N   1 
ATOM   989  C CA  . ARG B 1 62 ? 7.832   -3.024  -0.581  1.00 19.24 ? 62   ARG B CA  1 
ATOM   990  C C   . ARG B 1 62 ? 8.727   -4.111  0.009   1.00 19.95 ? 62   ARG B C   1 
ATOM   991  O O   . ARG B 1 62 ? 8.384   -4.722  1.053   1.00 19.68 ? 62   ARG B O   1 
ATOM   992  C CB  . ARG B 1 62 ? 7.104   -3.314  -1.901  1.00 19.85 ? 62   ARG B CB  1 
ATOM   993  C CG  . ARG B 1 62 ? 6.749   -4.655  -2.271  1.00 21.01 ? 62   ARG B CG  1 
ATOM   994  C CD  . ARG B 1 62 ? 6.512   -4.649  -3.778  1.00 19.39 ? 62   ARG B CD  1 
ATOM   995  N NE  . ARG B 1 62 ? 5.152   -4.305  -4.212  1.00 17.31 ? 62   ARG B NE  1 
ATOM   996  C CZ  . ARG B 1 62 ? 4.480   -4.999  -5.142  1.00 16.57 ? 62   ARG B CZ  1 
ATOM   997  N NH1 . ARG B 1 62 ? 3.264   -4.637  -5.533  1.00 13.69 ? 62   ARG B NH1 1 
ATOM   998  N NH2 . ARG B 1 62 ? 5.038   -6.055  -5.715  1.00 14.60 ? 62   ARG B NH2 1 
ATOM   999  N N   . PRO C 2 1  ? 5.493   21.027  -11.842 1.00 19.76 ? 3    PRO C N   1 
ATOM   1000 C CA  . PRO C 2 1  ? 5.677   19.587  -11.905 1.00 19.15 ? 3    PRO C CA  1 
ATOM   1001 C C   . PRO C 2 1  ? 6.205   19.184  -13.268 1.00 18.40 ? 3    PRO C C   1 
ATOM   1002 O O   . PRO C 2 1  ? 6.367   20.041  -14.147 1.00 18.83 ? 3    PRO C O   1 
ATOM   1003 C CB  . PRO C 2 1  ? 4.262   19.055  -11.682 1.00 19.60 ? 3    PRO C CB  1 
ATOM   1004 C CG  . PRO C 2 1  ? 3.392   20.137  -12.204 1.00 20.37 ? 3    PRO C CG  1 
ATOM   1005 C CD  . PRO C 2 1  ? 4.072   21.404  -11.854 1.00 20.31 ? 3    PRO C CD  1 
ATOM   1006 N N   . PRO C 2 2  ? 6.473   17.891  -13.460 1.00 17.10 ? 4    PRO C N   1 
ATOM   1007 C CA  . PRO C 2 2  ? 6.896   17.469  -14.771 1.00 16.78 ? 4    PRO C CA  1 
ATOM   1008 C C   . PRO C 2 2  ? 5.852   17.856  -15.830 1.00 16.57 ? 4    PRO C C   1 
ATOM   1009 O O   . PRO C 2 2  ? 4.677   18.090  -15.503 1.00 14.97 ? 4    PRO C O   1 
ATOM   1010 C CB  . PRO C 2 2  ? 6.989   15.939  -14.639 1.00 16.78 ? 4    PRO C CB  1 
ATOM   1011 C CG  . PRO C 2 2  ? 7.306   15.705  -13.197 1.00 16.98 ? 4    PRO C CG  1 
ATOM   1012 C CD  . PRO C 2 2  ? 6.556   16.810  -12.465 1.00 17.34 ? 4    PRO C CD  1 
ATOM   1013 N N   . PRO C 2 3  ? 6.276   17.944  -17.092 1.00 17.10 ? 5    PRO C N   1 
ATOM   1014 C CA  . PRO C 2 3  ? 5.272   18.169  -18.150 1.00 16.77 ? 5    PRO C CA  1 
ATOM   1015 C C   . PRO C 2 3  ? 4.226   17.049  -18.104 1.00 15.93 ? 5    PRO C C   1 
ATOM   1016 O O   . PRO C 2 3  ? 4.545   15.924  -17.717 1.00 14.82 ? 5    PRO C O   1 
ATOM   1017 C CB  . PRO C 2 3  ? 6.081   18.102  -19.457 1.00 17.77 ? 5    PRO C CB  1 
ATOM   1018 C CG  . PRO C 2 3  ? 7.491   17.693  -19.072 1.00 18.06 ? 5    PRO C CG  1 
ATOM   1019 C CD  . PRO C 2 3  ? 7.658   17.945  -17.596 1.00 17.12 ? 5    PRO C CD  1 
ATOM   1020 N N   . ARG C 2 4  ? 2.982   17.364  -18.455 1.00 14.96 ? 6    ARG C N   1 
ATOM   1021 C CA  . ARG C 2 4  ? 1.957   16.329  -18.564 1.00 15.40 ? 6    ARG C CA  1 
ATOM   1022 C C   . ARG C 2 4  ? 2.328   15.379  -19.693 1.00 15.04 ? 6    ARG C C   1 
ATOM   1023 O O   . ARG C 2 4  ? 3.100   15.746  -20.579 1.00 14.04 ? 6    ARG C O   1 
ATOM   1024 C CB  . ARG C 2 4  ? 0.567   16.932  -18.793 1.00 15.46 ? 6    ARG C CB  1 
ATOM   1025 C CG  . ARG C 2 4  ? 0.061   17.694  -17.603 1.00 17.10 ? 6    ARG C CG  1 
ATOM   1026 C CD  . ARG C 2 4  ? -1.431  18.039  -17.684 1.00 17.91 ? 6    ARG C CD  1 
ATOM   1027 N NE  . ARG C 2 4  ? -1.771  18.487  -16.357 1.00 19.95 ? 6    ARG C NE  1 
ATOM   1028 C CZ  . ARG C 2 4  ? -2.792  18.094  -15.643 1.00 16.58 ? 6    ARG C CZ  1 
ATOM   1029 N NH1 . ARG C 2 4  ? -3.729  17.278  -16.123 1.00 15.48 ? 6    ARG C NH1 1 
ATOM   1030 N NH2 . ARG C 2 4  ? -2.893  18.587  -14.446 1.00 20.50 ? 6    ARG C NH2 1 
ATOM   1031 N N   . PRO C 2 5  ? 1.806   14.152  -19.653 1.00 14.75 ? 7    PRO C N   1 
ATOM   1032 C CA  . PRO C 2 5  ? 2.171   13.133  -20.622 1.00 14.05 ? 7    PRO C CA  1 
ATOM   1033 C C   . PRO C 2 5  ? 1.992   13.556  -22.068 1.00 14.98 ? 7    PRO C C   1 
ATOM   1034 O O   . PRO C 2 5  ? 1.003   14.201  -22.407 1.00 12.65 ? 7    PRO C O   1 
ATOM   1035 C CB  . PRO C 2 5  ? 1.211   11.997  -20.291 1.00 14.83 ? 7    PRO C CB  1 
ATOM   1036 C CG  . PRO C 2 5  ? 1.024   12.114  -18.842 1.00 13.41 ? 7    PRO C CG  1 
ATOM   1037 C CD  . PRO C 2 5  ? 0.937   13.594  -18.591 1.00 14.27 ? 7    PRO C CD  1 
ATOM   1038 N N   . THR C 2 6  ? 2.961   13.203  -22.907 1.00 15.03 ? 8    THR C N   1 
ATOM   1039 C CA  . THR C 2 6  ? 2.848   13.457  -24.321 1.00 17.22 ? 8    THR C CA  1 
ATOM   1040 C C   . THR C 2 6  ? 1.993   12.379  -24.974 1.00 18.47 ? 8    THR C C   1 
ATOM   1041 O O   . THR C 2 6  ? 1.431   12.580  -26.035 1.00 18.92 ? 8    THR C O   1 
ATOM   1042 C CB  . THR C 2 6  ? 4.240   13.536  -25.000 1.00 16.89 ? 8    THR C CB  1 
ATOM   1043 O OG1 . THR C 2 6  ? 5.004   12.380  -24.680 1.00 18.97 ? 8    THR C OG1 1 
ATOM   1044 C CG2 . THR C 2 6  ? 5.001   14.746  -24.532 1.00 18.44 ? 8    THR C CG2 1 
ATOM   1045 N N   . ALA C 2 7  ? 1.910   11.226  -24.325 1.00 19.05 ? 9    ALA C N   1 
ATOM   1046 C CA  . ALA C 2 7  ? 1.291   10.039  -24.892 1.00 19.79 ? 9    ALA C CA  1 
ATOM   1047 C C   . ALA C 2 7  ? -0.206  10.093  -24.737 1.00 20.04 ? 9    ALA C C   1 
ATOM   1048 O O   . ALA C 2 7  ? -0.707  10.702  -23.783 1.00 18.63 ? 9    ALA C O   1 
ATOM   1049 C CB  . ALA C 2 7  ? 1.857   8.789   -24.171 1.00 19.79 ? 9    ALA C CB  1 
ATOM   1050 N N   . PRO C 2 8  ? -0.951  9.459   -25.659 1.00 21.80 ? 10   PRO C N   1 
ATOM   1051 C CA  . PRO C 2 8  ? -2.406  9.501   -25.480 1.00 22.41 ? 10   PRO C CA  1 
ATOM   1052 C C   . PRO C 2 8  ? -2.851  8.623   -24.319 1.00 22.85 ? 10   PRO C C   1 
ATOM   1053 O O   . PRO C 2 8  ? -2.171  7.646   -23.983 1.00 22.28 ? 10   PRO C O   1 
ATOM   1054 C CB  . PRO C 2 8  ? -2.954  8.922   -26.789 1.00 22.60 ? 10   PRO C CB  1 
ATOM   1055 C CG  . PRO C 2 8  ? -1.806  8.187   -27.411 1.00 22.75 ? 10   PRO C CG  1 
ATOM   1056 C CD  . PRO C 2 8  ? -0.565  8.839   -26.938 1.00 22.72 ? 10   PRO C CD  1 
ATOM   1057 N N   . LYS C 2 9  ? -4.006  8.959   -23.750 1.00 23.99 ? 11   LYS C N   1 
ATOM   1058 C CA  . LYS C 2 9  ? -4.587  8.155   -22.672 1.00 24.41 ? 11   LYS C CA  1 
ATOM   1059 C C   . LYS C 2 9  ? -4.974  6.748   -23.142 1.00 25.49 ? 11   LYS C C   1 
ATOM   1060 O O   . LYS C 2 9  ? -5.267  6.533   -24.313 1.00 26.22 ? 11   LYS C O   1 
ATOM   1061 C CB  . LYS C 2 9  ? -5.781  8.871   -22.077 1.00 24.18 ? 11   LYS C CB  1 
ATOM   1062 C CG  . LYS C 2 9  ? -5.402  10.165  -21.393 1.00 23.16 ? 11   LYS C CG  1 
ATOM   1063 C CD  . LYS C 2 9  ? -6.614  10.920  -20.881 1.00 22.24 ? 11   LYS C CD  1 
ATOM   1064 C CE  . LYS C 2 9  ? -6.213  12.249  -20.285 1.00 21.06 ? 11   LYS C CE  1 
ATOM   1065 N NZ  . LYS C 2 9  ? -7.421  13.059  -19.943 1.00 21.79 ? 11   LYS C NZ  1 
ATOM   1066 N N   . PRO C 2 10 ? -4.938  5.768   -22.237 1.00 26.37 ? 12   PRO C N   1 
ATOM   1067 C CA  . PRO C 2 10 ? -5.484  4.445   -22.572 1.00 26.81 ? 12   PRO C CA  1 
ATOM   1068 C C   . PRO C 2 10 ? -7.008  4.388   -22.464 1.00 27.37 ? 12   PRO C C   1 
ATOM   1069 O O   . PRO C 2 10 ? -7.643  5.401   -22.138 1.00 28.41 ? 12   PRO C O   1 
ATOM   1070 C CB  . PRO C 2 10 ? -4.835  3.530   -21.544 1.00 26.99 ? 12   PRO C CB  1 
ATOM   1071 C CG  . PRO C 2 10 ? -4.429  4.417   -20.424 1.00 26.83 ? 12   PRO C CG  1 
ATOM   1072 C CD  . PRO C 2 10 ? -4.167  5.758   -20.989 1.00 26.03 ? 12   PRO C CD  1 
ATOM   1073 N N   . PRO D 2 1  ? 0.703   2.680   21.022  1.00 16.14 ? 3    PRO D N   1 
ATOM   1074 C CA  . PRO D 2 1  ? -0.043  1.613   20.372  1.00 15.74 ? 3    PRO D CA  1 
ATOM   1075 C C   . PRO D 2 1  ? -0.876  0.783   21.332  1.00 14.61 ? 3    PRO D C   1 
ATOM   1076 O O   . PRO D 2 1  ? -0.688  0.874   22.542  1.00 14.57 ? 3    PRO D O   1 
ATOM   1077 C CB  . PRO D 2 1  ? 1.048   0.687   19.759  1.00 14.96 ? 3    PRO D CB  1 
ATOM   1078 C CG  . PRO D 2 1  ? 2.370   1.250   20.136  1.00 17.33 ? 3    PRO D CG  1 
ATOM   1079 C CD  . PRO D 2 1  ? 2.141   2.356   21.160  1.00 17.45 ? 3    PRO D CD  1 
ATOM   1080 N N   . PRO D 2 2  ? -1.754  -0.068  20.779  1.00 13.32 ? 4    PRO D N   1 
ATOM   1081 C CA  . PRO D 2 2  ? -2.440  -1.069  21.566  1.00 12.71 ? 4    PRO D CA  1 
ATOM   1082 C C   . PRO D 2 2  ? -1.463  -2.071  22.161  1.00 12.11 ? 4    PRO D C   1 
ATOM   1083 O O   . PRO D 2 2  ? -0.310  -2.203  21.662  1.00 12.32 ? 4    PRO D O   1 
ATOM   1084 C CB  . PRO D 2 2  ? -3.314  -1.811  20.535  1.00 13.55 ? 4    PRO D CB  1 
ATOM   1085 C CG  . PRO D 2 2  ? -3.394  -0.898  19.365  1.00 13.14 ? 4    PRO D CG  1 
ATOM   1086 C CD  . PRO D 2 2  ? -2.172  -0.089  19.369  1.00 13.77 ? 4    PRO D CD  1 
ATOM   1087 N N   . PRO D 2 3  ? -1.937  -2.834  23.155  1.00 10.95 ? 5    PRO D N   1 
ATOM   1088 C CA  . PRO D 2 3  ? -1.174  -3.922  23.687  1.00 10.48 ? 5    PRO D CA  1 
ATOM   1089 C C   . PRO D 2 3  ? -0.895  -4.956  22.594  1.00 10.27 ? 5    PRO D C   1 
ATOM   1090 O O   . PRO D 2 3  ? -1.701  -5.103  21.668  1.00 8.49  ? 5    PRO D O   1 
ATOM   1091 C CB  . PRO D 2 3  ? -2.107  -4.541  24.722  1.00 11.28 ? 5    PRO D CB  1 
ATOM   1092 C CG  . PRO D 2 3  ? -3.162  -3.553  24.990  1.00 10.94 ? 5    PRO D CG  1 
ATOM   1093 C CD  . PRO D 2 3  ? -3.275  -2.753  23.764  1.00 10.79 ? 5    PRO D CD  1 
ATOM   1094 N N   . ARG D 2 4  ? 0.231   -5.651  22.718  1.00 9.07  ? 6    ARG D N   1 
ATOM   1095 C CA  . ARG D 2 4  ? 0.522   -6.771  21.847  1.00 10.08 ? 6    ARG D CA  1 
ATOM   1096 C C   . ARG D 2 4  ? -0.561  -7.838  22.020  1.00 9.44  ? 6    ARG D C   1 
ATOM   1097 O O   . ARG D 2 4  ? -1.215  -7.907  23.083  1.00 10.04 ? 6    ARG D O   1 
ATOM   1098 C CB  . ARG D 2 4  ? 1.878   -7.386  22.175  1.00 10.22 ? 6    ARG D CB  1 
ATOM   1099 C CG  . ARG D 2 4  ? 3.091   -6.497  21.907  1.00 11.29 ? 6    ARG D CG  1 
ATOM   1100 C CD  . ARG D 2 4  ? 4.337   -7.121  22.445  1.00 12.13 ? 6    ARG D CD  1 
ATOM   1101 N NE  . ARG D 2 4  ? 4.399   -8.560  22.175  1.00 11.27 ? 6    ARG D NE  1 
ATOM   1102 C CZ  . ARG D 2 4  ? 5.058   -9.128  21.165  1.00 11.68 ? 6    ARG D CZ  1 
ATOM   1103 N NH1 . ARG D 2 4  ? 5.036   -10.446 21.046  1.00 11.06 ? 6    ARG D NH1 1 
ATOM   1104 N NH2 . ARG D 2 4  ? 5.743   -8.398  20.286  1.00 13.23 ? 6    ARG D NH2 1 
ATOM   1105 N N   . PRO D 2 5  ? -0.776  -8.662  20.985  1.00 10.93 ? 7    PRO D N   1 
ATOM   1106 C CA  . PRO D 2 5  ? -1.661  -9.831  21.195  1.00 10.44 ? 7    PRO D CA  1 
ATOM   1107 C C   . PRO D 2 5  ? -0.973  -10.804 22.140  1.00 10.66 ? 7    PRO D C   1 
ATOM   1108 O O   . PRO D 2 5  ? 0.249   -10.782 22.238  1.00 9.70  ? 7    PRO D O   1 
ATOM   1109 C CB  . PRO D 2 5  ? -1.807  -10.440 19.810  1.00 10.09 ? 7    PRO D CB  1 
ATOM   1110 C CG  . PRO D 2 5  ? -1.156  -9.505  18.869  1.00 10.43 ? 7    PRO D CG  1 
ATOM   1111 C CD  . PRO D 2 5  ? -0.250  -8.606  19.621  1.00 9.87  ? 7    PRO D CD  1 
ATOM   1112 N N   . THR D 2 6  ? -1.759  -11.608 22.854  1.00 10.75 ? 8    THR D N   1 
ATOM   1113 C CA  . THR D 2 6  ? -1.226  -12.655 23.698  1.00 11.06 ? 8    THR D CA  1 
ATOM   1114 C C   . THR D 2 6  ? -1.603  -14.044 23.197  1.00 11.60 ? 8    THR D C   1 
ATOM   1115 O O   . THR D 2 6  ? -1.197  -15.049 23.785  1.00 10.84 ? 8    THR D O   1 
ATOM   1116 C CB  . THR D 2 6  ? -1.721  -12.511 25.144  1.00 12.00 ? 8    THR D CB  1 
ATOM   1117 O OG1 . THR D 2 6  ? -3.157  -12.589 25.178  1.00 13.14 ? 8    THR D OG1 1 
ATOM   1118 C CG2 . THR D 2 6  ? -1.255  -11.199 25.732  1.00 12.58 ? 8    THR D CG2 1 
ATOM   1119 N N   . ALA D 2 7  ? -2.358  -14.147 22.106  1.00 11.49 ? 9    ALA D N   1 
ATOM   1120 C CA  . ALA D 2 7  ? -2.664  -15.462 21.573  1.00 11.44 ? 9    ALA D CA  1 
ATOM   1121 C C   . ALA D 2 7  ? -1.372  -16.133 21.105  1.00 12.24 ? 9    ALA D C   1 
ATOM   1122 O O   . ALA D 2 7  ? -0.427  -15.435 20.672  1.00 11.61 ? 9    ALA D O   1 
ATOM   1123 C CB  . ALA D 2 7  ? -3.619  -15.357 20.422  1.00 11.06 ? 9    ALA D CB  1 
ATOM   1124 N N   . PRO D 2 8  ? -1.318  -17.484 21.142  1.00 13.09 ? 10   PRO D N   1 
ATOM   1125 C CA  . PRO D 2 8  ? -0.180  -18.180 20.524  1.00 14.60 ? 10   PRO D CA  1 
ATOM   1126 C C   . PRO D 2 8  ? -0.117  -17.861 19.041  1.00 15.58 ? 10   PRO D C   1 
ATOM   1127 O O   . PRO D 2 8  ? -1.158  -17.657 18.421  1.00 15.33 ? 10   PRO D O   1 
ATOM   1128 C CB  . PRO D 2 8  ? -0.498  -19.653 20.751  1.00 14.51 ? 10   PRO D CB  1 
ATOM   1129 C CG  . PRO D 2 8  ? -1.353  -19.654 21.936  1.00 14.68 ? 10   PRO D CG  1 
ATOM   1130 C CD  . PRO D 2 8  ? -2.226  -18.429 21.792  1.00 13.96 ? 10   PRO D CD  1 
ATOM   1131 N N   . LYS D 2 9  ? 1.085   -17.766 18.491  1.00 16.94 ? 11   LYS D N   1 
ATOM   1132 C CA  . LYS D 2 9  ? 1.239   -17.390 17.094  1.00 18.27 ? 11   LYS D CA  1 
ATOM   1133 C C   . LYS D 2 9  ? 1.116   -18.613 16.208  1.00 19.88 ? 11   LYS D C   1 
ATOM   1134 O O   . LYS D 2 9  ? 1.578   -19.707 16.566  1.00 19.62 ? 11   LYS D O   1 
ATOM   1135 C CB  . LYS D 2 9  ? 2.583   -16.691 16.856  1.00 18.94 ? 11   LYS D CB  1 
ATOM   1136 C CG  . LYS D 2 9  ? 2.568   -15.220 17.232  1.00 17.85 ? 11   LYS D CG  1 
ATOM   1137 C CD  . LYS D 2 9  ? 3.913   -14.561 17.180  1.00 17.63 ? 11   LYS D CD  1 
ATOM   1138 C CE  . LYS D 2 9  ? 4.694   -14.848 18.438  1.00 18.45 ? 11   LYS D CE  1 
ATOM   1139 N NZ  . LYS D 2 9  ? 6.019   -14.239 18.436  1.00 15.04 ? 11   LYS D NZ  1 
ATOM   1140 N N   . PRO D 2 10 ? 0.482   -18.453 15.047  1.00 21.42 ? 12   PRO D N   1 
ATOM   1141 C CA  . PRO D 2 10 ? 0.502   -19.578 14.123  1.00 22.97 ? 12   PRO D CA  1 
ATOM   1142 C C   . PRO D 2 10 ? 1.896   -19.775 13.546  1.00 24.78 ? 12   PRO D C   1 
ATOM   1143 O O   . PRO D 2 10 ? 2.721   -18.872 13.621  1.00 24.42 ? 12   PRO D O   1 
ATOM   1144 C CB  . PRO D 2 10 ? -0.488  -19.159 13.029  1.00 23.21 ? 12   PRO D CB  1 
ATOM   1145 C CG  . PRO D 2 10 ? -0.675  -17.666 13.183  1.00 22.27 ? 12   PRO D CG  1 
ATOM   1146 C CD  . PRO D 2 10 ? -0.301  -17.302 14.558  1.00 21.35 ? 12   PRO D CD  1 
ATOM   1147 N N   . LEU D 2 11 ? 2.168   -20.942 12.971  1.00 27.03 ? 13   LEU D N   1 
ATOM   1148 C CA  . LEU D 2 11 ? 3.455   -21.147 12.309  1.00 28.95 ? 13   LEU D CA  1 
ATOM   1149 C C   . LEU D 2 11 ? 3.488   -20.464 10.950  1.00 29.96 ? 13   LEU D C   1 
ATOM   1150 O O   . LEU D 2 11 ? 2.440   -20.197 10.359  1.00 30.72 ? 13   LEU D O   1 
ATOM   1151 C CB  . LEU D 2 11 ? 3.779   -22.634 12.165  1.00 29.62 ? 13   LEU D CB  1 
ATOM   1152 C CG  . LEU D 2 11 ? 4.331   -23.304 13.434  1.00 31.43 ? 13   LEU D CG  1 
ATOM   1153 C CD1 . LEU D 2 11 ? 4.881   -22.290 14.479  1.00 32.98 ? 13   LEU D CD1 1 
ATOM   1154 C CD2 . LEU D 2 11 ? 3.315   -24.217 14.080  1.00 34.40 ? 13   LEU D CD2 1 
ATOM   1155 N N   . LEU D 2 12 ? 4.685   -20.117 10.482  1.00 31.21 ? 14   LEU D N   1 
ATOM   1156 C CA  . LEU D 2 12 ? 4.883   -19.804 9.055   1.00 31.76 ? 14   LEU D CA  1 
ATOM   1157 C C   . LEU D 2 12 ? 6.077   -20.541 8.493   1.00 32.39 ? 14   LEU D C   1 
ATOM   1158 O O   . LEU D 2 12 ? 7.029   -20.810 9.220   1.00 32.86 ? 14   LEU D O   1 
ATOM   1159 C CB  . LEU D 2 12 ? 5.006   -18.302 8.810   1.00 32.24 ? 14   LEU D CB  1 
ATOM   1160 C CG  . LEU D 2 12 ? 5.578   -17.349 9.865   1.00 32.05 ? 14   LEU D CG  1 
ATOM   1161 C CD1 . LEU D 2 12 ? 6.988   -17.684 10.208  1.00 30.98 ? 14   LEU D CD1 1 
ATOM   1162 C CD2 . LEU D 2 12 ? 5.492   -15.963 9.306   1.00 30.16 ? 14   LEU D CD2 1 
HETATM 1163 P P   . PO4 E 3 .  ? -1.167  9.798   5.389   1.00 27.41 ? 1062 PO4 A P   1 
HETATM 1164 O O1  . PO4 E 3 .  ? -1.108  10.438  4.033   1.00 31.13 ? 1062 PO4 A O1  1 
HETATM 1165 O O2  . PO4 E 3 .  ? 0.199   9.225   5.593   1.00 28.50 ? 1062 PO4 A O2  1 
HETATM 1166 O O3  . PO4 E 3 .  ? -1.620  10.865  6.341   1.00 29.64 ? 1062 PO4 A O3  1 
HETATM 1167 O O4  . PO4 E 3 .  ? -2.238  8.747   5.528   1.00 30.07 ? 1062 PO4 A O4  1 
HETATM 1168 P P   . PO4 F 3 .  ? -2.109  -7.558  -5.260  1.00 16.52 ? 1063 PO4 B P   1 
HETATM 1169 O O1  . PO4 F 3 .  ? -1.344  -6.265  -5.206  1.00 19.80 ? 1063 PO4 B O1  1 
HETATM 1170 O O2  . PO4 F 3 .  ? -1.155  -8.697  -5.166  1.00 16.64 ? 1063 PO4 B O2  1 
HETATM 1171 O O3  . PO4 F 3 .  ? -3.112  -7.613  -4.129  1.00 20.61 ? 1063 PO4 B O3  1 
HETATM 1172 O O4  . PO4 F 3 .  ? -2.909  -7.498  -6.541  1.00 21.24 ? 1063 PO4 B O4  1 
HETATM 1173 O O   . HOH G 4 .  ? -12.911 -14.956 5.617   1.00 44.81 ? 2001 HOH A O   1 
HETATM 1174 O O   . HOH G 4 .  ? -12.023 -7.615  4.550   1.00 15.53 ? 2002 HOH A O   1 
HETATM 1175 O O   . HOH G 4 .  ? -5.640  -12.804 -0.602  1.00 28.94 ? 2003 HOH A O   1 
HETATM 1176 O O   . HOH G 4 .  ? -4.815  -12.580 3.428   1.00 25.05 ? 2004 HOH A O   1 
HETATM 1177 O O   . HOH G 4 .  ? -0.537  -8.811  -1.927  1.00 22.71 ? 2005 HOH A O   1 
HETATM 1178 O O   . HOH G 4 .  ? -6.098  -5.610  0.661   1.00 15.75 ? 2006 HOH A O   1 
HETATM 1179 O O   . HOH G 4 .  ? -3.631  4.640   3.911   1.00 30.81 ? 2007 HOH A O   1 
HETATM 1180 O O   . HOH G 4 .  ? 3.497   7.337   6.105   1.00 27.06 ? 2008 HOH A O   1 
HETATM 1181 O O   . HOH G 4 .  ? -1.797  5.946   14.781  1.00 28.79 ? 2009 HOH A O   1 
HETATM 1182 O O   . HOH G 4 .  ? -5.091  4.746   15.450  1.00 20.53 ? 2010 HOH A O   1 
HETATM 1183 O O   . HOH G 4 .  ? 5.716   -1.685  19.361  1.00 23.58 ? 2011 HOH A O   1 
HETATM 1184 O O   . HOH G 4 .  ? 10.066  -2.227  14.307  1.00 32.97 ? 2012 HOH A O   1 
HETATM 1185 O O   . HOH G 4 .  ? 6.235   -5.358  20.283  1.00 12.94 ? 2013 HOH A O   1 
HETATM 1186 O O   . HOH G 4 .  ? 11.285  -4.490  14.961  1.00 19.94 ? 2014 HOH A O   1 
HETATM 1187 O O   . HOH G 4 .  ? 13.435  -9.903  22.259  1.00 31.53 ? 2015 HOH A O   1 
HETATM 1188 O O   . HOH G 4 .  ? 12.276  -15.289 11.074  1.00 30.63 ? 2016 HOH A O   1 
HETATM 1189 O O   . HOH G 4 .  ? 5.371   -18.837 14.619  1.00 20.49 ? 2017 HOH A O   1 
HETATM 1190 O O   . HOH G 4 .  ? 8.361   -15.564 10.686  1.00 42.49 ? 2018 HOH A O   1 
HETATM 1191 O O   . HOH G 4 .  ? 11.967  -10.976 13.854  1.00 19.69 ? 2019 HOH A O   1 
HETATM 1192 O O   . HOH G 4 .  ? 11.417  -6.914  11.988  1.00 22.25 ? 2020 HOH A O   1 
HETATM 1193 O O   . HOH G 4 .  ? 1.442   7.578   10.684  1.00 19.38 ? 2021 HOH A O   1 
HETATM 1194 O O   . HOH G 4 .  ? 6.101   5.082   6.927   1.00 26.54 ? 2022 HOH A O   1 
HETATM 1195 O O   . HOH G 4 .  ? 6.972   5.782   10.234  1.00 22.51 ? 2023 HOH A O   1 
HETATM 1196 O O   . HOH G 4 .  ? 10.465  -1.178  8.772   1.00 23.60 ? 2024 HOH A O   1 
HETATM 1197 O O   . HOH G 4 .  ? 5.873   -7.475  -1.083  1.00 22.31 ? 2025 HOH A O   1 
HETATM 1198 O O   . HOH G 4 .  ? -1.321  -11.360 -0.542  1.00 31.02 ? 2026 HOH A O   1 
HETATM 1199 O O   . HOH G 4 .  ? -3.520  -15.157 0.269   1.00 39.78 ? 2027 HOH A O   1 
HETATM 1200 O O   . HOH G 4 .  ? -8.767  -11.920 10.831  1.00 17.57 ? 2028 HOH A O   1 
HETATM 1201 O O   . HOH G 4 .  ? -5.819  -14.746 4.452   1.00 20.55 ? 2029 HOH A O   1 
HETATM 1202 O O   . HOH G 4 .  ? -8.764  -13.621 5.759   1.00 22.39 ? 2030 HOH A O   1 
HETATM 1203 O O   . HOH G 4 .  ? -6.519  -19.307 10.627  1.00 10.65 ? 2031 HOH A O   1 
HETATM 1204 O O   . HOH G 4 .  ? -4.237  -19.274 12.245  1.00 13.63 ? 2032 HOH A O   1 
HETATM 1205 O O   . HOH G 4 .  ? -8.342  -8.272  13.839  1.00 31.52 ? 2033 HOH A O   1 
HETATM 1206 O O   . HOH G 4 .  ? -4.623  -12.271 21.319  1.00 13.75 ? 2034 HOH A O   1 
HETATM 1207 O O   . HOH G 4 .  ? -6.194  -15.519 17.901  1.00 24.40 ? 2035 HOH A O   1 
HETATM 1208 O O   . HOH G 4 .  ? -4.549  -8.130  16.952  1.00 16.41 ? 2036 HOH A O   1 
HETATM 1209 O O   . HOH G 4 .  ? -1.023  -15.470 10.273  1.00 23.14 ? 2037 HOH A O   1 
HETATM 1210 O O   . HOH G 4 .  ? 13.611  -13.101 3.961   1.00 34.08 ? 2038 HOH A O   1 
HETATM 1211 O O   . HOH G 4 .  ? 10.409  -13.175 10.896  1.00 33.87 ? 2039 HOH A O   1 
HETATM 1212 O O   . HOH G 4 .  ? -7.257  -5.964  12.704  1.00 18.12 ? 2040 HOH A O   1 
HETATM 1213 O O   . HOH G 4 .  ? -6.414  -4.929  10.621  1.00 27.78 ? 2041 HOH A O   1 
HETATM 1214 O O   . HOH G 4 .  ? -5.942  -0.501  16.317  1.00 10.97 ? 2042 HOH A O   1 
HETATM 1215 O O   . HOH G 4 .  ? -4.518  -8.184  19.562  1.00 12.52 ? 2043 HOH A O   1 
HETATM 1216 O O   . HOH G 4 .  ? 4.069   -3.130  20.429  1.00 21.78 ? 2044 HOH A O   1 
HETATM 1217 O O   . HOH G 4 .  ? -9.191  -0.448  6.826   1.00 19.43 ? 2045 HOH A O   1 
HETATM 1218 O O   . HOH G 4 .  ? -11.355 -3.156  -0.465  1.00 29.84 ? 2046 HOH A O   1 
HETATM 1219 O O   . HOH G 4 .  ? -6.978  1.921   1.055   1.00 24.45 ? 2047 HOH A O   1 
HETATM 1220 O O   . HOH H 4 .  ? 4.633   -10.518 -9.246  1.00 32.01 ? 2001 HOH B O   1 
HETATM 1221 O O   . HOH H 4 .  ? -0.592  -7.710  -12.413 1.00 24.01 ? 2002 HOH B O   1 
HETATM 1222 O O   . HOH H 4 .  ? 5.676   -8.262  -7.926  1.00 34.83 ? 2003 HOH B O   1 
HETATM 1223 O O   . HOH H 4 .  ? 7.280   -1.929  -6.333  1.00 22.34 ? 2004 HOH B O   1 
HETATM 1224 O O   . HOH H 4 .  ? 3.037   -1.760  -1.618  1.00 26.54 ? 2005 HOH B O   1 
HETATM 1225 O O   . HOH H 4 .  ? 0.022   -2.080  -10.968 1.00 31.22 ? 2006 HOH B O   1 
HETATM 1226 O O   . HOH H 4 .  ? 0.572   -4.732  -8.986  1.00 30.64 ? 2007 HOH B O   1 
HETATM 1227 O O   . HOH H 4 .  ? 3.446   -1.537  -4.309  1.00 11.14 ? 2008 HOH B O   1 
HETATM 1228 O O   . HOH H 4 .  ? 6.603   6.138   -0.124  1.00 27.04 ? 2009 HOH B O   1 
HETATM 1229 O O   . HOH H 4 .  ? 5.898   18.229  -4.386  1.00 16.07 ? 2010 HOH B O   1 
HETATM 1230 O O   . HOH H 4 .  ? 0.193   20.117  -1.625  1.00 22.07 ? 2011 HOH B O   1 
HETATM 1231 O O   . HOH H 4 .  ? 0.529   23.065  -6.753  1.00 31.56 ? 2012 HOH B O   1 
HETATM 1232 O O   . HOH H 4 .  ? -4.914  18.163  -7.140  1.00 33.81 ? 2013 HOH B O   1 
HETATM 1233 O O   . HOH H 4 .  ? -0.946  19.525  -12.057 1.00 16.84 ? 2014 HOH B O   1 
HETATM 1234 O O   . HOH H 4 .  ? 4.628   11.463  -18.868 1.00 14.99 ? 2015 HOH B O   1 
HETATM 1235 O O   . HOH H 4 .  ? -7.453  17.781  -9.224  1.00 18.28 ? 2016 HOH B O   1 
HETATM 1236 O O   . HOH H 4 .  ? -10.663 21.038  -18.066 1.00 19.12 ? 2017 HOH B O   1 
HETATM 1237 O O   . HOH H 4 .  ? -12.168 17.240  -13.593 1.00 24.68 ? 2018 HOH B O   1 
HETATM 1238 O O   . HOH H 4 .  ? -17.783 11.810  -15.902 1.00 25.22 ? 2019 HOH B O   1 
HETATM 1239 O O   . HOH H 4 .  ? -11.246 14.476  -11.801 1.00 31.64 ? 2020 HOH B O   1 
HETATM 1240 O O   . HOH H 4 .  ? 9.670   6.947   -2.214  1.00 20.15 ? 2021 HOH B O   1 
HETATM 1241 O O   . HOH H 4 .  ? -8.918  12.756  -6.421  1.00 31.00 ? 2022 HOH B O   1 
HETATM 1242 O O   . HOH H 4 .  ? 0.353   18.189  0.262   1.00 29.36 ? 2023 HOH B O   1 
HETATM 1243 O O   . HOH H 4 .  ? -0.160  14.785  1.447   1.00 17.82 ? 2024 HOH B O   1 
HETATM 1244 O O   . HOH H 4 .  ? -6.584  14.426  -2.754  1.00 29.71 ? 2025 HOH B O   1 
HETATM 1245 O O   . HOH H 4 .  ? -7.610  2.914   -2.610  1.00 27.14 ? 2026 HOH B O   1 
HETATM 1246 O O   . HOH H 4 .  ? -6.105  -4.678  -6.018  1.00 26.31 ? 2027 HOH B O   1 
HETATM 1247 O O   . HOH H 4 .  ? -1.765  -4.025  -12.077 1.00 37.51 ? 2028 HOH B O   1 
HETATM 1248 O O   . HOH H 4 .  ? -6.438  -3.135  -13.805 1.00 15.57 ? 2029 HOH B O   1 
HETATM 1249 O O   . HOH H 4 .  ? 3.436   -3.029  -14.497 1.00 18.27 ? 2030 HOH B O   1 
HETATM 1250 O O   . HOH H 4 .  ? -0.060  5.627   -24.333 1.00 30.50 ? 2031 HOH B O   1 
HETATM 1251 O O   . HOH H 4 .  ? -2.367  1.129   -22.448 1.00 34.09 ? 2032 HOH B O   1 
HETATM 1252 O O   . HOH H 4 .  ? 6.229   7.859   -17.327 1.00 13.27 ? 2033 HOH B O   1 
HETATM 1253 O O   . HOH H 4 .  ? 5.639   4.095   -16.098 1.00 21.64 ? 2034 HOH B O   1 
HETATM 1254 O O   . HOH H 4 .  ? 3.783   10.515  -21.873 1.00 17.04 ? 2035 HOH B O   1 
HETATM 1255 O O   . HOH H 4 .  ? 4.374   9.678   -16.997 1.00 7.58  ? 2036 HOH B O   1 
HETATM 1256 O O   . HOH H 4 .  ? -1.693  1.955   -16.930 1.00 20.45 ? 2037 HOH B O   1 
HETATM 1257 O O   . HOH H 4 .  ? -3.787  3.246   -17.064 1.00 21.92 ? 2038 HOH B O   1 
HETATM 1258 O O   . HOH H 4 .  ? -9.958  -3.053  -4.317  1.00 27.79 ? 2039 HOH B O   1 
HETATM 1259 O O   . HOH H 4 .  ? -6.052  4.975   -2.178  1.00 36.46 ? 2040 HOH B O   1 
HETATM 1260 O O   . HOH H 4 .  ? -9.966  11.140  -4.987  1.00 31.75 ? 2041 HOH B O   1 
HETATM 1261 O O   . HOH H 4 .  ? -15.306 8.783   -2.088  1.00 26.71 ? 2042 HOH B O   1 
HETATM 1262 O O   . HOH H 4 .  ? -11.815 13.044  -0.224  1.00 42.15 ? 2043 HOH B O   1 
HETATM 1263 O O   . HOH H 4 .  ? -8.290  6.983   0.130   1.00 34.44 ? 2044 HOH B O   1 
HETATM 1264 O O   . HOH H 4 .  ? -16.080 4.777   -7.033  1.00 16.86 ? 2045 HOH B O   1 
HETATM 1265 O O   . HOH H 4 .  ? -14.043 2.690   -4.070  1.00 22.93 ? 2046 HOH B O   1 
HETATM 1266 O O   . HOH H 4 .  ? -9.923  4.505   -2.192  1.00 26.30 ? 2047 HOH B O   1 
HETATM 1267 O O   . HOH H 4 .  ? -14.006 13.156  -6.653  1.00 28.85 ? 2048 HOH B O   1 
HETATM 1268 O O   . HOH H 4 .  ? -9.843  14.307  -8.928  1.00 31.14 ? 2049 HOH B O   1 
HETATM 1269 O O   . HOH H 4 .  ? 6.572   5.819   -11.186 1.00 27.58 ? 2050 HOH B O   1 
HETATM 1270 O O   . HOH H 4 .  ? 3.780   13.321  -17.006 1.00 10.81 ? 2051 HOH B O   1 
HETATM 1271 O O   . HOH H 4 .  ? 0.439   19.163  -14.407 1.00 8.94  ? 2052 HOH B O   1 
HETATM 1272 O O   . HOH H 4 .  ? 7.261   6.378   -2.562  1.00 23.01 ? 2053 HOH B O   1 
HETATM 1273 O O   . HOH H 4 .  ? 9.964   4.145   -5.986  1.00 13.21 ? 2054 HOH B O   1 
HETATM 1274 O O   . HOH H 4 .  ? 9.058   -0.220  -4.586  1.00 16.63 ? 2055 HOH B O   1 
HETATM 1275 O O   . HOH H 4 .  ? 5.695   -0.474  -5.080  1.00 13.97 ? 2056 HOH B O   1 
HETATM 1276 O O   . HOH H 4 .  ? 7.758   3.967   0.594   1.00 20.41 ? 2057 HOH B O   1 
HETATM 1277 O O   . HOH H 4 .  ? 6.093   0.497   2.851   1.00 25.93 ? 2058 HOH B O   1 
HETATM 1278 O O   . HOH H 4 .  ? 4.775   -1.619  0.359   1.00 36.00 ? 2059 HOH B O   1 
HETATM 1279 O O   . HOH H 4 .  ? 9.294   -7.265  0.259   1.00 25.56 ? 2060 HOH B O   1 
HETATM 1280 O O   . HOH H 4 .  ? 7.289   -7.244  -5.551  1.00 28.25 ? 2061 HOH B O   1 
HETATM 1281 O O   . HOH H 4 .  ? 5.992   -5.982  0.825   1.00 14.75 ? 2062 HOH B O   1 
HETATM 1282 O O   . HOH H 4 .  ? 0.970   -6.069  -6.865  1.00 14.09 ? 2063 HOH B O   1 
HETATM 1283 O O   . HOH H 4 .  ? -5.467  -6.876  -6.904  1.00 14.10 ? 2064 HOH B O   1 
HETATM 1284 O O   . HOH I 4 .  ? 6.162   23.310  -13.507 1.00 25.72 ? 2001 HOH C O   1 
HETATM 1285 O O   . HOH I 4 .  ? 6.806   14.417  -18.169 1.00 14.46 ? 2002 HOH C O   1 
HETATM 1286 O O   . HOH I 4 .  ? 2.617   19.704  -19.667 1.00 27.44 ? 2003 HOH C O   1 
HETATM 1287 O O   . HOH I 4 .  ? 3.876   17.701  -22.123 1.00 34.68 ? 2004 HOH C O   1 
HETATM 1288 O O   . HOH I 4 .  ? -1.158  15.776  -21.782 1.00 22.63 ? 2005 HOH C O   1 
HETATM 1289 O O   . HOH I 4 .  ? -1.303  13.149  -23.367 1.00 26.15 ? 2006 HOH C O   1 
HETATM 1290 O O   . HOH I 4 .  ? -5.297  11.028  -24.849 1.00 41.29 ? 2007 HOH C O   1 
HETATM 1291 O O   . HOH I 4 .  ? -9.829  13.503  -20.941 1.00 30.52 ? 2008 HOH C O   1 
HETATM 1292 O O   . HOH I 4 .  ? -9.528  3.649   -20.035 1.00 43.22 ? 2009 HOH C O   1 
HETATM 1293 O O   . HOH J 4 .  ? 1.222   4.619   19.193  1.00 22.18 ? 2001 HOH D O   1 
HETATM 1294 O O   . HOH J 4 .  ? -1.448  4.254   21.644  1.00 28.24 ? 2002 HOH D O   1 
HETATM 1295 O O   . HOH J 4 .  ? 1.863   -1.379  22.985  1.00 35.77 ? 2003 HOH D O   1 
HETATM 1296 O O   . HOH J 4 .  ? -4.587  -5.050  21.454  1.00 15.72 ? 2004 HOH D O   1 
HETATM 1297 O O   . HOH J 4 .  ? -2.415  -6.517  19.370  1.00 8.11  ? 2005 HOH D O   1 
HETATM 1298 O O   . HOH J 4 .  ? -0.191  -7.833  25.718  1.00 15.84 ? 2006 HOH D O   1 
HETATM 1299 O O   . HOH J 4 .  ? -3.969  -7.468  23.251  1.00 28.89 ? 2007 HOH D O   1 
HETATM 1300 O O   . HOH J 4 .  ? 1.924   -5.096  25.067  1.00 15.98 ? 2008 HOH D O   1 
HETATM 1301 O O   . HOH J 4 .  ? 0.155   -24.281 14.164  1.00 40.14 ? 2009 HOH D O   1 
HETATM 1302 O O   . HOH J 4 .  ? -4.776  -10.566 24.710  1.00 18.57 ? 2010 HOH D O   1 
HETATM 1303 O O   . HOH J 4 .  ? -1.698  -20.403 16.736  1.00 39.57 ? 2011 HOH D O   1 
HETATM 1304 O O   . HOH J 4 .  ? -3.716  -17.855 17.431  1.00 24.58 ? 2012 HOH D O   1 
HETATM 1305 O O   . HOH J 4 .  ? 3.601   -20.474 17.927  1.00 24.99 ? 2013 HOH D O   1 
HETATM 1306 O O   . HOH J 4 .  ? -0.267  -22.422 12.544  1.00 33.26 ? 2014 HOH D O   1 
HETATM 1307 O O   . HOH J 4 .  ? 6.864   -20.060 12.915  1.00 41.78 ? 2015 HOH D O   1 
# 
loop_
_pdbx_poly_seq_scheme.asym_id 
_pdbx_poly_seq_scheme.entity_id 
_pdbx_poly_seq_scheme.seq_id 
_pdbx_poly_seq_scheme.mon_id 
_pdbx_poly_seq_scheme.ndb_seq_num 
_pdbx_poly_seq_scheme.pdb_seq_num 
_pdbx_poly_seq_scheme.auth_seq_num 
_pdbx_poly_seq_scheme.pdb_mon_id 
_pdbx_poly_seq_scheme.auth_mon_id 
_pdbx_poly_seq_scheme.pdb_strand_id 
_pdbx_poly_seq_scheme.pdb_ins_code 
_pdbx_poly_seq_scheme.hetero 
A 1 1  PRO 1  1  ?  ?   ?   A . n 
A 1 2  LEU 2  2  2  LEU LEU A . n 
A 1 3  GLY 3  3  3  GLY GLY A . n 
A 1 4  SER 4  4  4  SER SER A . n 
A 1 5  VAL 5  5  5  VAL VAL A . n 
A 1 6  ARG 6  6  6  ARG ARG A . n 
A 1 7  TRP 7  7  7  TRP TRP A . n 
A 1 8  ALA 8  8  8  ALA ALA A . n 
A 1 9  ARG 9  9  9  ARG ARG A . n 
A 1 10 ALA 10 10 10 ALA ALA A . n 
A 1 11 LEU 11 11 11 LEU LEU A . n 
A 1 12 TYR 12 12 12 TYR TYR A . n 
A 1 13 ASP 13 13 13 ASP ASP A . n 
A 1 14 PHE 14 14 14 PHE PHE A . n 
A 1 15 GLU 15 15 15 GLU GLU A . n 
A 1 16 ALA 16 16 16 ALA ALA A . n 
A 1 17 LEU 17 17 17 LEU LEU A . n 
A 1 18 GLU 18 18 18 GLU GLU A . n 
A 1 19 GLU 19 19 19 GLU GLU A . n 
A 1 20 ASP 20 20 20 ASP ASP A . n 
A 1 21 GLU 21 21 21 GLU GLU A . n 
A 1 22 LEU 22 22 22 LEU LEU A . n 
A 1 23 GLY 23 23 23 GLY GLY A . n 
A 1 24 PHE 24 24 24 PHE PHE A . n 
A 1 25 ARG 25 25 25 ARG ARG A . n 
A 1 26 SER 26 26 26 SER SER A . n 
A 1 27 GLY 27 27 27 GLY GLY A . n 
A 1 28 GLU 28 28 28 GLU GLU A . n 
A 1 29 VAL 29 29 29 VAL VAL A . n 
A 1 30 VAL 30 30 30 VAL VAL A . n 
A 1 31 GLU 31 31 31 GLU GLU A . n 
A 1 32 VAL 32 32 32 VAL VAL A . n 
A 1 33 LEU 33 33 33 LEU LEU A . n 
A 1 34 ASP 34 34 34 ASP ASP A . n 
A 1 35 SER 35 35 35 SER SER A . n 
A 1 36 SER 36 36 36 SER SER A . n 
A 1 37 ASN 37 37 37 ASN ASN A . n 
A 1 38 PRO 38 38 38 PRO PRO A . n 
A 1 39 SER 39 39 39 SER SER A . n 
A 1 40 TRP 40 40 40 TRP TRP A . n 
A 1 41 TRP 41 41 41 TRP TRP A . n 
A 1 42 THR 42 42 42 THR THR A . n 
A 1 43 GLY 43 43 43 GLY GLY A . n 
A 1 44 ARG 44 44 44 ARG ARG A . n 
A 1 45 LEU 45 45 45 LEU LEU A . n 
A 1 46 HIS 46 46 46 HIS HIS A . n 
A 1 47 ASN 47 47 47 ASN ASN A . n 
A 1 48 LYS 48 48 48 LYS LYS A . n 
A 1 49 LEU 49 49 49 LEU LEU A . n 
A 1 50 GLY 50 50 50 GLY GLY A . n 
A 1 51 LEU 51 51 51 LEU LEU A . n 
A 1 52 PHE 52 52 52 PHE PHE A . n 
A 1 53 PRO 53 53 53 PRO PRO A . n 
A 1 54 ALA 54 54 54 ALA ALA A . n 
A 1 55 ASN 55 55 55 ASN ASN A . n 
A 1 56 TYR 56 56 56 TYR TYR A . n 
A 1 57 VAL 57 57 57 VAL VAL A . n 
A 1 58 ALA 58 58 58 ALA ALA A . n 
A 1 59 PRO 59 59 59 PRO PRO A . n 
A 1 60 MET 60 60 60 MET MET A . n 
A 1 61 MET 61 61 61 MET MET A . n 
A 1 62 ARG 62 62 ?  ?   ?   A . n 
B 1 1  PRO 1  1  1  PRO PRO B . n 
B 1 2  LEU 2  2  2  LEU LEU B . n 
B 1 3  GLY 3  3  3  GLY GLY B . n 
B 1 4  SER 4  4  4  SER SER B . n 
B 1 5  VAL 5  5  5  VAL VAL B . n 
B 1 6  ARG 6  6  6  ARG ARG B . n 
B 1 7  TRP 7  7  7  TRP TRP B . n 
B 1 8  ALA 8  8  8  ALA ALA B . n 
B 1 9  ARG 9  9  9  ARG ARG B . n 
B 1 10 ALA 10 10 10 ALA ALA B . n 
B 1 11 LEU 11 11 11 LEU LEU B . n 
B 1 12 TYR 12 12 12 TYR TYR B . n 
B 1 13 ASP 13 13 13 ASP ASP B . n 
B 1 14 PHE 14 14 14 PHE PHE B . n 
B 1 15 GLU 15 15 15 GLU GLU B . n 
B 1 16 ALA 16 16 16 ALA ALA B . n 
B 1 17 LEU 17 17 17 LEU LEU B . n 
B 1 18 GLU 18 18 18 GLU GLU B . n 
B 1 19 GLU 19 19 19 GLU GLU B . n 
B 1 20 ASP 20 20 20 ASP ASP B . n 
B 1 21 GLU 21 21 21 GLU GLU B . n 
B 1 22 LEU 22 22 22 LEU LEU B . n 
B 1 23 GLY 23 23 23 GLY GLY B . n 
B 1 24 PHE 24 24 24 PHE PHE B . n 
B 1 25 ARG 25 25 25 ARG ARG B . n 
B 1 26 SER 26 26 26 SER SER B . n 
B 1 27 GLY 27 27 27 GLY GLY B . n 
B 1 28 GLU 28 28 28 GLU GLU B . n 
B 1 29 VAL 29 29 29 VAL VAL B . n 
B 1 30 VAL 30 30 30 VAL VAL B . n 
B 1 31 GLU 31 31 31 GLU GLU B . n 
B 1 32 VAL 32 32 32 VAL VAL B . n 
B 1 33 LEU 33 33 33 LEU LEU B . n 
B 1 34 ASP 34 34 34 ASP ASP B . n 
B 1 35 SER 35 35 35 SER SER B . n 
B 1 36 SER 36 36 36 SER SER B . n 
B 1 37 ASN 37 37 37 ASN ASN B . n 
B 1 38 PRO 38 38 38 PRO PRO B . n 
B 1 39 SER 39 39 39 SER SER B . n 
B 1 40 TRP 40 40 40 TRP TRP B . n 
B 1 41 TRP 41 41 41 TRP TRP B . n 
B 1 42 THR 42 42 42 THR THR B . n 
B 1 43 GLY 43 43 43 GLY GLY B . n 
B 1 44 ARG 44 44 44 ARG ARG B . n 
B 1 45 LEU 45 45 45 LEU LEU B . n 
B 1 46 HIS 46 46 46 HIS HIS B . n 
B 1 47 ASN 47 47 47 ASN ASN B . n 
B 1 48 LYS 48 48 48 LYS LYS B . n 
B 1 49 LEU 49 49 49 LEU LEU B . n 
B 1 50 GLY 50 50 50 GLY GLY B . n 
B 1 51 LEU 51 51 51 LEU LEU B . n 
B 1 52 PHE 52 52 52 PHE PHE B . n 
B 1 53 PRO 53 53 53 PRO PRO B . n 
B 1 54 ALA 54 54 54 ALA ALA B . n 
B 1 55 ASN 55 55 55 ASN ASN B . n 
B 1 56 TYR 56 56 56 TYR TYR B . n 
B 1 57 VAL 57 57 57 VAL VAL B . n 
B 1 58 ALA 58 58 58 ALA ALA B . n 
B 1 59 PRO 59 59 59 PRO PRO B . n 
B 1 60 MET 60 60 60 MET MET B . n 
B 1 61 MET 61 61 61 MET MET B . n 
B 1 62 ARG 62 62 62 ARG ARG B . n 
C 2 1  PRO 1  3  3  PRO PRO C . n 
C 2 2  PRO 2  4  4  PRO PRO C . n 
C 2 3  PRO 3  5  5  PRO PRO C . n 
C 2 4  ARG 4  6  6  ARG ARG C . n 
C 2 5  PRO 5  7  7  PRO PRO C . n 
C 2 6  THR 6  8  8  THR THR C . n 
C 2 7  ALA 7  9  9  ALA ALA C . n 
C 2 8  PRO 8  10 10 PRO PRO C . n 
C 2 9  LYS 9  11 11 LYS LYS C . n 
C 2 10 PRO 10 12 12 PRO PRO C . n 
C 2 11 LEU 11 13 ?  ?   ?   C . n 
C 2 12 LEU 12 14 ?  ?   ?   C . n 
D 2 1  PRO 1  3  3  PRO PRO D . n 
D 2 2  PRO 2  4  4  PRO PRO D . n 
D 2 3  PRO 3  5  5  PRO PRO D . n 
D 2 4  ARG 4  6  6  ARG ARG D . n 
D 2 5  PRO 5  7  7  PRO PRO D . n 
D 2 6  THR 6  8  8  THR THR D . n 
D 2 7  ALA 7  9  9  ALA ALA D . n 
D 2 8  PRO 8  10 10 PRO PRO D . n 
D 2 9  LYS 9  11 11 LYS LYS D . n 
D 2 10 PRO 10 12 12 PRO PRO D . n 
D 2 11 LEU 11 13 13 LEU LEU D . n 
D 2 12 LEU 12 14 14 LEU LEU D . n 
# 
loop_
_pdbx_nonpoly_scheme.asym_id 
_pdbx_nonpoly_scheme.entity_id 
_pdbx_nonpoly_scheme.mon_id 
_pdbx_nonpoly_scheme.ndb_seq_num 
_pdbx_nonpoly_scheme.pdb_seq_num 
_pdbx_nonpoly_scheme.auth_seq_num 
_pdbx_nonpoly_scheme.pdb_mon_id 
_pdbx_nonpoly_scheme.auth_mon_id 
_pdbx_nonpoly_scheme.pdb_strand_id 
_pdbx_nonpoly_scheme.pdb_ins_code 
E 3 PO4 1  1062 1062 PO4 PO4 A . 
F 3 PO4 1  1063 1063 PO4 PO4 B . 
G 4 HOH 1  2001 2001 HOH HOH A . 
G 4 HOH 2  2002 2002 HOH HOH A . 
G 4 HOH 3  2003 2003 HOH HOH A . 
G 4 HOH 4  2004 2004 HOH HOH A . 
G 4 HOH 5  2005 2005 HOH HOH A . 
G 4 HOH 6  2006 2006 HOH HOH A . 
G 4 HOH 7  2007 2007 HOH HOH A . 
G 4 HOH 8  2008 2008 HOH HOH A . 
G 4 HOH 9  2009 2009 HOH HOH A . 
G 4 HOH 10 2010 2010 HOH HOH A . 
G 4 HOH 11 2011 2011 HOH HOH A . 
G 4 HOH 12 2012 2012 HOH HOH A . 
G 4 HOH 13 2013 2013 HOH HOH A . 
G 4 HOH 14 2014 2014 HOH HOH A . 
G 4 HOH 15 2015 2015 HOH HOH A . 
G 4 HOH 16 2016 2016 HOH HOH A . 
G 4 HOH 17 2017 2017 HOH HOH A . 
G 4 HOH 18 2018 2018 HOH HOH A . 
G 4 HOH 19 2019 2019 HOH HOH A . 
G 4 HOH 20 2020 2020 HOH HOH A . 
G 4 HOH 21 2021 2021 HOH HOH A . 
G 4 HOH 22 2022 2022 HOH HOH A . 
G 4 HOH 23 2023 2023 HOH HOH A . 
G 4 HOH 24 2024 2024 HOH HOH A . 
G 4 HOH 25 2025 2025 HOH HOH A . 
G 4 HOH 26 2026 2026 HOH HOH A . 
G 4 HOH 27 2027 2027 HOH HOH A . 
G 4 HOH 28 2028 2028 HOH HOH A . 
G 4 HOH 29 2029 2029 HOH HOH A . 
G 4 HOH 30 2030 2030 HOH HOH A . 
G 4 HOH 31 2031 2031 HOH HOH A . 
G 4 HOH 32 2032 2032 HOH HOH A . 
G 4 HOH 33 2033 2033 HOH HOH A . 
G 4 HOH 34 2034 2034 HOH HOH A . 
G 4 HOH 35 2035 2035 HOH HOH A . 
G 4 HOH 36 2036 2036 HOH HOH A . 
G 4 HOH 37 2037 2037 HOH HOH A . 
G 4 HOH 38 2038 2038 HOH HOH A . 
G 4 HOH 39 2039 2039 HOH HOH A . 
G 4 HOH 40 2040 2040 HOH HOH A . 
G 4 HOH 41 2041 2041 HOH HOH A . 
G 4 HOH 42 2042 2042 HOH HOH A . 
G 4 HOH 43 2043 2043 HOH HOH A . 
G 4 HOH 44 2044 2044 HOH HOH A . 
G 4 HOH 45 2045 2045 HOH HOH A . 
G 4 HOH 46 2046 2046 HOH HOH A . 
G 4 HOH 47 2047 2047 HOH HOH A . 
H 4 HOH 1  2001 2001 HOH HOH B . 
H 4 HOH 2  2002 2002 HOH HOH B . 
H 4 HOH 3  2003 2003 HOH HOH B . 
H 4 HOH 4  2004 2004 HOH HOH B . 
H 4 HOH 5  2005 2005 HOH HOH B . 
H 4 HOH 6  2006 2006 HOH HOH B . 
H 4 HOH 7  2007 2007 HOH HOH B . 
H 4 HOH 8  2008 2008 HOH HOH B . 
H 4 HOH 9  2009 2009 HOH HOH B . 
H 4 HOH 10 2010 2010 HOH HOH B . 
H 4 HOH 11 2011 2011 HOH HOH B . 
H 4 HOH 12 2012 2012 HOH HOH B . 
H 4 HOH 13 2013 2013 HOH HOH B . 
H 4 HOH 14 2014 2014 HOH HOH B . 
H 4 HOH 15 2015 2015 HOH HOH B . 
H 4 HOH 16 2016 2016 HOH HOH B . 
H 4 HOH 17 2017 2017 HOH HOH B . 
H 4 HOH 18 2018 2018 HOH HOH B . 
H 4 HOH 19 2019 2019 HOH HOH B . 
H 4 HOH 20 2020 2020 HOH HOH B . 
H 4 HOH 21 2021 2021 HOH HOH B . 
H 4 HOH 22 2022 2022 HOH HOH B . 
H 4 HOH 23 2023 2023 HOH HOH B . 
H 4 HOH 24 2024 2024 HOH HOH B . 
H 4 HOH 25 2025 2025 HOH HOH B . 
H 4 HOH 26 2026 2026 HOH HOH B . 
H 4 HOH 27 2027 2027 HOH HOH B . 
H 4 HOH 28 2028 2028 HOH HOH B . 
H 4 HOH 29 2029 2029 HOH HOH B . 
H 4 HOH 30 2030 2030 HOH HOH B . 
H 4 HOH 31 2031 2031 HOH HOH B . 
H 4 HOH 32 2032 2032 HOH HOH B . 
H 4 HOH 33 2033 2033 HOH HOH B . 
H 4 HOH 34 2034 2034 HOH HOH B . 
H 4 HOH 35 2035 2035 HOH HOH B . 
H 4 HOH 36 2036 2036 HOH HOH B . 
H 4 HOH 37 2037 2037 HOH HOH B . 
H 4 HOH 38 2038 2038 HOH HOH B . 
H 4 HOH 39 2039 2039 HOH HOH B . 
H 4 HOH 40 2040 2040 HOH HOH B . 
H 4 HOH 41 2041 2041 HOH HOH B . 
H 4 HOH 42 2042 2042 HOH HOH B . 
H 4 HOH 43 2043 2043 HOH HOH B . 
H 4 HOH 44 2044 2044 HOH HOH B . 
H 4 HOH 45 2045 2045 HOH HOH B . 
H 4 HOH 46 2046 2046 HOH HOH B . 
H 4 HOH 47 2047 2047 HOH HOH B . 
H 4 HOH 48 2048 2048 HOH HOH B . 
H 4 HOH 49 2049 2049 HOH HOH B . 
H 4 HOH 50 2050 2050 HOH HOH B . 
H 4 HOH 51 2051 2051 HOH HOH B . 
H 4 HOH 52 2052 2052 HOH HOH B . 
H 4 HOH 53 2053 2053 HOH HOH B . 
H 4 HOH 54 2054 2054 HOH HOH B . 
H 4 HOH 55 2055 2055 HOH HOH B . 
H 4 HOH 56 2056 2056 HOH HOH B . 
H 4 HOH 57 2057 2057 HOH HOH B . 
H 4 HOH 58 2058 2058 HOH HOH B . 
H 4 HOH 59 2059 2059 HOH HOH B . 
H 4 HOH 60 2060 2060 HOH HOH B . 
H 4 HOH 61 2061 2061 HOH HOH B . 
H 4 HOH 62 2062 2062 HOH HOH B . 
H 4 HOH 63 2063 2063 HOH HOH B . 
H 4 HOH 64 2064 2064 HOH HOH B . 
I 4 HOH 1  2001 2001 HOH HOH C . 
I 4 HOH 2  2002 2002 HOH HOH C . 
I 4 HOH 3  2003 2003 HOH HOH C . 
I 4 HOH 4  2004 2004 HOH HOH C . 
I 4 HOH 5  2005 2005 HOH HOH C . 
I 4 HOH 6  2006 2006 HOH HOH C . 
I 4 HOH 7  2007 2007 HOH HOH C . 
I 4 HOH 8  2008 2008 HOH HOH C . 
I 4 HOH 9  2009 2009 HOH HOH C . 
J 4 HOH 1  2001 2001 HOH HOH D . 
J 4 HOH 2  2002 2002 HOH HOH D . 
J 4 HOH 3  2003 2003 HOH HOH D . 
J 4 HOH 4  2004 2004 HOH HOH D . 
J 4 HOH 5  2005 2005 HOH HOH D . 
J 4 HOH 6  2006 2006 HOH HOH D . 
J 4 HOH 7  2007 2007 HOH HOH D . 
J 4 HOH 8  2008 2008 HOH HOH D . 
J 4 HOH 9  2009 2009 HOH HOH D . 
J 4 HOH 10 2010 2010 HOH HOH D . 
J 4 HOH 11 2011 2011 HOH HOH D . 
J 4 HOH 12 2012 2012 HOH HOH D . 
J 4 HOH 13 2013 2013 HOH HOH D . 
J 4 HOH 14 2014 2014 HOH HOH D . 
J 4 HOH 15 2015 2015 HOH HOH D . 
# 
loop_
_pdbx_struct_assembly.id 
_pdbx_struct_assembly.details 
_pdbx_struct_assembly.method_details 
_pdbx_struct_assembly.oligomeric_details 
_pdbx_struct_assembly.oligomeric_count 
1 author_and_software_defined_assembly PQS dimeric 2 
2 author_and_software_defined_assembly PQS dimeric 2 
# 
loop_
_pdbx_struct_assembly_gen.assembly_id 
_pdbx_struct_assembly_gen.oper_expression 
_pdbx_struct_assembly_gen.asym_id_list 
1 1 A,D,E,G,J 
2 1 B,C,F,H,I 
# 
loop_
_pdbx_struct_assembly_prop.biol_id 
_pdbx_struct_assembly_prop.type 
_pdbx_struct_assembly_prop.value 
_pdbx_struct_assembly_prop.details 
1 'ABSA (A^2)' 1420  ? 
1 MORE         -10.5 ? 
1 'SSA (A^2)'  5830  ? 
2 'ABSA (A^2)' 1180  ? 
2 MORE         -5.5  ? 
2 'SSA (A^2)'  5730  ? 
# 
_pdbx_struct_oper_list.id                   1 
_pdbx_struct_oper_list.type                 'identity operation' 
_pdbx_struct_oper_list.name                 1_555 
_pdbx_struct_oper_list.symmetry_operation   x,y,z 
_pdbx_struct_oper_list.matrix[1][1]         1.0000000000 
_pdbx_struct_oper_list.matrix[1][2]         0.0000000000 
_pdbx_struct_oper_list.matrix[1][3]         0.0000000000 
_pdbx_struct_oper_list.vector[1]            0.0000000000 
_pdbx_struct_oper_list.matrix[2][1]         0.0000000000 
_pdbx_struct_oper_list.matrix[2][2]         1.0000000000 
_pdbx_struct_oper_list.matrix[2][3]         0.0000000000 
_pdbx_struct_oper_list.vector[2]            0.0000000000 
_pdbx_struct_oper_list.matrix[3][1]         0.0000000000 
_pdbx_struct_oper_list.matrix[3][2]         0.0000000000 
_pdbx_struct_oper_list.matrix[3][3]         1.0000000000 
_pdbx_struct_oper_list.vector[3]            0.0000000000 
# 
loop_
_pdbx_audit_revision_history.ordinal 
_pdbx_audit_revision_history.data_content_type 
_pdbx_audit_revision_history.major_revision 
_pdbx_audit_revision_history.minor_revision 
_pdbx_audit_revision_history.revision_date 
1 'Structure model' 1 0 2009-05-19 
2 'Structure model' 1 1 2011-05-08 
3 'Structure model' 1 2 2011-07-13 
4 'Structure model' 1 3 2023-12-13 
# 
_pdbx_audit_revision_details.ordinal             1 
_pdbx_audit_revision_details.revision_ordinal    1 
_pdbx_audit_revision_details.data_content_type   'Structure model' 
_pdbx_audit_revision_details.provider            repository 
_pdbx_audit_revision_details.type                'Initial release' 
_pdbx_audit_revision_details.description         ? 
_pdbx_audit_revision_details.details             ? 
# 
loop_
_pdbx_audit_revision_group.ordinal 
_pdbx_audit_revision_group.revision_ordinal 
_pdbx_audit_revision_group.data_content_type 
_pdbx_audit_revision_group.group 
1 2 'Structure model' 'Version format compliance' 
2 3 'Structure model' 'Version format compliance' 
3 4 'Structure model' 'Data collection'           
4 4 'Structure model' 'Database references'       
5 4 'Structure model' 'Derived calculations'      
6 4 'Structure model' Other                       
7 4 'Structure model' 'Refinement description'    
# 
loop_
_pdbx_audit_revision_category.ordinal 
_pdbx_audit_revision_category.revision_ordinal 
_pdbx_audit_revision_category.data_content_type 
_pdbx_audit_revision_category.category 
1 4 'Structure model' chem_comp_atom                
2 4 'Structure model' chem_comp_bond                
3 4 'Structure model' database_2                    
4 4 'Structure model' pdbx_database_status          
5 4 'Structure model' pdbx_initial_refinement_model 
6 4 'Structure model' struct_site                   
# 
loop_
_pdbx_audit_revision_item.ordinal 
_pdbx_audit_revision_item.revision_ordinal 
_pdbx_audit_revision_item.data_content_type 
_pdbx_audit_revision_item.item 
1 4 'Structure model' '_database_2.pdbx_DOI'                 
2 4 'Structure model' '_database_2.pdbx_database_accession'  
3 4 'Structure model' '_pdbx_database_status.status_code_sf' 
4 4 'Structure model' '_struct_site.pdbx_auth_asym_id'       
5 4 'Structure model' '_struct_site.pdbx_auth_comp_id'       
6 4 'Structure model' '_struct_site.pdbx_auth_seq_id'        
# 
loop_
_software.name 
_software.classification 
_software.version 
_software.citation_id 
_software.pdbx_ordinal 
REFMAC    refinement       5.5.0047 ? 1 
DENZO     'data reduction' .        ? 2 
SCALEPACK 'data scaling'   .        ? 3 
AMoRE     phasing          .        ? 4 
# 
_pdbx_entry_details.entry_id                 2W10 
_pdbx_entry_details.compound_details         ? 
_pdbx_entry_details.source_details           ? 
_pdbx_entry_details.nonpolymer_details       ? 
_pdbx_entry_details.sequence_details         'PLGS OVERHANG DUE TO EXPRESSION VECTOR' 
_pdbx_entry_details.has_ligand_of_interest   ? 
# 
_pdbx_validate_rmsd_bond.id                        1 
_pdbx_validate_rmsd_bond.PDB_model_num             1 
_pdbx_validate_rmsd_bond.auth_atom_id_1            CG 
_pdbx_validate_rmsd_bond.auth_asym_id_1            B 
_pdbx_validate_rmsd_bond.auth_comp_id_1            GLU 
_pdbx_validate_rmsd_bond.auth_seq_id_1             19 
_pdbx_validate_rmsd_bond.PDB_ins_code_1            ? 
_pdbx_validate_rmsd_bond.label_alt_id_1            ? 
_pdbx_validate_rmsd_bond.auth_atom_id_2            CD 
_pdbx_validate_rmsd_bond.auth_asym_id_2            B 
_pdbx_validate_rmsd_bond.auth_comp_id_2            GLU 
_pdbx_validate_rmsd_bond.auth_seq_id_2             19 
_pdbx_validate_rmsd_bond.PDB_ins_code_2            ? 
_pdbx_validate_rmsd_bond.label_alt_id_2            ? 
_pdbx_validate_rmsd_bond.bond_value                1.608 
_pdbx_validate_rmsd_bond.bond_target_value         1.515 
_pdbx_validate_rmsd_bond.bond_deviation            0.093 
_pdbx_validate_rmsd_bond.bond_standard_deviation   0.015 
_pdbx_validate_rmsd_bond.linker_flag               N 
# 
_pdbx_validate_rmsd_angle.id                         1 
_pdbx_validate_rmsd_angle.PDB_model_num              1 
_pdbx_validate_rmsd_angle.auth_atom_id_1             NE 
_pdbx_validate_rmsd_angle.auth_asym_id_1             C 
_pdbx_validate_rmsd_angle.auth_comp_id_1             ARG 
_pdbx_validate_rmsd_angle.auth_seq_id_1              6 
_pdbx_validate_rmsd_angle.PDB_ins_code_1             ? 
_pdbx_validate_rmsd_angle.label_alt_id_1             ? 
_pdbx_validate_rmsd_angle.auth_atom_id_2             CZ 
_pdbx_validate_rmsd_angle.auth_asym_id_2             C 
_pdbx_validate_rmsd_angle.auth_comp_id_2             ARG 
_pdbx_validate_rmsd_angle.auth_seq_id_2              6 
_pdbx_validate_rmsd_angle.PDB_ins_code_2             ? 
_pdbx_validate_rmsd_angle.label_alt_id_2             ? 
_pdbx_validate_rmsd_angle.auth_atom_id_3             NH2 
_pdbx_validate_rmsd_angle.auth_asym_id_3             C 
_pdbx_validate_rmsd_angle.auth_comp_id_3             ARG 
_pdbx_validate_rmsd_angle.auth_seq_id_3              6 
_pdbx_validate_rmsd_angle.PDB_ins_code_3             ? 
_pdbx_validate_rmsd_angle.label_alt_id_3             ? 
_pdbx_validate_rmsd_angle.angle_value                116.72 
_pdbx_validate_rmsd_angle.angle_target_value         120.30 
_pdbx_validate_rmsd_angle.angle_deviation            -3.58 
_pdbx_validate_rmsd_angle.angle_standard_deviation   0.50 
_pdbx_validate_rmsd_angle.linker_flag                N 
# 
loop_
_pdbx_unobs_or_zero_occ_residues.id 
_pdbx_unobs_or_zero_occ_residues.PDB_model_num 
_pdbx_unobs_or_zero_occ_residues.polymer_flag 
_pdbx_unobs_or_zero_occ_residues.occupancy_flag 
_pdbx_unobs_or_zero_occ_residues.auth_asym_id 
_pdbx_unobs_or_zero_occ_residues.auth_comp_id 
_pdbx_unobs_or_zero_occ_residues.auth_seq_id 
_pdbx_unobs_or_zero_occ_residues.PDB_ins_code 
_pdbx_unobs_or_zero_occ_residues.label_asym_id 
_pdbx_unobs_or_zero_occ_residues.label_comp_id 
_pdbx_unobs_or_zero_occ_residues.label_seq_id 
1 1 Y 1 A PRO 1  ? A PRO 1  
2 1 Y 1 A ARG 62 ? A ARG 62 
3 1 Y 1 C LEU 13 ? C LEU 11 
4 1 Y 1 C LEU 14 ? C LEU 12 
# 
loop_
_chem_comp_atom.comp_id 
_chem_comp_atom.atom_id 
_chem_comp_atom.type_symbol 
_chem_comp_atom.pdbx_aromatic_flag 
_chem_comp_atom.pdbx_stereo_config 
_chem_comp_atom.pdbx_ordinal 
ALA N    N N N 1   
ALA CA   C N S 2   
ALA C    C N N 3   
ALA O    O N N 4   
ALA CB   C N N 5   
ALA OXT  O N N 6   
ALA H    H N N 7   
ALA H2   H N N 8   
ALA HA   H N N 9   
ALA HB1  H N N 10  
ALA HB2  H N N 11  
ALA HB3  H N N 12  
ALA HXT  H N N 13  
ARG N    N N N 14  
ARG CA   C N S 15  
ARG C    C N N 16  
ARG O    O N N 17  
ARG CB   C N N 18  
ARG CG   C N N 19  
ARG CD   C N N 20  
ARG NE   N N N 21  
ARG CZ   C N N 22  
ARG NH1  N N N 23  
ARG NH2  N N N 24  
ARG OXT  O N N 25  
ARG H    H N N 26  
ARG H2   H N N 27  
ARG HA   H N N 28  
ARG HB2  H N N 29  
ARG HB3  H N N 30  
ARG HG2  H N N 31  
ARG HG3  H N N 32  
ARG HD2  H N N 33  
ARG HD3  H N N 34  
ARG HE   H N N 35  
ARG HH11 H N N 36  
ARG HH12 H N N 37  
ARG HH21 H N N 38  
ARG HH22 H N N 39  
ARG HXT  H N N 40  
ASN N    N N N 41  
ASN CA   C N S 42  
ASN C    C N N 43  
ASN O    O N N 44  
ASN CB   C N N 45  
ASN CG   C N N 46  
ASN OD1  O N N 47  
ASN ND2  N N N 48  
ASN OXT  O N N 49  
ASN H    H N N 50  
ASN H2   H N N 51  
ASN HA   H N N 52  
ASN HB2  H N N 53  
ASN HB3  H N N 54  
ASN HD21 H N N 55  
ASN HD22 H N N 56  
ASN HXT  H N N 57  
ASP N    N N N 58  
ASP CA   C N S 59  
ASP C    C N N 60  
ASP O    O N N 61  
ASP CB   C N N 62  
ASP CG   C N N 63  
ASP OD1  O N N 64  
ASP OD2  O N N 65  
ASP OXT  O N N 66  
ASP H    H N N 67  
ASP H2   H N N 68  
ASP HA   H N N 69  
ASP HB2  H N N 70  
ASP HB3  H N N 71  
ASP HD2  H N N 72  
ASP HXT  H N N 73  
GLU N    N N N 74  
GLU CA   C N S 75  
GLU C    C N N 76  
GLU O    O N N 77  
GLU CB   C N N 78  
GLU CG   C N N 79  
GLU CD   C N N 80  
GLU OE1  O N N 81  
GLU OE2  O N N 82  
GLU OXT  O N N 83  
GLU H    H N N 84  
GLU H2   H N N 85  
GLU HA   H N N 86  
GLU HB2  H N N 87  
GLU HB3  H N N 88  
GLU HG2  H N N 89  
GLU HG3  H N N 90  
GLU HE2  H N N 91  
GLU HXT  H N N 92  
GLY N    N N N 93  
GLY CA   C N N 94  
GLY C    C N N 95  
GLY O    O N N 96  
GLY OXT  O N N 97  
GLY H    H N N 98  
GLY H2   H N N 99  
GLY HA2  H N N 100 
GLY HA3  H N N 101 
GLY HXT  H N N 102 
HIS N    N N N 103 
HIS CA   C N S 104 
HIS C    C N N 105 
HIS O    O N N 106 
HIS CB   C N N 107 
HIS CG   C Y N 108 
HIS ND1  N Y N 109 
HIS CD2  C Y N 110 
HIS CE1  C Y N 111 
HIS NE2  N Y N 112 
HIS OXT  O N N 113 
HIS H    H N N 114 
HIS H2   H N N 115 
HIS HA   H N N 116 
HIS HB2  H N N 117 
HIS HB3  H N N 118 
HIS HD1  H N N 119 
HIS HD2  H N N 120 
HIS HE1  H N N 121 
HIS HE2  H N N 122 
HIS HXT  H N N 123 
HOH O    O N N 124 
HOH H1   H N N 125 
HOH H2   H N N 126 
LEU N    N N N 127 
LEU CA   C N S 128 
LEU C    C N N 129 
LEU O    O N N 130 
LEU CB   C N N 131 
LEU CG   C N N 132 
LEU CD1  C N N 133 
LEU CD2  C N N 134 
LEU OXT  O N N 135 
LEU H    H N N 136 
LEU H2   H N N 137 
LEU HA   H N N 138 
LEU HB2  H N N 139 
LEU HB3  H N N 140 
LEU HG   H N N 141 
LEU HD11 H N N 142 
LEU HD12 H N N 143 
LEU HD13 H N N 144 
LEU HD21 H N N 145 
LEU HD22 H N N 146 
LEU HD23 H N N 147 
LEU HXT  H N N 148 
LYS N    N N N 149 
LYS CA   C N S 150 
LYS C    C N N 151 
LYS O    O N N 152 
LYS CB   C N N 153 
LYS CG   C N N 154 
LYS CD   C N N 155 
LYS CE   C N N 156 
LYS NZ   N N N 157 
LYS OXT  O N N 158 
LYS H    H N N 159 
LYS H2   H N N 160 
LYS HA   H N N 161 
LYS HB2  H N N 162 
LYS HB3  H N N 163 
LYS HG2  H N N 164 
LYS HG3  H N N 165 
LYS HD2  H N N 166 
LYS HD3  H N N 167 
LYS HE2  H N N 168 
LYS HE3  H N N 169 
LYS HZ1  H N N 170 
LYS HZ2  H N N 171 
LYS HZ3  H N N 172 
LYS HXT  H N N 173 
MET N    N N N 174 
MET CA   C N S 175 
MET C    C N N 176 
MET O    O N N 177 
MET CB   C N N 178 
MET CG   C N N 179 
MET SD   S N N 180 
MET CE   C N N 181 
MET OXT  O N N 182 
MET H    H N N 183 
MET H2   H N N 184 
MET HA   H N N 185 
MET HB2  H N N 186 
MET HB3  H N N 187 
MET HG2  H N N 188 
MET HG3  H N N 189 
MET HE1  H N N 190 
MET HE2  H N N 191 
MET HE3  H N N 192 
MET HXT  H N N 193 
PHE N    N N N 194 
PHE CA   C N S 195 
PHE C    C N N 196 
PHE O    O N N 197 
PHE CB   C N N 198 
PHE CG   C Y N 199 
PHE CD1  C Y N 200 
PHE CD2  C Y N 201 
PHE CE1  C Y N 202 
PHE CE2  C Y N 203 
PHE CZ   C Y N 204 
PHE OXT  O N N 205 
PHE H    H N N 206 
PHE H2   H N N 207 
PHE HA   H N N 208 
PHE HB2  H N N 209 
PHE HB3  H N N 210 
PHE HD1  H N N 211 
PHE HD2  H N N 212 
PHE HE1  H N N 213 
PHE HE2  H N N 214 
PHE HZ   H N N 215 
PHE HXT  H N N 216 
PO4 P    P N N 217 
PO4 O1   O N N 218 
PO4 O2   O N N 219 
PO4 O3   O N N 220 
PO4 O4   O N N 221 
PRO N    N N N 222 
PRO CA   C N S 223 
PRO C    C N N 224 
PRO O    O N N 225 
PRO CB   C N N 226 
PRO CG   C N N 227 
PRO CD   C N N 228 
PRO OXT  O N N 229 
PRO H    H N N 230 
PRO HA   H N N 231 
PRO HB2  H N N 232 
PRO HB3  H N N 233 
PRO HG2  H N N 234 
PRO HG3  H N N 235 
PRO HD2  H N N 236 
PRO HD3  H N N 237 
PRO HXT  H N N 238 
SER N    N N N 239 
SER CA   C N S 240 
SER C    C N N 241 
SER O    O N N 242 
SER CB   C N N 243 
SER OG   O N N 244 
SER OXT  O N N 245 
SER H    H N N 246 
SER H2   H N N 247 
SER HA   H N N 248 
SER HB2  H N N 249 
SER HB3  H N N 250 
SER HG   H N N 251 
SER HXT  H N N 252 
THR N    N N N 253 
THR CA   C N S 254 
THR C    C N N 255 
THR O    O N N 256 
THR CB   C N R 257 
THR OG1  O N N 258 
THR CG2  C N N 259 
THR OXT  O N N 260 
THR H    H N N 261 
THR H2   H N N 262 
THR HA   H N N 263 
THR HB   H N N 264 
THR HG1  H N N 265 
THR HG21 H N N 266 
THR HG22 H N N 267 
THR HG23 H N N 268 
THR HXT  H N N 269 
TRP N    N N N 270 
TRP CA   C N S 271 
TRP C    C N N 272 
TRP O    O N N 273 
TRP CB   C N N 274 
TRP CG   C Y N 275 
TRP CD1  C Y N 276 
TRP CD2  C Y N 277 
TRP NE1  N Y N 278 
TRP CE2  C Y N 279 
TRP CE3  C Y N 280 
TRP CZ2  C Y N 281 
TRP CZ3  C Y N 282 
TRP CH2  C Y N 283 
TRP OXT  O N N 284 
TRP H    H N N 285 
TRP H2   H N N 286 
TRP HA   H N N 287 
TRP HB2  H N N 288 
TRP HB3  H N N 289 
TRP HD1  H N N 290 
TRP HE1  H N N 291 
TRP HE3  H N N 292 
TRP HZ2  H N N 293 
TRP HZ3  H N N 294 
TRP HH2  H N N 295 
TRP HXT  H N N 296 
TYR N    N N N 297 
TYR CA   C N S 298 
TYR C    C N N 299 
TYR O    O N N 300 
TYR CB   C N N 301 
TYR CG   C Y N 302 
TYR CD1  C Y N 303 
TYR CD2  C Y N 304 
TYR CE1  C Y N 305 
TYR CE2  C Y N 306 
TYR CZ   C Y N 307 
TYR OH   O N N 308 
TYR OXT  O N N 309 
TYR H    H N N 310 
TYR H2   H N N 311 
TYR HA   H N N 312 
TYR HB2  H N N 313 
TYR HB3  H N N 314 
TYR HD1  H N N 315 
TYR HD2  H N N 316 
TYR HE1  H N N 317 
TYR HE2  H N N 318 
TYR HH   H N N 319 
TYR HXT  H N N 320 
VAL N    N N N 321 
VAL CA   C N S 322 
VAL C    C N N 323 
VAL O    O N N 324 
VAL CB   C N N 325 
VAL CG1  C N N 326 
VAL CG2  C N N 327 
VAL OXT  O N N 328 
VAL H    H N N 329 
VAL H2   H N N 330 
VAL HA   H N N 331 
VAL HB   H N N 332 
VAL HG11 H N N 333 
VAL HG12 H N N 334 
VAL HG13 H N N 335 
VAL HG21 H N N 336 
VAL HG22 H N N 337 
VAL HG23 H N N 338 
VAL HXT  H N N 339 
# 
loop_
_chem_comp_bond.comp_id 
_chem_comp_bond.atom_id_1 
_chem_comp_bond.atom_id_2 
_chem_comp_bond.value_order 
_chem_comp_bond.pdbx_aromatic_flag 
_chem_comp_bond.pdbx_stereo_config 
_chem_comp_bond.pdbx_ordinal 
ALA N   CA   sing N N 1   
ALA N   H    sing N N 2   
ALA N   H2   sing N N 3   
ALA CA  C    sing N N 4   
ALA CA  CB   sing N N 5   
ALA CA  HA   sing N N 6   
ALA C   O    doub N N 7   
ALA C   OXT  sing N N 8   
ALA CB  HB1  sing N N 9   
ALA CB  HB2  sing N N 10  
ALA CB  HB3  sing N N 11  
ALA OXT HXT  sing N N 12  
ARG N   CA   sing N N 13  
ARG N   H    sing N N 14  
ARG N   H2   sing N N 15  
ARG CA  C    sing N N 16  
ARG CA  CB   sing N N 17  
ARG CA  HA   sing N N 18  
ARG C   O    doub N N 19  
ARG C   OXT  sing N N 20  
ARG CB  CG   sing N N 21  
ARG CB  HB2  sing N N 22  
ARG CB  HB3  sing N N 23  
ARG CG  CD   sing N N 24  
ARG CG  HG2  sing N N 25  
ARG CG  HG3  sing N N 26  
ARG CD  NE   sing N N 27  
ARG CD  HD2  sing N N 28  
ARG CD  HD3  sing N N 29  
ARG NE  CZ   sing N N 30  
ARG NE  HE   sing N N 31  
ARG CZ  NH1  sing N N 32  
ARG CZ  NH2  doub N N 33  
ARG NH1 HH11 sing N N 34  
ARG NH1 HH12 sing N N 35  
ARG NH2 HH21 sing N N 36  
ARG NH2 HH22 sing N N 37  
ARG OXT HXT  sing N N 38  
ASN N   CA   sing N N 39  
ASN N   H    sing N N 40  
ASN N   H2   sing N N 41  
ASN CA  C    sing N N 42  
ASN CA  CB   sing N N 43  
ASN CA  HA   sing N N 44  
ASN C   O    doub N N 45  
ASN C   OXT  sing N N 46  
ASN CB  CG   sing N N 47  
ASN CB  HB2  sing N N 48  
ASN CB  HB3  sing N N 49  
ASN CG  OD1  doub N N 50  
ASN CG  ND2  sing N N 51  
ASN ND2 HD21 sing N N 52  
ASN ND2 HD22 sing N N 53  
ASN OXT HXT  sing N N 54  
ASP N   CA   sing N N 55  
ASP N   H    sing N N 56  
ASP N   H2   sing N N 57  
ASP CA  C    sing N N 58  
ASP CA  CB   sing N N 59  
ASP CA  HA   sing N N 60  
ASP C   O    doub N N 61  
ASP C   OXT  sing N N 62  
ASP CB  CG   sing N N 63  
ASP CB  HB2  sing N N 64  
ASP CB  HB3  sing N N 65  
ASP CG  OD1  doub N N 66  
ASP CG  OD2  sing N N 67  
ASP OD2 HD2  sing N N 68  
ASP OXT HXT  sing N N 69  
GLU N   CA   sing N N 70  
GLU N   H    sing N N 71  
GLU N   H2   sing N N 72  
GLU CA  C    sing N N 73  
GLU CA  CB   sing N N 74  
GLU CA  HA   sing N N 75  
GLU C   O    doub N N 76  
GLU C   OXT  sing N N 77  
GLU CB  CG   sing N N 78  
GLU CB  HB2  sing N N 79  
GLU CB  HB3  sing N N 80  
GLU CG  CD   sing N N 81  
GLU CG  HG2  sing N N 82  
GLU CG  HG3  sing N N 83  
GLU CD  OE1  doub N N 84  
GLU CD  OE2  sing N N 85  
GLU OE2 HE2  sing N N 86  
GLU OXT HXT  sing N N 87  
GLY N   CA   sing N N 88  
GLY N   H    sing N N 89  
GLY N   H2   sing N N 90  
GLY CA  C    sing N N 91  
GLY CA  HA2  sing N N 92  
GLY CA  HA3  sing N N 93  
GLY C   O    doub N N 94  
GLY C   OXT  sing N N 95  
GLY OXT HXT  sing N N 96  
HIS N   CA   sing N N 97  
HIS N   H    sing N N 98  
HIS N   H2   sing N N 99  
HIS CA  C    sing N N 100 
HIS CA  CB   sing N N 101 
HIS CA  HA   sing N N 102 
HIS C   O    doub N N 103 
HIS C   OXT  sing N N 104 
HIS CB  CG   sing N N 105 
HIS CB  HB2  sing N N 106 
HIS CB  HB3  sing N N 107 
HIS CG  ND1  sing Y N 108 
HIS CG  CD2  doub Y N 109 
HIS ND1 CE1  doub Y N 110 
HIS ND1 HD1  sing N N 111 
HIS CD2 NE2  sing Y N 112 
HIS CD2 HD2  sing N N 113 
HIS CE1 NE2  sing Y N 114 
HIS CE1 HE1  sing N N 115 
HIS NE2 HE2  sing N N 116 
HIS OXT HXT  sing N N 117 
HOH O   H1   sing N N 118 
HOH O   H2   sing N N 119 
LEU N   CA   sing N N 120 
LEU N   H    sing N N 121 
LEU N   H2   sing N N 122 
LEU CA  C    sing N N 123 
LEU CA  CB   sing N N 124 
LEU CA  HA   sing N N 125 
LEU C   O    doub N N 126 
LEU C   OXT  sing N N 127 
LEU CB  CG   sing N N 128 
LEU CB  HB2  sing N N 129 
LEU CB  HB3  sing N N 130 
LEU CG  CD1  sing N N 131 
LEU CG  CD2  sing N N 132 
LEU CG  HG   sing N N 133 
LEU CD1 HD11 sing N N 134 
LEU CD1 HD12 sing N N 135 
LEU CD1 HD13 sing N N 136 
LEU CD2 HD21 sing N N 137 
LEU CD2 HD22 sing N N 138 
LEU CD2 HD23 sing N N 139 
LEU OXT HXT  sing N N 140 
LYS N   CA   sing N N 141 
LYS N   H    sing N N 142 
LYS N   H2   sing N N 143 
LYS CA  C    sing N N 144 
LYS CA  CB   sing N N 145 
LYS CA  HA   sing N N 146 
LYS C   O    doub N N 147 
LYS C   OXT  sing N N 148 
LYS CB  CG   sing N N 149 
LYS CB  HB2  sing N N 150 
LYS CB  HB3  sing N N 151 
LYS CG  CD   sing N N 152 
LYS CG  HG2  sing N N 153 
LYS CG  HG3  sing N N 154 
LYS CD  CE   sing N N 155 
LYS CD  HD2  sing N N 156 
LYS CD  HD3  sing N N 157 
LYS CE  NZ   sing N N 158 
LYS CE  HE2  sing N N 159 
LYS CE  HE3  sing N N 160 
LYS NZ  HZ1  sing N N 161 
LYS NZ  HZ2  sing N N 162 
LYS NZ  HZ3  sing N N 163 
LYS OXT HXT  sing N N 164 
MET N   CA   sing N N 165 
MET N   H    sing N N 166 
MET N   H2   sing N N 167 
MET CA  C    sing N N 168 
MET CA  CB   sing N N 169 
MET CA  HA   sing N N 170 
MET C   O    doub N N 171 
MET C   OXT  sing N N 172 
MET CB  CG   sing N N 173 
MET CB  HB2  sing N N 174 
MET CB  HB3  sing N N 175 
MET CG  SD   sing N N 176 
MET CG  HG2  sing N N 177 
MET CG  HG3  sing N N 178 
MET SD  CE   sing N N 179 
MET CE  HE1  sing N N 180 
MET CE  HE2  sing N N 181 
MET CE  HE3  sing N N 182 
MET OXT HXT  sing N N 183 
PHE N   CA   sing N N 184 
PHE N   H    sing N N 185 
PHE N   H2   sing N N 186 
PHE CA  C    sing N N 187 
PHE CA  CB   sing N N 188 
PHE CA  HA   sing N N 189 
PHE C   O    doub N N 190 
PHE C   OXT  sing N N 191 
PHE CB  CG   sing N N 192 
PHE CB  HB2  sing N N 193 
PHE CB  HB3  sing N N 194 
PHE CG  CD1  doub Y N 195 
PHE CG  CD2  sing Y N 196 
PHE CD1 CE1  sing Y N 197 
PHE CD1 HD1  sing N N 198 
PHE CD2 CE2  doub Y N 199 
PHE CD2 HD2  sing N N 200 
PHE CE1 CZ   doub Y N 201 
PHE CE1 HE1  sing N N 202 
PHE CE2 CZ   sing Y N 203 
PHE CE2 HE2  sing N N 204 
PHE CZ  HZ   sing N N 205 
PHE OXT HXT  sing N N 206 
PO4 P   O1   doub N N 207 
PO4 P   O2   sing N N 208 
PO4 P   O3   sing N N 209 
PO4 P   O4   sing N N 210 
PRO N   CA   sing N N 211 
PRO N   CD   sing N N 212 
PRO N   H    sing N N 213 
PRO CA  C    sing N N 214 
PRO CA  CB   sing N N 215 
PRO CA  HA   sing N N 216 
PRO C   O    doub N N 217 
PRO C   OXT  sing N N 218 
PRO CB  CG   sing N N 219 
PRO CB  HB2  sing N N 220 
PRO CB  HB3  sing N N 221 
PRO CG  CD   sing N N 222 
PRO CG  HG2  sing N N 223 
PRO CG  HG3  sing N N 224 
PRO CD  HD2  sing N N 225 
PRO CD  HD3  sing N N 226 
PRO OXT HXT  sing N N 227 
SER N   CA   sing N N 228 
SER N   H    sing N N 229 
SER N   H2   sing N N 230 
SER CA  C    sing N N 231 
SER CA  CB   sing N N 232 
SER CA  HA   sing N N 233 
SER C   O    doub N N 234 
SER C   OXT  sing N N 235 
SER CB  OG   sing N N 236 
SER CB  HB2  sing N N 237 
SER CB  HB3  sing N N 238 
SER OG  HG   sing N N 239 
SER OXT HXT  sing N N 240 
THR N   CA   sing N N 241 
THR N   H    sing N N 242 
THR N   H2   sing N N 243 
THR CA  C    sing N N 244 
THR CA  CB   sing N N 245 
THR CA  HA   sing N N 246 
THR C   O    doub N N 247 
THR C   OXT  sing N N 248 
THR CB  OG1  sing N N 249 
THR CB  CG2  sing N N 250 
THR CB  HB   sing N N 251 
THR OG1 HG1  sing N N 252 
THR CG2 HG21 sing N N 253 
THR CG2 HG22 sing N N 254 
THR CG2 HG23 sing N N 255 
THR OXT HXT  sing N N 256 
TRP N   CA   sing N N 257 
TRP N   H    sing N N 258 
TRP N   H2   sing N N 259 
TRP CA  C    sing N N 260 
TRP CA  CB   sing N N 261 
TRP CA  HA   sing N N 262 
TRP C   O    doub N N 263 
TRP C   OXT  sing N N 264 
TRP CB  CG   sing N N 265 
TRP CB  HB2  sing N N 266 
TRP CB  HB3  sing N N 267 
TRP CG  CD1  doub Y N 268 
TRP CG  CD2  sing Y N 269 
TRP CD1 NE1  sing Y N 270 
TRP CD1 HD1  sing N N 271 
TRP CD2 CE2  doub Y N 272 
TRP CD2 CE3  sing Y N 273 
TRP NE1 CE2  sing Y N 274 
TRP NE1 HE1  sing N N 275 
TRP CE2 CZ2  sing Y N 276 
TRP CE3 CZ3  doub Y N 277 
TRP CE3 HE3  sing N N 278 
TRP CZ2 CH2  doub Y N 279 
TRP CZ2 HZ2  sing N N 280 
TRP CZ3 CH2  sing Y N 281 
TRP CZ3 HZ3  sing N N 282 
TRP CH2 HH2  sing N N 283 
TRP OXT HXT  sing N N 284 
TYR N   CA   sing N N 285 
TYR N   H    sing N N 286 
TYR N   H2   sing N N 287 
TYR CA  C    sing N N 288 
TYR CA  CB   sing N N 289 
TYR CA  HA   sing N N 290 
TYR C   O    doub N N 291 
TYR C   OXT  sing N N 292 
TYR CB  CG   sing N N 293 
TYR CB  HB2  sing N N 294 
TYR CB  HB3  sing N N 295 
TYR CG  CD1  doub Y N 296 
TYR CG  CD2  sing Y N 297 
TYR CD1 CE1  sing Y N 298 
TYR CD1 HD1  sing N N 299 
TYR CD2 CE2  doub Y N 300 
TYR CD2 HD2  sing N N 301 
TYR CE1 CZ   doub Y N 302 
TYR CE1 HE1  sing N N 303 
TYR CE2 CZ   sing Y N 304 
TYR CE2 HE2  sing N N 305 
TYR CZ  OH   sing N N 306 
TYR OH  HH   sing N N 307 
TYR OXT HXT  sing N N 308 
VAL N   CA   sing N N 309 
VAL N   H    sing N N 310 
VAL N   H2   sing N N 311 
VAL CA  C    sing N N 312 
VAL CA  CB   sing N N 313 
VAL CA  HA   sing N N 314 
VAL C   O    doub N N 315 
VAL C   OXT  sing N N 316 
VAL CB  CG1  sing N N 317 
VAL CB  CG2  sing N N 318 
VAL CB  HB   sing N N 319 
VAL CG1 HG11 sing N N 320 
VAL CG1 HG12 sing N N 321 
VAL CG1 HG13 sing N N 322 
VAL CG2 HG21 sing N N 323 
VAL CG2 HG22 sing N N 324 
VAL CG2 HG23 sing N N 325 
VAL OXT HXT  sing N N 326 
# 
loop_
_pdbx_entity_nonpoly.entity_id 
_pdbx_entity_nonpoly.name 
_pdbx_entity_nonpoly.comp_id 
3 'PHOSPHATE ION' PO4 
4 water           HOH 
# 
_pdbx_initial_refinement_model.id               1 
_pdbx_initial_refinement_model.entity_id_list   ? 
_pdbx_initial_refinement_model.type             'experimental model' 
_pdbx_initial_refinement_model.source_name      PDB 
_pdbx_initial_refinement_model.accession_code   1UTI 
_pdbx_initial_refinement_model.details          'PDB ENTRY 1UTI' 
# 
